data_8VOE
# 
_entry.id   8VOE 
# 
_audit_conform.dict_name       mmcif_pdbx.dic 
_audit_conform.dict_version    5.401 
_audit_conform.dict_location   http://mmcif.pdb.org/dictionaries/ascii/mmcif_pdbx.dic 
# 
loop_
_database_2.database_id 
_database_2.database_code 
_database_2.pdbx_database_accession 
_database_2.pdbx_DOI 
PDB   8VOE         pdb_00008voe 10.2210/pdb8voe/pdb 
WWPDB D_1000280634 ?            ?                   
# 
_pdbx_audit_revision_history.ordinal             1 
_pdbx_audit_revision_history.data_content_type   'Structure model' 
_pdbx_audit_revision_history.major_revision      1 
_pdbx_audit_revision_history.minor_revision      0 
_pdbx_audit_revision_history.revision_date       2025-01-22 
# 
_pdbx_audit_revision_details.ordinal             1 
_pdbx_audit_revision_details.revision_ordinal    1 
_pdbx_audit_revision_details.data_content_type   'Structure model' 
_pdbx_audit_revision_details.provider            repository 
_pdbx_audit_revision_details.type                'Initial release' 
_pdbx_audit_revision_details.description         ? 
_pdbx_audit_revision_details.details             ? 
# 
_pdbx_database_status.status_code                     REL 
_pdbx_database_status.status_code_sf                  REL 
_pdbx_database_status.status_code_mr                  ? 
_pdbx_database_status.entry_id                        8VOE 
_pdbx_database_status.recvd_initial_deposition_date   2024-01-15 
_pdbx_database_status.SG_entry                        N 
_pdbx_database_status.deposit_site                    RCSB 
_pdbx_database_status.process_site                    RCSB 
_pdbx_database_status.status_code_cs                  ? 
_pdbx_database_status.status_code_nmr_data            ? 
_pdbx_database_status.methods_development_category    ? 
_pdbx_database_status.pdb_format_compatible           N 
# 
loop_
_pdbx_database_related.db_name 
_pdbx_database_related.details 
_pdbx_database_related.db_id 
_pdbx_database_related.content_type 
PDB . 8V5J unspecified 
PDB . 8VIU unspecified 
PDB . 8V4T unspecified 
# 
_pdbx_contact_author.id                 3 
_pdbx_contact_author.email              wdw@gsu.edu 
_pdbx_contact_author.name_first         W 
_pdbx_contact_author.name_last          Wilson 
_pdbx_contact_author.name_mi            David 
_pdbx_contact_author.role               'principal investigator/group leader' 
_pdbx_contact_author.identifier_ORCID   0000-0001-5225-5089 
# 
loop_
_audit_author.name 
_audit_author.pdbx_ordinal 
_audit_author.identifier_ORCID 
'Terrell, J.R.' 1 0000-0001-5394-5663 
'Wilson, W.D.'  2 0000-0001-5225-5089 
# 
_citation.abstract                  ? 
_citation.abstract_id_CAS           ? 
_citation.book_id_ISBN              ? 
_citation.book_publisher            ? 
_citation.book_publisher_city       ? 
_citation.book_title                ? 
_citation.coordinate_linkage        ? 
_citation.country                   ? 
_citation.database_id_Medline       ? 
_citation.details                   ? 
_citation.id                        primary 
_citation.journal_abbrev            'To Be Published' 
_citation.journal_id_ASTM           ? 
_citation.journal_id_CSD            0353 
_citation.journal_id_ISSN           ? 
_citation.journal_full              ? 
_citation.journal_issue             ? 
_citation.journal_volume            ? 
_citation.language                  ? 
_citation.page_first                ? 
_citation.page_last                 ? 
_citation.title                     'Structural Examination of DNA Minor Groove Binding by Diamidine Stacked Dimers' 
_citation.year                      ? 
_citation.database_id_CSD           ? 
_citation.pdbx_database_id_DOI      ? 
_citation.pdbx_database_id_PubMed   ? 
_citation.pdbx_database_id_patent   ? 
_citation.unpublished_flag          ? 
# 
loop_
_citation_author.citation_id 
_citation_author.name 
_citation_author.ordinal 
_citation_author.identifier_ORCID 
primary 'Terrell, J.R.' 1 0000-0001-5394-5663 
primary 'Paul, A.'      2 ?                   
primary 'Ogbonna, E.N.' 3 ?                   
primary 'Farahat, A.A.' 4 ?                   
primary 'Wilson, W.D.'  5 0000-0001-5225-5089 
# 
loop_
_entity.id 
_entity.type 
_entity.src_method 
_entity.pdbx_description 
_entity.formula_weight 
_entity.pdbx_number_of_molecules 
_entity.pdbx_ec 
_entity.pdbx_mutation 
_entity.pdbx_fragment 
_entity.details 
1 polymer     syn 
;DNA (5'-D(*GP*CP*TP*GP*GP*AP*TP*TP*AP*AP*TP*CP*CP*AP*GP*C)-3')
;
4898.191 1  ? ? ? ? 
2 non-polymer syn '(2M)-2-[(5P)-5-(5-carbamimidoylthiophen-2-yl)furan-2-yl]-1H-benzimidazole-6-carboximidamide' 350.398  1  ? ? ? 
? 
3 non-polymer syn 'CALCIUM ION'                                                                                 40.078   7  ? ? ? 
? 
4 water       nat water                                                                                         18.015   18 ? ? ? 
? 
# 
_entity_poly.entity_id                      1 
_entity_poly.type                           polydeoxyribonucleotide 
_entity_poly.nstd_linkage                   no 
_entity_poly.nstd_monomer                   no 
_entity_poly.pdbx_seq_one_letter_code       '(DG)(DC)(DT)(DG)(DG)(DA)(DT)(DT)(DA)(DA)(DT)(DC)(DC)(DA)(DG)(DC)' 
_entity_poly.pdbx_seq_one_letter_code_can   GCTGGATTAATCCAGC 
_entity_poly.pdbx_strand_id                 A 
_entity_poly.pdbx_target_identifier         ? 
# 
loop_
_pdbx_entity_nonpoly.entity_id 
_pdbx_entity_nonpoly.name 
_pdbx_entity_nonpoly.comp_id 
2 '(2M)-2-[(5P)-5-(5-carbamimidoylthiophen-2-yl)furan-2-yl]-1H-benzimidazole-6-carboximidamide' A1AB3 
3 'CALCIUM ION'                                                                                 CA    
4 water                                                                                         HOH   
# 
loop_
_entity_poly_seq.entity_id 
_entity_poly_seq.num 
_entity_poly_seq.mon_id 
_entity_poly_seq.hetero 
1 1  DG n 
1 2  DC n 
1 3  DT n 
1 4  DG n 
1 5  DG n 
1 6  DA n 
1 7  DT n 
1 8  DT n 
1 9  DA n 
1 10 DA n 
1 11 DT n 
1 12 DC n 
1 13 DC n 
1 14 DA n 
1 15 DG n 
1 16 DC n 
# 
_pdbx_entity_src_syn.entity_id              1 
_pdbx_entity_src_syn.pdbx_src_id            1 
_pdbx_entity_src_syn.pdbx_alt_source_flag   sample 
_pdbx_entity_src_syn.pdbx_beg_seq_num       1 
_pdbx_entity_src_syn.pdbx_end_seq_num       16 
_pdbx_entity_src_syn.organism_scientific    'synthetic construct' 
_pdbx_entity_src_syn.organism_common_name   ? 
_pdbx_entity_src_syn.ncbi_taxonomy_id       32630 
_pdbx_entity_src_syn.details                ? 
# 
loop_
_chem_comp.id 
_chem_comp.type 
_chem_comp.mon_nstd_flag 
_chem_comp.name 
_chem_comp.pdbx_synonyms 
_chem_comp.formula 
_chem_comp.formula_weight 
A1AB3 non-polymer   . '(2M)-2-[(5P)-5-(5-carbamimidoylthiophen-2-yl)furan-2-yl]-1H-benzimidazole-6-carboximidamide' ? 
'C17 H14 N6 O S'  350.398 
CA    non-polymer   . 'CALCIUM ION'                                                                                 ? 'Ca 2' 
40.078  
DA    'DNA linking' y "2'-DEOXYADENOSINE-5'-MONOPHOSPHATE"                                                          ? 
'C10 H14 N5 O6 P' 331.222 
DC    'DNA linking' y "2'-DEOXYCYTIDINE-5'-MONOPHOSPHATE"                                                           ? 
'C9 H14 N3 O7 P'  307.197 
DG    'DNA linking' y "2'-DEOXYGUANOSINE-5'-MONOPHOSPHATE"                                                          ? 
'C10 H14 N5 O7 P' 347.221 
DT    'DNA linking' y "THYMIDINE-5'-MONOPHOSPHATE"                                                                  ? 
'C10 H15 N2 O8 P' 322.208 
HOH   non-polymer   . WATER                                                                                         ? 'H2 O' 
18.015  
# 
loop_
_pdbx_poly_seq_scheme.asym_id 
_pdbx_poly_seq_scheme.entity_id 
_pdbx_poly_seq_scheme.seq_id 
_pdbx_poly_seq_scheme.mon_id 
_pdbx_poly_seq_scheme.ndb_seq_num 
_pdbx_poly_seq_scheme.pdb_seq_num 
_pdbx_poly_seq_scheme.auth_seq_num 
_pdbx_poly_seq_scheme.pdb_mon_id 
_pdbx_poly_seq_scheme.auth_mon_id 
_pdbx_poly_seq_scheme.pdb_strand_id 
_pdbx_poly_seq_scheme.pdb_ins_code 
_pdbx_poly_seq_scheme.hetero 
A 1 1  DG 1  1  1  DG DG A . n 
A 1 2  DC 2  2  2  DC DC A . n 
A 1 3  DT 3  3  3  DT DT A . n 
A 1 4  DG 4  4  4  DG DG A . n 
A 1 5  DG 5  5  5  DG DG A . n 
A 1 6  DA 6  6  6  DA DA A . n 
A 1 7  DT 7  7  7  DT DT A . n 
A 1 8  DT 8  8  8  DT DT A . n 
A 1 9  DA 9  9  9  DA DA A . n 
A 1 10 DA 10 10 10 DA DA A . n 
A 1 11 DT 11 11 11 DT DT A . n 
A 1 12 DC 12 12 12 DC DC A . n 
A 1 13 DC 13 13 13 DC DC A . n 
A 1 14 DA 14 14 14 DA DA A . n 
A 1 15 DG 15 15 15 DG DG A . n 
A 1 16 DC 16 16 16 DC DC A . n 
# 
loop_
_pdbx_entity_instance_feature.ordinal 
_pdbx_entity_instance_feature.comp_id 
_pdbx_entity_instance_feature.asym_id 
_pdbx_entity_instance_feature.seq_num 
_pdbx_entity_instance_feature.auth_comp_id 
_pdbx_entity_instance_feature.auth_asym_id 
_pdbx_entity_instance_feature.auth_seq_num 
_pdbx_entity_instance_feature.feature_type 
_pdbx_entity_instance_feature.details 
1 A1AB3 ? ? A1AB3 ? ? 'SUBJECT OF INVESTIGATION' ? 
2 CA    ? ? CA    ? ? 'SUBJECT OF INVESTIGATION' ? 
# 
loop_
_pdbx_nonpoly_scheme.asym_id 
_pdbx_nonpoly_scheme.entity_id 
_pdbx_nonpoly_scheme.mon_id 
_pdbx_nonpoly_scheme.ndb_seq_num 
_pdbx_nonpoly_scheme.pdb_seq_num 
_pdbx_nonpoly_scheme.auth_seq_num 
_pdbx_nonpoly_scheme.pdb_mon_id 
_pdbx_nonpoly_scheme.auth_mon_id 
_pdbx_nonpoly_scheme.pdb_strand_id 
_pdbx_nonpoly_scheme.pdb_ins_code 
B 2 A1AB3 1  101 101 A1AB3 992 A . 
C 3 CA    1  102 1   CA    CA  A . 
D 3 CA    1  103 2   CA    CA  A . 
E 3 CA    1  104 3   CA    CA  A . 
F 3 CA    1  105 4   CA    CA  A . 
G 3 CA    1  106 5   CA    CA  A . 
H 3 CA    1  107 6   CA    CA  A . 
I 3 CA    1  108 7   CA    CA  A . 
J 4 HOH   1  201 6   HOH   HOH A . 
J 4 HOH   2  202 7   HOH   HOH A . 
J 4 HOH   3  203 15  HOH   HOH A . 
J 4 HOH   4  204 13  HOH   HOH A . 
J 4 HOH   5  205 10  HOH   HOH A . 
J 4 HOH   6  206 14  HOH   HOH A . 
J 4 HOH   7  207 8   HOH   HOH A . 
J 4 HOH   8  208 12  HOH   HOH A . 
J 4 HOH   9  209 11  HOH   HOH A . 
J 4 HOH   10 210 5   HOH   HOH A . 
J 4 HOH   11 211 18  HOH   HOH A . 
J 4 HOH   12 212 20  HOH   HOH A . 
J 4 HOH   13 213 4   HOH   HOH A . 
J 4 HOH   14 214 19  HOH   HOH A . 
J 4 HOH   15 215 9   HOH   HOH A . 
J 4 HOH   16 216 1   HOH   HOH A . 
J 4 HOH   17 217 3   HOH   HOH A . 
J 4 HOH   18 218 2   HOH   HOH A . 
# 
loop_
_software.citation_id 
_software.classification 
_software.compiler_name 
_software.compiler_version 
_software.contact_author 
_software.contact_author_email 
_software.date 
_software.description 
_software.dependencies 
_software.hardware 
_software.language 
_software.location 
_software.mods 
_software.name 
_software.os 
_software.os_version 
_software.type 
_software.version 
_software.pdbx_ordinal 
? refinement       ? ? ? ? ? ? ? ? ? ? ? PHENIX  ? ? ? 1.19.2_4158 1 
? 'data reduction' ? ? ? ? ? ? ? ? ? ? ? XDS     ? ? ? .           2 
? 'data scaling'   ? ? ? ? ? ? ? ? ? ? ? Aimless ? ? ? .           3 
? phasing          ? ? ? ? ? ? ? ? ? ? ? PHASER  ? ? ? .           4 
# 
_cell.angle_alpha                  90.000 
_cell.angle_alpha_esd              ? 
_cell.angle_beta                   90.000 
_cell.angle_beta_esd               ? 
_cell.angle_gamma                  120.000 
_cell.angle_gamma_esd              ? 
_cell.entry_id                     8VOE 
_cell.details                      ? 
_cell.formula_units_Z              ? 
_cell.length_a                     38.116 
_cell.length_a_esd                 ? 
_cell.length_b                     38.116 
_cell.length_b_esd                 ? 
_cell.length_c                     162.999 
_cell.length_c_esd                 ? 
_cell.volume                       205083.258 
_cell.volume_esd                   ? 
_cell.Z_PDB                        18 
_cell.reciprocal_angle_alpha       ? 
_cell.reciprocal_angle_beta        ? 
_cell.reciprocal_angle_gamma       ? 
_cell.reciprocal_angle_alpha_esd   ? 
_cell.reciprocal_angle_beta_esd    ? 
_cell.reciprocal_angle_gamma_esd   ? 
_cell.reciprocal_length_a          ? 
_cell.reciprocal_length_b          ? 
_cell.reciprocal_length_c          ? 
_cell.reciprocal_length_a_esd      ? 
_cell.reciprocal_length_b_esd      ? 
_cell.reciprocal_length_c_esd      ? 
_cell.pdbx_unique_axis             ? 
_cell.pdbx_esd_method              ? 
# 
_symmetry.entry_id                         8VOE 
_symmetry.cell_setting                     ? 
_symmetry.Int_Tables_number                155 
_symmetry.space_group_name_Hall            
;R 3 2"
;
_symmetry.space_group_name_H-M             'H 3 2' 
_symmetry.pdbx_full_space_group_name_H-M   ? 
# 
_exptl.absorpt_coefficient_mu     ? 
_exptl.absorpt_correction_T_max   ? 
_exptl.absorpt_correction_T_min   ? 
_exptl.absorpt_correction_type    ? 
_exptl.absorpt_process_details    ? 
_exptl.entry_id                   8VOE 
_exptl.crystals_number            1 
_exptl.details                    ? 
_exptl.method                     'X-RAY DIFFRACTION' 
_exptl.method_details             ? 
# 
_exptl_crystal.colour                       ? 
_exptl_crystal.density_diffrn               ? 
_exptl_crystal.density_Matthews             2.33 
_exptl_crystal.density_method               ? 
_exptl_crystal.density_percent_sol          47.12 
_exptl_crystal.description                  ? 
_exptl_crystal.F_000                        ? 
_exptl_crystal.id                           1 
_exptl_crystal.preparation                  ? 
_exptl_crystal.size_max                     ? 
_exptl_crystal.size_mid                     ? 
_exptl_crystal.size_min                     ? 
_exptl_crystal.size_rad                     ? 
_exptl_crystal.colour_lustre                ? 
_exptl_crystal.colour_modifier              ? 
_exptl_crystal.colour_primary               ? 
_exptl_crystal.density_meas                 ? 
_exptl_crystal.density_meas_esd             ? 
_exptl_crystal.density_meas_gt              ? 
_exptl_crystal.density_meas_lt              ? 
_exptl_crystal.density_meas_temp            ? 
_exptl_crystal.density_meas_temp_esd        ? 
_exptl_crystal.density_meas_temp_gt         ? 
_exptl_crystal.density_meas_temp_lt         ? 
_exptl_crystal.pdbx_crystal_image_url       ? 
_exptl_crystal.pdbx_crystal_image_format    ? 
_exptl_crystal.pdbx_mosaicity               ? 
_exptl_crystal.pdbx_mosaicity_esd           ? 
_exptl_crystal.pdbx_mosaic_method           ? 
_exptl_crystal.pdbx_mosaic_block_size       ? 
_exptl_crystal.pdbx_mosaic_block_size_esd   ? 
# 
_exptl_crystal_grow.apparatus       ? 
_exptl_crystal_grow.atmosphere      ? 
_exptl_crystal_grow.crystal_id      1 
_exptl_crystal_grow.details         ? 
_exptl_crystal_grow.method          'VAPOR DIFFUSION, HANGING DROP' 
_exptl_crystal_grow.method_ref      ? 
_exptl_crystal_grow.pH              8.6 
_exptl_crystal_grow.pressure        ? 
_exptl_crystal_grow.pressure_esd    ? 
_exptl_crystal_grow.seeding         ? 
_exptl_crystal_grow.seeding_ref     ? 
_exptl_crystal_grow.temp_details    ? 
_exptl_crystal_grow.temp_esd        ? 
_exptl_crystal_grow.time            ? 
_exptl_crystal_grow.pdbx_details    
'10mM HEPES, pH=8.6, 600mM CaCl2, 42% PEG200 mixed 1:1 with 1mM DNA duplex containing 3.5 stoichiometric equivalents of DB1992' 
_exptl_crystal_grow.pdbx_pH_range   ? 
_exptl_crystal_grow.temp            295 
# 
_diffrn.ambient_environment              ? 
_diffrn.ambient_temp                     100 
_diffrn.ambient_temp_details             ? 
_diffrn.ambient_temp_esd                 ? 
_diffrn.crystal_id                       1 
_diffrn.crystal_support                  ? 
_diffrn.crystal_treatment                ? 
_diffrn.details                          ? 
_diffrn.id                               1 
_diffrn.ambient_pressure                 ? 
_diffrn.ambient_pressure_esd             ? 
_diffrn.ambient_pressure_gt              ? 
_diffrn.ambient_pressure_lt              ? 
_diffrn.ambient_temp_gt                  ? 
_diffrn.ambient_temp_lt                  ? 
_diffrn.pdbx_serial_crystal_experiment   N 
# 
_diffrn_detector.details                      ? 
_diffrn_detector.detector                     PIXEL 
_diffrn_detector.diffrn_id                    1 
_diffrn_detector.type                         'DECTRIS EIGER X 16M' 
_diffrn_detector.area_resol_mean              ? 
_diffrn_detector.dtime                        ? 
_diffrn_detector.pdbx_frames_total            ? 
_diffrn_detector.pdbx_collection_time_total   ? 
_diffrn_detector.pdbx_collection_date         2023-03-24 
_diffrn_detector.pdbx_frequency               ? 
_diffrn_detector.id                           ? 
_diffrn_detector.number_of_axes               ? 
# 
_diffrn_radiation.collimation                      ? 
_diffrn_radiation.diffrn_id                        1 
_diffrn_radiation.filter_edge                      ? 
_diffrn_radiation.inhomogeneity                    ? 
_diffrn_radiation.monochromator                    'Horizontal DCM' 
_diffrn_radiation.polarisn_norm                    ? 
_diffrn_radiation.polarisn_ratio                   ? 
_diffrn_radiation.probe                            ? 
_diffrn_radiation.type                             ? 
_diffrn_radiation.xray_symbol                      ? 
_diffrn_radiation.wavelength_id                    1 
_diffrn_radiation.pdbx_monochromatic_or_laue_m_l   M 
_diffrn_radiation.pdbx_wavelength_list             ? 
_diffrn_radiation.pdbx_wavelength                  ? 
_diffrn_radiation.pdbx_diffrn_protocol             'SINGLE WAVELENGTH' 
_diffrn_radiation.pdbx_analyzer                    ? 
_diffrn_radiation.pdbx_scattering_type             x-ray 
# 
_diffrn_radiation_wavelength.id           1 
_diffrn_radiation_wavelength.wavelength   0.979346 
_diffrn_radiation_wavelength.wt           1.0 
# 
_diffrn_source.current                     ? 
_diffrn_source.details                     ? 
_diffrn_source.diffrn_id                   1 
_diffrn_source.power                       ? 
_diffrn_source.size                        ? 
_diffrn_source.source                      SYNCHROTRON 
_diffrn_source.target                      ? 
_diffrn_source.type                        'NSLS-II BEAMLINE 17-ID-2' 
_diffrn_source.voltage                     ? 
_diffrn_source.take-off_angle              ? 
_diffrn_source.pdbx_wavelength_list        0.979346 
_diffrn_source.pdbx_wavelength             ? 
_diffrn_source.pdbx_synchrotron_beamline   17-ID-2 
_diffrn_source.pdbx_synchrotron_site       NSLS-II 
# 
_reflns.B_iso_Wilson_estimate                          30.04 
_reflns.entry_id                                       8VOE 
_reflns.data_reduction_details                         ? 
_reflns.data_reduction_method                          ? 
_reflns.d_resolution_high                              1.77 
_reflns.d_resolution_low                               27.17 
_reflns.details                                        ? 
_reflns.limit_h_max                                    ? 
_reflns.limit_h_min                                    ? 
_reflns.limit_k_max                                    ? 
_reflns.limit_k_min                                    ? 
_reflns.limit_l_max                                    ? 
_reflns.limit_l_min                                    ? 
_reflns.number_all                                     ? 
_reflns.number_obs                                     4763 
_reflns.observed_criterion                             ? 
_reflns.observed_criterion_F_max                       ? 
_reflns.observed_criterion_F_min                       ? 
_reflns.observed_criterion_I_max                       ? 
_reflns.observed_criterion_I_min                       ? 
_reflns.observed_criterion_sigma_F                     ? 
_reflns.observed_criterion_sigma_I                     ? 
_reflns.percent_possible_obs                           99.25 
_reflns.R_free_details                                 ? 
_reflns.Rmerge_F_all                                   ? 
_reflns.Rmerge_F_obs                                   ? 
_reflns.Friedel_coverage                               ? 
_reflns.number_gt                                      ? 
_reflns.threshold_expression                           ? 
_reflns.pdbx_redundancy                                14.1 
_reflns.pdbx_netI_over_av_sigmaI                       ? 
_reflns.pdbx_netI_over_sigmaI                          19.88 
_reflns.pdbx_res_netI_over_av_sigmaI_2                 ? 
_reflns.pdbx_res_netI_over_sigmaI_2                    ? 
_reflns.pdbx_chi_squared                               ? 
_reflns.pdbx_scaling_rejects                           ? 
_reflns.pdbx_d_res_high_opt                            ? 
_reflns.pdbx_d_res_low_opt                             ? 
_reflns.pdbx_d_res_opt_method                          ? 
_reflns.phase_calculation_details                      ? 
_reflns.pdbx_Rrim_I_all                                0.07613 
_reflns.pdbx_Rpim_I_all                                0.02122 
_reflns.pdbx_d_opt                                     ? 
_reflns.pdbx_number_measured_all                       ? 
_reflns.pdbx_diffrn_id                                 1 
_reflns.pdbx_ordinal                                   1 
_reflns.pdbx_CC_half                                   0.998 
_reflns.pdbx_CC_star                                   1 
_reflns.pdbx_R_split                                   ? 
_reflns.pdbx_Rmerge_I_obs                              0.07294 
_reflns.pdbx_Rmerge_I_all                              ? 
_reflns.pdbx_Rsym_value                                ? 
_reflns.pdbx_CC_split_method                           ? 
_reflns.pdbx_aniso_diffraction_limit_axis_1_ortho[1]   ? 
_reflns.pdbx_aniso_diffraction_limit_axis_1_ortho[2]   ? 
_reflns.pdbx_aniso_diffraction_limit_axis_1_ortho[3]   ? 
_reflns.pdbx_aniso_diffraction_limit_axis_2_ortho[1]   ? 
_reflns.pdbx_aniso_diffraction_limit_axis_2_ortho[2]   ? 
_reflns.pdbx_aniso_diffraction_limit_axis_2_ortho[3]   ? 
_reflns.pdbx_aniso_diffraction_limit_axis_3_ortho[1]   ? 
_reflns.pdbx_aniso_diffraction_limit_axis_3_ortho[2]   ? 
_reflns.pdbx_aniso_diffraction_limit_axis_3_ortho[3]   ? 
_reflns.pdbx_aniso_diffraction_limit_1                 ? 
_reflns.pdbx_aniso_diffraction_limit_2                 ? 
_reflns.pdbx_aniso_diffraction_limit_3                 ? 
_reflns.pdbx_aniso_B_tensor_eigenvector_1_ortho[1]     ? 
_reflns.pdbx_aniso_B_tensor_eigenvector_1_ortho[2]     ? 
_reflns.pdbx_aniso_B_tensor_eigenvector_1_ortho[3]     ? 
_reflns.pdbx_aniso_B_tensor_eigenvector_2_ortho[1]     ? 
_reflns.pdbx_aniso_B_tensor_eigenvector_2_ortho[2]     ? 
_reflns.pdbx_aniso_B_tensor_eigenvector_2_ortho[3]     ? 
_reflns.pdbx_aniso_B_tensor_eigenvector_3_ortho[1]     ? 
_reflns.pdbx_aniso_B_tensor_eigenvector_3_ortho[2]     ? 
_reflns.pdbx_aniso_B_tensor_eigenvector_3_ortho[3]     ? 
_reflns.pdbx_aniso_B_tensor_eigenvalue_1               ? 
_reflns.pdbx_aniso_B_tensor_eigenvalue_2               ? 
_reflns.pdbx_aniso_B_tensor_eigenvalue_3               ? 
_reflns.pdbx_orthogonalization_convention              ? 
_reflns.pdbx_percent_possible_ellipsoidal              ? 
_reflns.pdbx_percent_possible_spherical                ? 
_reflns.pdbx_percent_possible_ellipsoidal_anomalous    ? 
_reflns.pdbx_percent_possible_spherical_anomalous      ? 
_reflns.pdbx_redundancy_anomalous                      ? 
_reflns.pdbx_CC_half_anomalous                         ? 
_reflns.pdbx_absDiff_over_sigma_anomalous              ? 
_reflns.pdbx_percent_possible_anomalous                ? 
_reflns.pdbx_observed_signal_threshold                 ? 
_reflns.pdbx_signal_type                               ? 
_reflns.pdbx_signal_details                            ? 
_reflns.pdbx_signal_software_id                        ? 
# 
_reflns_shell.d_res_high                                    1.77 
_reflns_shell.d_res_low                                     1.834 
_reflns_shell.meanI_over_sigI_all                           ? 
_reflns_shell.meanI_over_sigI_obs                           4.86 
_reflns_shell.number_measured_all                           ? 
_reflns_shell.number_measured_obs                           ? 
_reflns_shell.number_possible                               ? 
_reflns_shell.number_unique_all                             ? 
_reflns_shell.number_unique_obs                             476 
_reflns_shell.percent_possible_obs                          ? 
_reflns_shell.Rmerge_F_all                                  ? 
_reflns_shell.Rmerge_F_obs                                  ? 
_reflns_shell.meanI_over_sigI_gt                            ? 
_reflns_shell.meanI_over_uI_all                             ? 
_reflns_shell.meanI_over_uI_gt                              ? 
_reflns_shell.number_measured_gt                            ? 
_reflns_shell.number_unique_gt                              ? 
_reflns_shell.percent_possible_gt                           ? 
_reflns_shell.Rmerge_F_gt                                   ? 
_reflns_shell.Rmerge_I_gt                                   ? 
_reflns_shell.pdbx_redundancy                               14.1 
_reflns_shell.pdbx_chi_squared                              ? 
_reflns_shell.pdbx_netI_over_sigmaI_all                     ? 
_reflns_shell.pdbx_netI_over_sigmaI_obs                     ? 
_reflns_shell.pdbx_Rrim_I_all                               0.6054 
_reflns_shell.pdbx_Rpim_I_all                               0.1601 
_reflns_shell.pdbx_rejects                                  ? 
_reflns_shell.pdbx_ordinal                                  1 
_reflns_shell.pdbx_diffrn_id                                1 
_reflns_shell.pdbx_CC_half                                  0.998 
_reflns_shell.pdbx_CC_star                                  0.999 
_reflns_shell.pdbx_R_split                                  ? 
_reflns_shell.percent_possible_all                          98.74 
_reflns_shell.Rmerge_I_all                                  ? 
_reflns_shell.Rmerge_I_obs                                  0.5833 
_reflns_shell.pdbx_Rsym_value                               ? 
_reflns_shell.pdbx_percent_possible_ellipsoidal             ? 
_reflns_shell.pdbx_percent_possible_spherical               ? 
_reflns_shell.pdbx_percent_possible_ellipsoidal_anomalous   ? 
_reflns_shell.pdbx_percent_possible_spherical_anomalous     ? 
_reflns_shell.pdbx_redundancy_anomalous                     ? 
_reflns_shell.pdbx_CC_half_anomalous                        ? 
_reflns_shell.pdbx_absDiff_over_sigma_anomalous             ? 
_reflns_shell.pdbx_percent_possible_anomalous               ? 
# 
_refine.aniso_B[1][1]                            ? 
_refine.aniso_B[1][2]                            ? 
_refine.aniso_B[1][3]                            ? 
_refine.aniso_B[2][2]                            ? 
_refine.aniso_B[2][3]                            ? 
_refine.aniso_B[3][3]                            ? 
_refine.B_iso_max                                ? 
_refine.B_iso_mean                               42.98 
_refine.B_iso_min                                ? 
_refine.correlation_coeff_Fo_to_Fc               ? 
_refine.correlation_coeff_Fo_to_Fc_free          ? 
_refine.details                                  ? 
_refine.diff_density_max                         ? 
_refine.diff_density_max_esd                     ? 
_refine.diff_density_min                         ? 
_refine.diff_density_min_esd                     ? 
_refine.diff_density_rms                         ? 
_refine.diff_density_rms_esd                     ? 
_refine.entry_id                                 8VOE 
_refine.pdbx_refine_id                           'X-RAY DIFFRACTION' 
_refine.ls_abs_structure_details                 ? 
_refine.ls_abs_structure_Flack                   ? 
_refine.ls_abs_structure_Flack_esd               ? 
_refine.ls_abs_structure_Rogers                  ? 
_refine.ls_abs_structure_Rogers_esd              ? 
_refine.ls_d_res_high                            1.77 
_refine.ls_d_res_low                             27.17 
_refine.ls_extinction_coef                       ? 
_refine.ls_extinction_coef_esd                   ? 
_refine.ls_extinction_expression                 ? 
_refine.ls_extinction_method                     ? 
_refine.ls_goodness_of_fit_all                   ? 
_refine.ls_goodness_of_fit_all_esd               ? 
_refine.ls_goodness_of_fit_obs                   ? 
_refine.ls_goodness_of_fit_obs_esd               ? 
_refine.ls_hydrogen_treatment                    ? 
_refine.ls_matrix_type                           ? 
_refine.ls_number_constraints                    ? 
_refine.ls_number_parameters                     ? 
_refine.ls_number_reflns_all                     ? 
_refine.ls_number_reflns_obs                     4738 
_refine.ls_number_reflns_R_free                  476 
_refine.ls_number_reflns_R_work                  4262 
_refine.ls_number_restraints                     ? 
_refine.ls_percent_reflns_obs                    99.31 
_refine.ls_percent_reflns_R_free                 10.05 
_refine.ls_R_factor_all                          ? 
_refine.ls_R_factor_obs                          0.2515 
_refine.ls_R_factor_R_free                       0.2706 
_refine.ls_R_factor_R_free_error                 ? 
_refine.ls_R_factor_R_free_error_details         ? 
_refine.ls_R_factor_R_work                       0.2493 
_refine.ls_R_Fsqd_factor_obs                     ? 
_refine.ls_R_I_factor_obs                        ? 
_refine.ls_redundancy_reflns_all                 ? 
_refine.ls_redundancy_reflns_obs                 ? 
_refine.ls_restrained_S_all                      ? 
_refine.ls_restrained_S_obs                      ? 
_refine.ls_shift_over_esd_max                    ? 
_refine.ls_shift_over_esd_mean                   ? 
_refine.ls_structure_factor_coef                 ? 
_refine.ls_weighting_details                     ? 
_refine.ls_weighting_scheme                      ? 
_refine.ls_wR_factor_all                         ? 
_refine.ls_wR_factor_obs                         ? 
_refine.ls_wR_factor_R_free                      ? 
_refine.ls_wR_factor_R_work                      ? 
_refine.occupancy_max                            ? 
_refine.occupancy_min                            ? 
_refine.solvent_model_details                    'FLAT BULK SOLVENT MODEL' 
_refine.solvent_model_param_bsol                 ? 
_refine.solvent_model_param_ksol                 ? 
_refine.pdbx_R_complete                          ? 
_refine.ls_R_factor_gt                           ? 
_refine.ls_goodness_of_fit_gt                    ? 
_refine.ls_goodness_of_fit_ref                   ? 
_refine.ls_shift_over_su_max                     ? 
_refine.ls_shift_over_su_max_lt                  ? 
_refine.ls_shift_over_su_mean                    ? 
_refine.ls_shift_over_su_mean_lt                 ? 
_refine.pdbx_ls_sigma_I                          ? 
_refine.pdbx_ls_sigma_F                          1.38 
_refine.pdbx_ls_sigma_Fsqd                       ? 
_refine.pdbx_data_cutoff_high_absF               ? 
_refine.pdbx_data_cutoff_high_rms_absF           ? 
_refine.pdbx_data_cutoff_low_absF                ? 
_refine.pdbx_isotropic_thermal_model             ? 
_refine.pdbx_ls_cross_valid_method               'FREE R-VALUE' 
_refine.pdbx_method_to_determine_struct          'MOLECULAR REPLACEMENT' 
_refine.pdbx_starting_model                      ? 
_refine.pdbx_stereochemistry_target_values       'GeoStd + Monomer Library + CDL v1.2' 
_refine.pdbx_R_Free_selection_details            ? 
_refine.pdbx_stereochem_target_val_spec_case     ? 
_refine.pdbx_overall_ESU_R                       ? 
_refine.pdbx_overall_ESU_R_Free                  ? 
_refine.pdbx_solvent_vdw_probe_radii             1.1100 
_refine.pdbx_solvent_ion_probe_radii             ? 
_refine.pdbx_solvent_shrinkage_radii             0.9000 
_refine.pdbx_real_space_R                        ? 
_refine.pdbx_density_correlation                 ? 
_refine.pdbx_pd_number_of_powder_patterns        ? 
_refine.pdbx_pd_number_of_points                 ? 
_refine.pdbx_pd_meas_number_of_points            ? 
_refine.pdbx_pd_proc_ls_prof_R_factor            ? 
_refine.pdbx_pd_proc_ls_prof_wR_factor           ? 
_refine.pdbx_pd_Marquardt_correlation_coeff      ? 
_refine.pdbx_pd_Fsqrd_R_factor                   ? 
_refine.pdbx_pd_ls_matrix_band_width             ? 
_refine.pdbx_overall_phase_error                 40.0848 
_refine.pdbx_overall_SU_R_free_Cruickshank_DPI   ? 
_refine.pdbx_overall_SU_R_free_Blow_DPI          ? 
_refine.pdbx_overall_SU_R_Blow_DPI               ? 
_refine.pdbx_TLS_residual_ADP_flag               ? 
_refine.pdbx_diffrn_id                           1 
_refine.overall_SU_B                             ? 
_refine.overall_SU_ML                            0.2304 
_refine.overall_SU_R_Cruickshank_DPI             ? 
_refine.overall_SU_R_free                        ? 
_refine.overall_FOM_free_R_set                   ? 
_refine.overall_FOM_work_R_set                   ? 
_refine.pdbx_average_fsc_overall                 ? 
_refine.pdbx_average_fsc_work                    ? 
_refine.pdbx_average_fsc_free                    ? 
# 
_refine_hist.pdbx_refine_id                   'X-RAY DIFFRACTION' 
_refine_hist.cycle_id                         LAST 
_refine_hist.details                          ? 
_refine_hist.d_res_high                       1.77 
_refine_hist.d_res_low                        27.17 
_refine_hist.number_atoms_solvent             18 
_refine_hist.number_atoms_total               375 
_refine_hist.number_reflns_all                ? 
_refine_hist.number_reflns_obs                ? 
_refine_hist.number_reflns_R_free             ? 
_refine_hist.number_reflns_R_work             ? 
_refine_hist.R_factor_all                     ? 
_refine_hist.R_factor_obs                     ? 
_refine_hist.R_factor_R_free                  ? 
_refine_hist.R_factor_R_work                  ? 
_refine_hist.pdbx_number_residues_total       ? 
_refine_hist.pdbx_B_iso_mean_ligand           ? 
_refine_hist.pdbx_B_iso_mean_solvent          ? 
_refine_hist.pdbx_number_atoms_protein        0 
_refine_hist.pdbx_number_atoms_nucleic_acid   325 
_refine_hist.pdbx_number_atoms_ligand         32 
_refine_hist.pdbx_number_atoms_lipid          ? 
_refine_hist.pdbx_number_atoms_carb           ? 
_refine_hist.pdbx_pseudo_atom_details         ? 
# 
loop_
_refine_ls_restr.pdbx_refine_id 
_refine_ls_restr.criterion 
_refine_ls_restr.dev_ideal 
_refine_ls_restr.dev_ideal_target 
_refine_ls_restr.number 
_refine_ls_restr.rejects 
_refine_ls_restr.type 
_refine_ls_restr.weight 
_refine_ls_restr.pdbx_restraint_function 
'X-RAY DIFFRACTION' ? 0.0189  ? 392 ? f_bond_d           ? ? 
'X-RAY DIFFRACTION' ? 2.0951  ? 601 ? f_angle_d          ? ? 
'X-RAY DIFFRACTION' ? 0.0994  ? 63  ? f_chiral_restr     ? ? 
'X-RAY DIFFRACTION' ? 0.0149  ? 22  ? f_plane_restr      ? ? 
'X-RAY DIFFRACTION' ? 31.6895 ? 178 ? f_dihedral_angle_d ? ? 
# 
loop_
_refine_ls_shell.pdbx_refine_id 
_refine_ls_shell.d_res_high 
_refine_ls_shell.d_res_low 
_refine_ls_shell.number_reflns_all 
_refine_ls_shell.number_reflns_obs 
_refine_ls_shell.number_reflns_R_free 
_refine_ls_shell.number_reflns_R_work 
_refine_ls_shell.percent_reflns_obs 
_refine_ls_shell.percent_reflns_R_free 
_refine_ls_shell.R_factor_all 
_refine_ls_shell.R_factor_obs 
_refine_ls_shell.R_factor_R_free_error 
_refine_ls_shell.R_factor_R_work 
_refine_ls_shell.redundancy_reflns_all 
_refine_ls_shell.redundancy_reflns_obs 
_refine_ls_shell.wR_factor_all 
_refine_ls_shell.wR_factor_obs 
_refine_ls_shell.wR_factor_R_free 
_refine_ls_shell.wR_factor_R_work 
_refine_ls_shell.pdbx_R_complete 
_refine_ls_shell.pdbx_total_number_of_bins_used 
_refine_ls_shell.pdbx_phase_error 
_refine_ls_shell.pdbx_fsc_work 
_refine_ls_shell.pdbx_fsc_free 
_refine_ls_shell.R_factor_R_free 
'X-RAY DIFFRACTION' 1.77 2.03  . . 154 1380 99.16 . . . . 0.2457 . . . . . . . . . . . 0.3400 
'X-RAY DIFFRACTION' 2.03 2.55  . . 156 1409 99.68 . . . . 0.3293 . . . . . . . . . . . 0.3529 
'X-RAY DIFFRACTION' 2.55 27.17 . . 166 1473 99.09 . . . . 0.2286 . . . . . . . . . . . 0.2435 
# 
_struct.entry_id                     8VOE 
_struct.title                        
;The DNA 16-mer sequence 5'-GCTGGATTAATCCAGC-3' bound by a DB1992 stacked dimer
;
_struct.pdbx_model_details           ? 
_struct.pdbx_formula_weight          ? 
_struct.pdbx_formula_weight_method   ? 
_struct.pdbx_model_type_details      ? 
_struct.pdbx_CASP_flag               N 
# 
_struct_keywords.entry_id        8VOE 
_struct_keywords.text            'DNA duplex, DNA, 16-mer, self-complementary, diamidine, minor-groove binder' 
_struct_keywords.pdbx_keywords   DNA 
# 
loop_
_struct_asym.id 
_struct_asym.pdbx_blank_PDB_chainid_flag 
_struct_asym.pdbx_modified 
_struct_asym.entity_id 
_struct_asym.details 
A N N 1 ? 
B N N 2 ? 
C N N 3 ? 
D N N 3 ? 
E N N 3 ? 
F N N 3 ? 
G N N 3 ? 
H N N 3 ? 
I N N 3 ? 
J N N 4 ? 
# 
_struct_ref.id                         1 
_struct_ref.db_name                    PDB 
_struct_ref.db_code                    8VOE 
_struct_ref.pdbx_db_accession          8VOE 
_struct_ref.pdbx_db_isoform            ? 
_struct_ref.entity_id                  1 
_struct_ref.pdbx_seq_one_letter_code   ? 
_struct_ref.pdbx_align_begin           1 
# 
_struct_ref_seq.align_id                      1 
_struct_ref_seq.ref_id                        1 
_struct_ref_seq.pdbx_PDB_id_code              8VOE 
_struct_ref_seq.pdbx_strand_id                A 
_struct_ref_seq.seq_align_beg                 1 
_struct_ref_seq.pdbx_seq_align_beg_ins_code   ? 
_struct_ref_seq.seq_align_end                 16 
_struct_ref_seq.pdbx_seq_align_end_ins_code   ? 
_struct_ref_seq.pdbx_db_accession             8VOE 
_struct_ref_seq.db_align_beg                  1 
_struct_ref_seq.pdbx_db_align_beg_ins_code    ? 
_struct_ref_seq.db_align_end                  16 
_struct_ref_seq.pdbx_db_align_end_ins_code    ? 
_struct_ref_seq.pdbx_auth_seq_align_beg       1 
_struct_ref_seq.pdbx_auth_seq_align_end       16 
# 
_pdbx_struct_assembly.id                   1 
_pdbx_struct_assembly.details              author_and_software_defined_assembly 
_pdbx_struct_assembly.method_details       PISA 
_pdbx_struct_assembly.oligomeric_details   dimeric 
_pdbx_struct_assembly.oligomeric_count     2 
# 
loop_
_pdbx_struct_assembly_prop.biol_id 
_pdbx_struct_assembly_prop.type 
_pdbx_struct_assembly_prop.value 
_pdbx_struct_assembly_prop.details 
1 'ABSA (A^2)' 1770 ? 
1 MORE         -47  ? 
1 'SSA (A^2)'  7260 ? 
# 
_pdbx_struct_assembly_gen.assembly_id       1 
_pdbx_struct_assembly_gen.oper_expression   1,2 
_pdbx_struct_assembly_gen.asym_id_list      A,B,C,D,E,F,G,H,I,J 
# 
loop_
_pdbx_struct_oper_list.id 
_pdbx_struct_oper_list.type 
_pdbx_struct_oper_list.name 
_pdbx_struct_oper_list.symmetry_operation 
_pdbx_struct_oper_list.matrix[1][1] 
_pdbx_struct_oper_list.matrix[1][2] 
_pdbx_struct_oper_list.matrix[1][3] 
_pdbx_struct_oper_list.vector[1] 
_pdbx_struct_oper_list.matrix[2][1] 
_pdbx_struct_oper_list.matrix[2][2] 
_pdbx_struct_oper_list.matrix[2][3] 
_pdbx_struct_oper_list.vector[2] 
_pdbx_struct_oper_list.matrix[3][1] 
_pdbx_struct_oper_list.matrix[3][2] 
_pdbx_struct_oper_list.matrix[3][3] 
_pdbx_struct_oper_list.vector[3] 
1 'identity operation'         1_555  x,y,z                 1.0000000000  0.0000000000  0.0000000000 0.0000000000 0.0000000000  1.0000000000 0.0000000000  0.0000000000  0.0000000000 0.0000000000  1.0000000000  0.0000000000  
2 'crystal symmetry operation' 17_435 x-y-2/3,-y-4/3,-z+2/3 -0.6059389871 -0.7683941653 0.2059328789 0.1743045426 -0.7683941653 0.4983202448 -0.4015561485 -0.4646071410 0.2059328789 -0.4015561485 -0.8923812576 -2.0671203312 
# 
loop_
_struct_conn.id 
_struct_conn.conn_type_id 
_struct_conn.pdbx_leaving_atom_flag 
_struct_conn.pdbx_PDB_id 
_struct_conn.ptnr1_label_asym_id 
_struct_conn.ptnr1_label_comp_id 
_struct_conn.ptnr1_label_seq_id 
_struct_conn.ptnr1_label_atom_id 
_struct_conn.pdbx_ptnr1_label_alt_id 
_struct_conn.pdbx_ptnr1_PDB_ins_code 
_struct_conn.pdbx_ptnr1_standard_comp_id 
_struct_conn.ptnr1_symmetry 
_struct_conn.ptnr2_label_asym_id 
_struct_conn.ptnr2_label_comp_id 
_struct_conn.ptnr2_label_seq_id 
_struct_conn.ptnr2_label_atom_id 
_struct_conn.pdbx_ptnr2_label_alt_id 
_struct_conn.pdbx_ptnr2_PDB_ins_code 
_struct_conn.ptnr1_auth_asym_id 
_struct_conn.ptnr1_auth_comp_id 
_struct_conn.ptnr1_auth_seq_id 
_struct_conn.ptnr2_auth_asym_id 
_struct_conn.ptnr2_auth_comp_id 
_struct_conn.ptnr2_auth_seq_id 
_struct_conn.ptnr2_symmetry 
_struct_conn.pdbx_ptnr3_label_atom_id 
_struct_conn.pdbx_ptnr3_label_seq_id 
_struct_conn.pdbx_ptnr3_label_comp_id 
_struct_conn.pdbx_ptnr3_label_asym_id 
_struct_conn.pdbx_ptnr3_label_alt_id 
_struct_conn.pdbx_ptnr3_PDB_ins_code 
_struct_conn.details 
_struct_conn.pdbx_dist_value 
_struct_conn.pdbx_value_order 
_struct_conn.pdbx_role 
metalc1  metalc ? ? A DC 2  OP1 ? ? ? 1_555 G CA  .  CA ? ? A DC 2   A CA  106 1_555  ? ? ? ? ? ? ?            2.725 ? ? 
metalc2  metalc ? ? A DC 2  OP1 ? ? ? 1_555 G CA  .  CA ? ? A DC 2   A CA  106 2_455  ? ? ? ? ? ? ?            2.565 ? ? 
metalc3  metalc ? ? A DC 2  OP2 ? ? ? 1_555 I CA  .  CA ? ? A DC 2   A CA  108 3_445  ? ? ? ? ? ? ?            3.066 ? ? 
metalc4  metalc ? ? A DT 3  OP1 ? ? ? 1_555 I CA  .  CA ? ? A DT 3   A CA  108 1_555  ? ? ? ? ? ? ?            2.022 ? ? 
metalc5  metalc ? ? A DA 6  OP1 ? ? ? 1_555 C CA  .  CA ? ? A DA 6   A CA  102 1_555  ? ? ? ? ? ? ?            2.410 ? ? 
metalc6  metalc ? ? A DA 6  OP1 ? ? ? 1_555 C CA  .  CA ? ? A DA 6   A CA  102 3_545  ? ? ? ? ? ? ?            2.114 ? ? 
metalc7  metalc ? ? A DA 6  OP2 ? ? ? 1_555 D CA  .  CA ? ? A DA 6   A CA  103 1_555  ? ? ? ? ? ? ?            2.566 ? ? 
metalc8  metalc ? ? A DA 6  OP2 ? ? ? 1_555 D CA  .  CA ? ? A DA 6   A CA  103 3_545  ? ? ? ? ? ? ?            2.094 ? ? 
metalc9  metalc ? ? A DG 15 OP1 ? ? ? 1_555 E CA  .  CA ? ? A DG 15  A CA  104 1_555  ? ? ? ? ? ? ?            2.285 ? ? 
metalc10 metalc ? ? A DC 16 OP1 ? ? ? 1_555 F CA  .  CA ? ? A DC 16  A CA  105 1_555  ? ? ? ? ? ? ?            2.026 ? ? 
metalc11 metalc ? ? A DC 16 OP1 ? ? ? 1_555 F CA  .  CA ? ? A DC 16  A CA  105 3_545  ? ? ? ? ? ? ?            2.215 ? ? 
metalc12 metalc ? ? C CA .  CA  ? ? ? 1_555 J HOH .  O  ? ? A CA 102 A HOH 218 1_555  ? ? ? ? ? ? ?            2.388 ? ? 
metalc13 metalc ? ? C CA .  CA  ? ? ? 1_555 J HOH .  O  ? ? A CA 102 A HOH 218 3_545  ? ? ? ? ? ? ?            2.015 ? ? 
metalc14 metalc ? ? D CA .  CA  ? ? ? 1_555 J HOH .  O  ? ? A CA 103 A HOH 217 1_555  ? ? ? ? ? ? ?            2.152 ? ? 
metalc15 metalc ? ? D CA .  CA  ? ? ? 1_555 J HOH .  O  ? ? A CA 103 A HOH 217 3_545  ? ? ? ? ? ? ?            2.199 ? ? 
metalc16 metalc ? ? E CA .  CA  ? ? ? 1_555 J HOH .  O  ? ? A CA 104 A HOH 210 1_555  ? ? ? ? ? ? ?            2.418 ? ? 
metalc17 metalc ? ? E CA .  CA  ? ? ? 1_555 J HOH .  O  ? ? A CA 104 A HOH 212 1_555  ? ? ? ? ? ? ?            2.565 ? ? 
metalc18 metalc ? ? E CA .  CA  ? ? ? 1_555 J HOH .  O  ? ? A CA 104 A HOH 213 1_555  ? ? ? ? ? ? ?            2.764 ? ? 
metalc19 metalc ? ? E CA .  CA  ? ? ? 1_555 J HOH .  O  ? ? A CA 104 A HOH 214 1_555  ? ? ? ? ? ? ?            2.478 ? ? 
metalc20 metalc ? ? E CA .  CA  ? ? ? 1_555 J HOH .  O  ? ? A CA 104 A HOH 216 1_555  ? ? ? ? ? ? ?            2.353 ? ? 
metalc21 metalc ? ? F CA .  CA  ? ? ? 1_555 J HOH .  O  ? ? A CA 105 A HOH 208 1_555  ? ? ? ? ? ? ?            2.337 ? ? 
metalc22 metalc ? ? F CA .  CA  ? ? ? 1_555 J HOH .  O  ? ? A CA 105 A HOH 208 2_445  ? ? ? ? ? ? ?            2.088 ? ? 
metalc23 metalc ? ? G CA .  CA  ? ? ? 1_555 J HOH .  O  ? ? A CA 106 A HOH 211 1_555  ? ? ? ? ? ? ?            2.724 ? ? 
metalc24 metalc ? ? G CA .  CA  ? ? ? 1_555 J HOH .  O  ? ? A CA 106 A HOH 211 2_455  ? ? ? ? ? ? ?            2.592 ? ? 
hydrog1  hydrog ? ? A DG 1  N1  ? ? ? 1_555 A DC  16 N3 ? ? A DG 1   A DC  16  17_435 ? ? ? ? ? ? WATSON-CRICK ?     ? ? 
hydrog2  hydrog ? ? A DG 1  N2  ? ? ? 1_555 A DC  16 O2 ? ? A DG 1   A DC  16  17_435 ? ? ? ? ? ? WATSON-CRICK ?     ? ? 
hydrog3  hydrog ? ? A DG 1  O6  ? ? ? 1_555 A DC  16 N4 ? ? A DG 1   A DC  16  17_435 ? ? ? ? ? ? WATSON-CRICK ?     ? ? 
hydrog4  hydrog ? ? A DC 2  N3  ? ? ? 1_555 A DG  15 N1 ? ? A DC 2   A DG  15  17_435 ? ? ? ? ? ? WATSON-CRICK ?     ? ? 
hydrog5  hydrog ? ? A DC 2  N4  ? ? ? 1_555 A DG  15 O6 ? ? A DC 2   A DG  15  17_435 ? ? ? ? ? ? WATSON-CRICK ?     ? ? 
hydrog6  hydrog ? ? A DC 2  O2  ? ? ? 1_555 A DG  15 N2 ? ? A DC 2   A DG  15  17_435 ? ? ? ? ? ? WATSON-CRICK ?     ? ? 
hydrog7  hydrog ? ? A DT 3  N3  ? ? ? 1_555 A DA  14 N1 ? ? A DT 3   A DA  14  17_435 ? ? ? ? ? ? WATSON-CRICK ?     ? ? 
hydrog8  hydrog ? ? A DT 3  O4  ? ? ? 1_555 A DA  14 N6 ? ? A DT 3   A DA  14  17_435 ? ? ? ? ? ? WATSON-CRICK ?     ? ? 
hydrog9  hydrog ? ? A DG 4  N1  ? ? ? 1_555 A DC  13 N3 ? ? A DG 4   A DC  13  17_435 ? ? ? ? ? ? WATSON-CRICK ?     ? ? 
hydrog10 hydrog ? ? A DG 4  N2  ? ? ? 1_555 A DC  13 O2 ? ? A DG 4   A DC  13  17_435 ? ? ? ? ? ? WATSON-CRICK ?     ? ? 
hydrog11 hydrog ? ? A DG 4  O6  ? ? ? 1_555 A DC  13 N4 ? ? A DG 4   A DC  13  17_435 ? ? ? ? ? ? WATSON-CRICK ?     ? ? 
hydrog12 hydrog ? ? A DG 5  N1  ? ? ? 1_555 A DC  12 N3 ? ? A DG 5   A DC  12  17_435 ? ? ? ? ? ? WATSON-CRICK ?     ? ? 
hydrog13 hydrog ? ? A DG 5  N2  ? ? ? 1_555 A DC  12 O2 ? ? A DG 5   A DC  12  17_435 ? ? ? ? ? ? WATSON-CRICK ?     ? ? 
hydrog14 hydrog ? ? A DG 5  O6  ? ? ? 1_555 A DC  12 N4 ? ? A DG 5   A DC  12  17_435 ? ? ? ? ? ? WATSON-CRICK ?     ? ? 
hydrog15 hydrog ? ? A DA 6  N1  ? ? ? 1_555 A DT  11 N3 ? ? A DA 6   A DT  11  17_435 ? ? ? ? ? ? WATSON-CRICK ?     ? ? 
hydrog16 hydrog ? ? A DA 6  N6  ? ? ? 1_555 A DT  11 O4 ? ? A DA 6   A DT  11  17_435 ? ? ? ? ? ? WATSON-CRICK ?     ? ? 
hydrog17 hydrog ? ? A DT 7  N3  ? ? ? 1_555 A DA  10 N1 ? ? A DT 7   A DA  10  17_435 ? ? ? ? ? ? WATSON-CRICK ?     ? ? 
hydrog18 hydrog ? ? A DT 7  O4  ? ? ? 1_555 A DA  10 N6 ? ? A DT 7   A DA  10  17_435 ? ? ? ? ? ? WATSON-CRICK ?     ? ? 
hydrog19 hydrog ? ? A DT 8  N3  ? ? ? 1_555 A DA  9  N1 ? ? A DT 8   A DA  9   17_435 ? ? ? ? ? ? WATSON-CRICK ?     ? ? 
hydrog20 hydrog ? ? A DT 8  O4  ? ? ? 1_555 A DA  9  N6 ? ? A DT 8   A DA  9   17_435 ? ? ? ? ? ? WATSON-CRICK ?     ? ? 
hydrog21 hydrog ? ? A DA 9  N1  ? ? ? 1_555 A DT  8  N3 ? ? A DA 9   A DT  8   17_435 ? ? ? ? ? ? WATSON-CRICK ?     ? ? 
hydrog22 hydrog ? ? A DA 9  N6  ? ? ? 1_555 A DT  8  O4 ? ? A DA 9   A DT  8   17_435 ? ? ? ? ? ? WATSON-CRICK ?     ? ? 
hydrog23 hydrog ? ? A DA 10 N1  ? ? ? 1_555 A DT  7  N3 ? ? A DA 10  A DT  7   17_435 ? ? ? ? ? ? WATSON-CRICK ?     ? ? 
hydrog24 hydrog ? ? A DA 10 N6  ? ? ? 1_555 A DT  7  O4 ? ? A DA 10  A DT  7   17_435 ? ? ? ? ? ? WATSON-CRICK ?     ? ? 
hydrog25 hydrog ? ? A DT 11 N3  ? ? ? 1_555 A DA  6  N1 ? ? A DT 11  A DA  6   17_435 ? ? ? ? ? ? WATSON-CRICK ?     ? ? 
hydrog26 hydrog ? ? A DT 11 O4  ? ? ? 1_555 A DA  6  N6 ? ? A DT 11  A DA  6   17_435 ? ? ? ? ? ? WATSON-CRICK ?     ? ? 
hydrog27 hydrog ? ? A DC 12 N3  ? ? ? 1_555 A DG  5  N1 ? ? A DC 12  A DG  5   17_435 ? ? ? ? ? ? WATSON-CRICK ?     ? ? 
hydrog28 hydrog ? ? A DC 12 N4  ? ? ? 1_555 A DG  5  O6 ? ? A DC 12  A DG  5   17_435 ? ? ? ? ? ? WATSON-CRICK ?     ? ? 
hydrog29 hydrog ? ? A DC 12 O2  ? ? ? 1_555 A DG  5  N2 ? ? A DC 12  A DG  5   17_435 ? ? ? ? ? ? WATSON-CRICK ?     ? ? 
hydrog30 hydrog ? ? A DC 13 N3  ? ? ? 1_555 A DG  4  N1 ? ? A DC 13  A DG  4   17_435 ? ? ? ? ? ? WATSON-CRICK ?     ? ? 
hydrog31 hydrog ? ? A DC 13 N4  ? ? ? 1_555 A DG  4  O6 ? ? A DC 13  A DG  4   17_435 ? ? ? ? ? ? WATSON-CRICK ?     ? ? 
hydrog32 hydrog ? ? A DC 13 O2  ? ? ? 1_555 A DG  4  N2 ? ? A DC 13  A DG  4   17_435 ? ? ? ? ? ? WATSON-CRICK ?     ? ? 
hydrog33 hydrog ? ? A DA 14 N1  ? ? ? 1_555 A DT  3  N3 ? ? A DA 14  A DT  3   17_435 ? ? ? ? ? ? WATSON-CRICK ?     ? ? 
hydrog34 hydrog ? ? A DA 14 N6  ? ? ? 1_555 A DT  3  O4 ? ? A DA 14  A DT  3   17_435 ? ? ? ? ? ? WATSON-CRICK ?     ? ? 
hydrog35 hydrog ? ? A DG 15 N1  ? ? ? 1_555 A DC  2  N3 ? ? A DG 15  A DC  2   17_435 ? ? ? ? ? ? WATSON-CRICK ?     ? ? 
hydrog36 hydrog ? ? A DG 15 N2  ? ? ? 1_555 A DC  2  O2 ? ? A DG 15  A DC  2   17_435 ? ? ? ? ? ? WATSON-CRICK ?     ? ? 
hydrog37 hydrog ? ? A DG 15 O6  ? ? ? 1_555 A DC  2  N4 ? ? A DG 15  A DC  2   17_435 ? ? ? ? ? ? WATSON-CRICK ?     ? ? 
hydrog38 hydrog ? ? A DC 16 N3  ? ? ? 1_555 A DG  1  N1 ? ? A DC 16  A DG  1   17_435 ? ? ? ? ? ? WATSON-CRICK ?     ? ? 
hydrog39 hydrog ? ? A DC 16 N4  ? ? ? 1_555 A DG  1  O6 ? ? A DC 16  A DG  1   17_435 ? ? ? ? ? ? WATSON-CRICK ?     ? ? 
hydrog40 hydrog ? ? A DC 16 O2  ? ? ? 1_555 A DG  1  N2 ? ? A DC 16  A DG  1   17_435 ? ? ? ? ? ? WATSON-CRICK ?     ? ? 
# 
loop_
_struct_conn_type.id 
_struct_conn_type.criteria 
_struct_conn_type.reference 
metalc ? ? 
hydrog ? ? 
# 
loop_
_pdbx_struct_conn_angle.id 
_pdbx_struct_conn_angle.ptnr1_label_atom_id 
_pdbx_struct_conn_angle.ptnr1_label_alt_id 
_pdbx_struct_conn_angle.ptnr1_label_asym_id 
_pdbx_struct_conn_angle.ptnr1_label_comp_id 
_pdbx_struct_conn_angle.ptnr1_label_seq_id 
_pdbx_struct_conn_angle.ptnr1_auth_atom_id 
_pdbx_struct_conn_angle.ptnr1_auth_asym_id 
_pdbx_struct_conn_angle.ptnr1_auth_comp_id 
_pdbx_struct_conn_angle.ptnr1_auth_seq_id 
_pdbx_struct_conn_angle.ptnr1_PDB_ins_code 
_pdbx_struct_conn_angle.ptnr1_symmetry 
_pdbx_struct_conn_angle.ptnr2_label_atom_id 
_pdbx_struct_conn_angle.ptnr2_label_alt_id 
_pdbx_struct_conn_angle.ptnr2_label_asym_id 
_pdbx_struct_conn_angle.ptnr2_label_comp_id 
_pdbx_struct_conn_angle.ptnr2_label_seq_id 
_pdbx_struct_conn_angle.ptnr2_auth_atom_id 
_pdbx_struct_conn_angle.ptnr2_auth_asym_id 
_pdbx_struct_conn_angle.ptnr2_auth_comp_id 
_pdbx_struct_conn_angle.ptnr2_auth_seq_id 
_pdbx_struct_conn_angle.ptnr2_PDB_ins_code 
_pdbx_struct_conn_angle.ptnr2_symmetry 
_pdbx_struct_conn_angle.ptnr3_label_atom_id 
_pdbx_struct_conn_angle.ptnr3_label_alt_id 
_pdbx_struct_conn_angle.ptnr3_label_asym_id 
_pdbx_struct_conn_angle.ptnr3_label_comp_id 
_pdbx_struct_conn_angle.ptnr3_label_seq_id 
_pdbx_struct_conn_angle.ptnr3_auth_atom_id 
_pdbx_struct_conn_angle.ptnr3_auth_asym_id 
_pdbx_struct_conn_angle.ptnr3_auth_comp_id 
_pdbx_struct_conn_angle.ptnr3_auth_seq_id 
_pdbx_struct_conn_angle.ptnr3_PDB_ins_code 
_pdbx_struct_conn_angle.ptnr3_symmetry 
_pdbx_struct_conn_angle.value 
_pdbx_struct_conn_angle.value_esd 
1  OP1 ? A DC  2  ? A DC  2   ? 1_555 CA ? G CA . ? A CA 106 ? 1_555 OP1 ? A DC  2  ? A DC  2   ? 1_555 0.0   ? 
2  OP1 ? A DC  2  ? A DC  2   ? 1_555 CA ? G CA . ? A CA 106 ? 1_555 O   ? J HOH .  ? A HOH 211 ? 1_555 97.3  ? 
3  OP1 ? A DC  2  ? A DC  2   ? 1_555 CA ? G CA . ? A CA 106 ? 1_555 O   ? J HOH .  ? A HOH 211 ? 1_555 97.3  ? 
4  OP1 ? A DC  2  ? A DC  2   ? 1_555 CA ? G CA . ? A CA 106 ? 1_555 O   ? J HOH .  ? A HOH 211 ? 2_455 161.5 ? 
5  OP1 ? A DC  2  ? A DC  2   ? 1_555 CA ? G CA . ? A CA 106 ? 1_555 O   ? J HOH .  ? A HOH 211 ? 2_455 161.5 ? 
6  O   ? J HOH .  ? A HOH 211 ? 1_555 CA ? G CA . ? A CA 106 ? 1_555 O   ? J HOH .  ? A HOH 211 ? 2_455 73.0  ? 
7  OP2 ? A DC  2  ? A DC  2   ? 1_555 CA ? I CA . ? A CA 108 ? 3_445 OP1 ? A DT  3  ? A DT  3   ? 1_555 22.8  ? 
8  OP1 ? A DA  6  ? A DA  6   ? 1_555 CA ? C CA . ? A CA 102 ? 1_555 OP1 ? A DA  6  ? A DA  6   ? 1_555 0.0   ? 
9  OP1 ? A DA  6  ? A DA  6   ? 1_555 CA ? C CA . ? A CA 102 ? 1_555 O   ? J HOH .  ? A HOH 218 ? 1_555 161.1 ? 
10 OP1 ? A DA  6  ? A DA  6   ? 1_555 CA ? C CA . ? A CA 102 ? 1_555 O   ? J HOH .  ? A HOH 218 ? 1_555 161.1 ? 
11 OP1 ? A DA  6  ? A DA  6   ? 1_555 CA ? C CA . ? A CA 102 ? 1_555 O   ? J HOH .  ? A HOH 218 ? 3_545 97.5  ? 
12 OP1 ? A DA  6  ? A DA  6   ? 1_555 CA ? C CA . ? A CA 102 ? 1_555 O   ? J HOH .  ? A HOH 218 ? 3_545 97.5  ? 
13 O   ? J HOH .  ? A HOH 218 ? 1_555 CA ? C CA . ? A CA 102 ? 1_555 O   ? J HOH .  ? A HOH 218 ? 3_545 94.5  ? 
14 OP2 ? A DA  6  ? A DA  6   ? 1_555 CA ? D CA . ? A CA 103 ? 1_555 OP2 ? A DA  6  ? A DA  6   ? 1_555 0.0   ? 
15 OP2 ? A DA  6  ? A DA  6   ? 1_555 CA ? D CA . ? A CA 103 ? 1_555 O   ? J HOH .  ? A HOH 217 ? 1_555 165.4 ? 
16 OP2 ? A DA  6  ? A DA  6   ? 1_555 CA ? D CA . ? A CA 103 ? 1_555 O   ? J HOH .  ? A HOH 217 ? 1_555 165.4 ? 
17 OP2 ? A DA  6  ? A DA  6   ? 1_555 CA ? D CA . ? A CA 103 ? 1_555 O   ? J HOH .  ? A HOH 217 ? 3_545 85.5  ? 
18 OP2 ? A DA  6  ? A DA  6   ? 1_555 CA ? D CA . ? A CA 103 ? 1_555 O   ? J HOH .  ? A HOH 217 ? 3_545 85.5  ? 
19 O   ? J HOH .  ? A HOH 217 ? 1_555 CA ? D CA . ? A CA 103 ? 1_555 O   ? J HOH .  ? A HOH 217 ? 3_545 96.2  ? 
20 OP1 ? A DG  15 ? A DG  15  ? 1_555 CA ? E CA . ? A CA 104 ? 1_555 O   ? J HOH .  ? A HOH 210 ? 1_555 87.8  ? 
21 OP1 ? A DG  15 ? A DG  15  ? 1_555 CA ? E CA . ? A CA 104 ? 1_555 O   ? J HOH .  ? A HOH 212 ? 1_555 88.3  ? 
22 O   ? J HOH .  ? A HOH 210 ? 1_555 CA ? E CA . ? A CA 104 ? 1_555 O   ? J HOH .  ? A HOH 212 ? 1_555 154.8 ? 
23 OP1 ? A DG  15 ? A DG  15  ? 1_555 CA ? E CA . ? A CA 104 ? 1_555 O   ? J HOH .  ? A HOH 213 ? 1_555 90.6  ? 
24 O   ? J HOH .  ? A HOH 210 ? 1_555 CA ? E CA . ? A CA 104 ? 1_555 O   ? J HOH .  ? A HOH 213 ? 1_555 105.3 ? 
25 O   ? J HOH .  ? A HOH 212 ? 1_555 CA ? E CA . ? A CA 104 ? 1_555 O   ? J HOH .  ? A HOH 213 ? 1_555 49.9  ? 
26 OP1 ? A DG  15 ? A DG  15  ? 1_555 CA ? E CA . ? A CA 104 ? 1_555 O   ? J HOH .  ? A HOH 214 ? 1_555 101.2 ? 
27 O   ? J HOH .  ? A HOH 210 ? 1_555 CA ? E CA . ? A CA 104 ? 1_555 O   ? J HOH .  ? A HOH 214 ? 1_555 141.5 ? 
28 O   ? J HOH .  ? A HOH 212 ? 1_555 CA ? E CA . ? A CA 104 ? 1_555 O   ? J HOH .  ? A HOH 214 ? 1_555 63.6  ? 
29 O   ? J HOH .  ? A HOH 213 ? 1_555 CA ? E CA . ? A CA 104 ? 1_555 O   ? J HOH .  ? A HOH 214 ? 1_555 111.9 ? 
30 OP1 ? A DG  15 ? A DG  15  ? 1_555 CA ? E CA . ? A CA 104 ? 1_555 O   ? J HOH .  ? A HOH 216 ? 1_555 173.9 ? 
31 O   ? J HOH .  ? A HOH 210 ? 1_555 CA ? E CA . ? A CA 104 ? 1_555 O   ? J HOH .  ? A HOH 216 ? 1_555 92.3  ? 
32 O   ? J HOH .  ? A HOH 212 ? 1_555 CA ? E CA . ? A CA 104 ? 1_555 O   ? J HOH .  ? A HOH 216 ? 1_555 89.0  ? 
33 O   ? J HOH .  ? A HOH 213 ? 1_555 CA ? E CA . ? A CA 104 ? 1_555 O   ? J HOH .  ? A HOH 216 ? 1_555 83.5  ? 
34 O   ? J HOH .  ? A HOH 214 ? 1_555 CA ? E CA . ? A CA 104 ? 1_555 O   ? J HOH .  ? A HOH 216 ? 1_555 82.5  ? 
35 OP1 ? A DC  16 ? A DC  16  ? 1_555 CA ? F CA . ? A CA 105 ? 1_555 OP1 ? A DC  16 ? A DC  16  ? 1_555 0.0   ? 
36 OP1 ? A DC  16 ? A DC  16  ? 1_555 CA ? F CA . ? A CA 105 ? 1_555 O   ? J HOH .  ? A HOH 208 ? 1_555 90.6  ? 
37 OP1 ? A DC  16 ? A DC  16  ? 1_555 CA ? F CA . ? A CA 105 ? 1_555 O   ? J HOH .  ? A HOH 208 ? 1_555 90.6  ? 
38 OP1 ? A DC  16 ? A DC  16  ? 1_555 CA ? F CA . ? A CA 105 ? 1_555 O   ? J HOH .  ? A HOH 208 ? 2_445 111.7 ? 
39 OP1 ? A DC  16 ? A DC  16  ? 1_555 CA ? F CA . ? A CA 105 ? 1_555 O   ? J HOH .  ? A HOH 208 ? 2_445 111.7 ? 
40 O   ? J HOH .  ? A HOH 208 ? 1_555 CA ? F CA . ? A CA 105 ? 1_555 O   ? J HOH .  ? A HOH 208 ? 2_445 87.4  ? 
# 
_pdbx_entry_details.entry_id                   8VOE 
_pdbx_entry_details.has_ligand_of_interest     Y 
_pdbx_entry_details.compound_details           ? 
_pdbx_entry_details.source_details             ? 
_pdbx_entry_details.nonpolymer_details         ? 
_pdbx_entry_details.sequence_details           ? 
_pdbx_entry_details.has_protein_modification   N 
# 
loop_
_pdbx_validate_rmsd_bond.id 
_pdbx_validate_rmsd_bond.PDB_model_num 
_pdbx_validate_rmsd_bond.auth_atom_id_1 
_pdbx_validate_rmsd_bond.auth_asym_id_1 
_pdbx_validate_rmsd_bond.auth_comp_id_1 
_pdbx_validate_rmsd_bond.auth_seq_id_1 
_pdbx_validate_rmsd_bond.PDB_ins_code_1 
_pdbx_validate_rmsd_bond.label_alt_id_1 
_pdbx_validate_rmsd_bond.auth_atom_id_2 
_pdbx_validate_rmsd_bond.auth_asym_id_2 
_pdbx_validate_rmsd_bond.auth_comp_id_2 
_pdbx_validate_rmsd_bond.auth_seq_id_2 
_pdbx_validate_rmsd_bond.PDB_ins_code_2 
_pdbx_validate_rmsd_bond.label_alt_id_2 
_pdbx_validate_rmsd_bond.bond_value 
_pdbx_validate_rmsd_bond.bond_target_value 
_pdbx_validate_rmsd_bond.bond_deviation 
_pdbx_validate_rmsd_bond.bond_standard_deviation 
_pdbx_validate_rmsd_bond.linker_flag 
1 1 "O3'" A DG 4  ? ? "C3'" A DG 4  ? ? 1.380 1.419 -0.039 0.006 N 
2 1 P     A DA 6  ? ? "O5'" A DA 6  ? ? 1.518 1.593 -0.075 0.010 N 
3 1 "O3'" A DA 6  ? ? "C3'" A DA 6  ? ? 1.363 1.419 -0.056 0.006 N 
4 1 "O3'" A DT 8  ? ? "C3'" A DT 8  ? ? 1.371 1.419 -0.048 0.006 N 
5 1 "O3'" A DG 15 ? ? "C3'" A DG 15 ? ? 1.377 1.419 -0.042 0.006 N 
# 
loop_
_pdbx_validate_rmsd_angle.id 
_pdbx_validate_rmsd_angle.PDB_model_num 
_pdbx_validate_rmsd_angle.auth_atom_id_1 
_pdbx_validate_rmsd_angle.auth_asym_id_1 
_pdbx_validate_rmsd_angle.auth_comp_id_1 
_pdbx_validate_rmsd_angle.auth_seq_id_1 
_pdbx_validate_rmsd_angle.PDB_ins_code_1 
_pdbx_validate_rmsd_angle.label_alt_id_1 
_pdbx_validate_rmsd_angle.auth_atom_id_2 
_pdbx_validate_rmsd_angle.auth_asym_id_2 
_pdbx_validate_rmsd_angle.auth_comp_id_2 
_pdbx_validate_rmsd_angle.auth_seq_id_2 
_pdbx_validate_rmsd_angle.PDB_ins_code_2 
_pdbx_validate_rmsd_angle.label_alt_id_2 
_pdbx_validate_rmsd_angle.auth_atom_id_3 
_pdbx_validate_rmsd_angle.auth_asym_id_3 
_pdbx_validate_rmsd_angle.auth_comp_id_3 
_pdbx_validate_rmsd_angle.auth_seq_id_3 
_pdbx_validate_rmsd_angle.PDB_ins_code_3 
_pdbx_validate_rmsd_angle.label_alt_id_3 
_pdbx_validate_rmsd_angle.angle_value 
_pdbx_validate_rmsd_angle.angle_target_value 
_pdbx_validate_rmsd_angle.angle_deviation 
_pdbx_validate_rmsd_angle.angle_standard_deviation 
_pdbx_validate_rmsd_angle.linker_flag 
1 1 "O4'" A DG 5  ? ? "C1'" A DG 5  ? ? N9  A DG 5  ? ? 113.82 108.30 5.52   0.30 N 
2 1 OP1   A DA 6  ? ? P     A DA 6  ? ? OP2 A DA 6  ? ? 107.08 119.60 -12.52 1.50 N 
3 1 "O5'" A DA 14 ? ? P     A DA 14 ? ? OP1 A DA 14 ? ? 99.92  105.70 -5.78  0.90 N 
4 1 OP1   A DG 15 ? ? P     A DG 15 ? ? OP2 A DG 15 ? ? 128.96 119.60 9.36   1.50 N 
5 1 "O4'" A DG 15 ? ? "C1'" A DG 15 ? ? N9  A DG 15 ? ? 110.97 108.30 2.67   0.30 N 
# 
_pdbx_struct_special_symmetry.id              1 
_pdbx_struct_special_symmetry.PDB_model_num   1 
_pdbx_struct_special_symmetry.auth_asym_id    A 
_pdbx_struct_special_symmetry.auth_comp_id    CA 
_pdbx_struct_special_symmetry.auth_seq_id     106 
_pdbx_struct_special_symmetry.PDB_ins_code    ? 
_pdbx_struct_special_symmetry.label_asym_id   G 
_pdbx_struct_special_symmetry.label_comp_id   CA 
_pdbx_struct_special_symmetry.label_seq_id    . 
# 
loop_
_space_group_symop.id 
_space_group_symop.operation_xyz 
1  x,y,z                  
2  -y,x-y,z               
3  -x+y,-x,z              
4  x-y,-y,-z              
5  -x,-x+y,-z             
6  y,x,-z                 
7  x+1/3,y+2/3,z+2/3      
8  -y+1/3,x-y+2/3,z+2/3   
9  -x+y+1/3,-x+2/3,z+2/3  
10 x-y+1/3,-y+2/3,-z+2/3  
11 -x+1/3,-x+y+2/3,-z+2/3 
12 y+1/3,x+2/3,-z+2/3     
13 x+2/3,y+1/3,z+1/3      
14 -y+2/3,x-y+1/3,z+1/3   
15 -x+y+2/3,-x+1/3,z+1/3  
16 x-y+2/3,-y+1/3,-z+1/3  
17 -x+2/3,-x+y+1/3,-z+1/3 
18 y+2/3,x+1/3,-z+1/3     
# 
_pdbx_refine_tls.id               1 
_pdbx_refine_tls.pdbx_refine_id   'X-RAY DIFFRACTION' 
_pdbx_refine_tls.details          ? 
_pdbx_refine_tls.method           refined 
_pdbx_refine_tls.origin_x         0.0649731385 
_pdbx_refine_tls.origin_y         -0.3279885498 
_pdbx_refine_tls.origin_z         0.435877673 
_pdbx_refine_tls.T[1][1]          0.230130024090 
_pdbx_refine_tls.T[1][1]_esd      ? 
_pdbx_refine_tls.T[1][2]          -0.011573940010 
_pdbx_refine_tls.T[1][2]_esd      ? 
_pdbx_refine_tls.T[1][3]          0.025493590918 
_pdbx_refine_tls.T[1][3]_esd      ? 
_pdbx_refine_tls.T[2][2]          0.251391822709 
_pdbx_refine_tls.T[2][2]_esd      ? 
_pdbx_refine_tls.T[2][3]          0.061138403009 
_pdbx_refine_tls.T[2][3]_esd      ? 
_pdbx_refine_tls.T[3][3]          0.456661671902 
_pdbx_refine_tls.T[3][3]_esd      ? 
_pdbx_refine_tls.L[1][1]          2.965980080459 
_pdbx_refine_tls.L[1][1]_esd      ? 
_pdbx_refine_tls.L[1][2]          1.635713908997 
_pdbx_refine_tls.L[1][2]_esd      ? 
_pdbx_refine_tls.L[1][3]          1.309946757521 
_pdbx_refine_tls.L[1][3]_esd      ? 
_pdbx_refine_tls.L[2][2]          0.92239534590 
_pdbx_refine_tls.L[2][2]_esd      ? 
_pdbx_refine_tls.L[2][3]          0.248773915305 
_pdbx_refine_tls.L[2][3]_esd      ? 
_pdbx_refine_tls.L[3][3]          1.00675167194 
_pdbx_refine_tls.L[3][3]_esd      ? 
_pdbx_refine_tls.S[1][1]          -0.304549089290 
_pdbx_refine_tls.S[1][1]_esd      ? 
_pdbx_refine_tls.S[1][2]          0.318098845148 
_pdbx_refine_tls.S[1][2]_esd      ? 
_pdbx_refine_tls.S[1][3]          0.813962122727 
_pdbx_refine_tls.S[1][3]_esd      ? 
_pdbx_refine_tls.S[2][1]          -0.238807963099 
_pdbx_refine_tls.S[2][1]_esd      ? 
_pdbx_refine_tls.S[2][2]          0.229610394207 
_pdbx_refine_tls.S[2][2]_esd      ? 
_pdbx_refine_tls.S[2][3]          0.535938243677 
_pdbx_refine_tls.S[2][3]_esd      ? 
_pdbx_refine_tls.S[3][1]          -0.120355002162 
_pdbx_refine_tls.S[3][1]_esd      ? 
_pdbx_refine_tls.S[3][2]          -0.09768239100 
_pdbx_refine_tls.S[3][2]_esd      ? 
_pdbx_refine_tls.S[3][3]          0.064167171992 
_pdbx_refine_tls.S[3][3]_esd      ? 
# 
_pdbx_refine_tls_group.id                  1 
_pdbx_refine_tls_group.pdbx_refine_id      'X-RAY DIFFRACTION' 
_pdbx_refine_tls_group.refine_tls_id       1 
_pdbx_refine_tls_group.beg_label_asym_id   A 
_pdbx_refine_tls_group.beg_label_seq_id    ? 
_pdbx_refine_tls_group.beg_auth_asym_id    A 
_pdbx_refine_tls_group.beg_auth_seq_id     1 
_pdbx_refine_tls_group.beg_PDB_ins_code    ? 
_pdbx_refine_tls_group.end_label_asym_id   J 
_pdbx_refine_tls_group.end_label_seq_id    ? 
_pdbx_refine_tls_group.end_auth_asym_id    S 
_pdbx_refine_tls_group.end_auth_seq_id     20 
_pdbx_refine_tls_group.end_PDB_ins_code    ? 
_pdbx_refine_tls_group.selection           ? 
_pdbx_refine_tls_group.selection_details   all 
# 
loop_
_chem_comp_atom.comp_id 
_chem_comp_atom.atom_id 
_chem_comp_atom.type_symbol 
_chem_comp_atom.pdbx_aromatic_flag 
_chem_comp_atom.pdbx_stereo_config 
_chem_comp_atom.pdbx_ordinal 
A1AB3 C6     C  Y N 1   
A1AB3 C5     C  Y N 2   
A1AB3 C4     C  Y N 3   
A1AB3 C3     C  Y N 4   
A1AB3 C2     C  Y N 5   
A1AB3 C1     C  N N 6   
A1AB3 C7     C  Y N 7   
A1AB3 C10    C  Y N 8   
A1AB3 C11    C  Y N 9   
A1AB3 C12    C  Y N 10  
A1AB3 C13    C  Y N 11  
A1AB3 C14    C  Y N 12  
A1AB3 C8     C  Y N 13  
A1AB3 C9     C  Y N 14  
A1AB3 C15    C  N N 15  
A1AB3 C16    C  Y N 16  
A1AB3 C17    C  Y N 17  
A1AB3 N1     N  N N 18  
A1AB3 N2     N  N N 19  
A1AB3 N3     N  Y N 20  
A1AB3 N4     N  N N 21  
A1AB3 N5     N  N N 22  
A1AB3 N6     N  Y N 23  
A1AB3 O1     O  Y N 24  
A1AB3 S1     S  Y N 25  
A1AB3 H6     H  N N 26  
A1AB3 H5     H  N N 27  
A1AB3 H9     H  N N 28  
A1AB3 H10    H  N N 29  
A1AB3 H7     H  N N 30  
A1AB3 H8     H  N N 31  
A1AB3 H16    H  N N 32  
A1AB3 H2     H  N N 33  
A1AB3 H1     H  N N 34  
A1AB3 H4     H  N N 35  
A1AB3 H12    H  N N 36  
A1AB3 H11    H  N N 37  
A1AB3 H13    H  N N 38  
A1AB3 H15    H  N N 39  
CA    CA     CA N N 40  
DA    OP3    O  N N 41  
DA    P      P  N N 42  
DA    OP1    O  N N 43  
DA    OP2    O  N N 44  
DA    "O5'"  O  N N 45  
DA    "C5'"  C  N N 46  
DA    "C4'"  C  N R 47  
DA    "O4'"  O  N N 48  
DA    "C3'"  C  N S 49  
DA    "O3'"  O  N N 50  
DA    "C2'"  C  N N 51  
DA    "C1'"  C  N R 52  
DA    N9     N  Y N 53  
DA    C8     C  Y N 54  
DA    N7     N  Y N 55  
DA    C5     C  Y N 56  
DA    C6     C  Y N 57  
DA    N6     N  N N 58  
DA    N1     N  Y N 59  
DA    C2     C  Y N 60  
DA    N3     N  Y N 61  
DA    C4     C  Y N 62  
DA    HOP3   H  N N 63  
DA    HOP2   H  N N 64  
DA    "H5'"  H  N N 65  
DA    "H5''" H  N N 66  
DA    "H4'"  H  N N 67  
DA    "H3'"  H  N N 68  
DA    "HO3'" H  N N 69  
DA    "H2'"  H  N N 70  
DA    "H2''" H  N N 71  
DA    "H1'"  H  N N 72  
DA    H8     H  N N 73  
DA    H61    H  N N 74  
DA    H62    H  N N 75  
DA    H2     H  N N 76  
DC    OP3    O  N N 77  
DC    P      P  N N 78  
DC    OP1    O  N N 79  
DC    OP2    O  N N 80  
DC    "O5'"  O  N N 81  
DC    "C5'"  C  N N 82  
DC    "C4'"  C  N R 83  
DC    "O4'"  O  N N 84  
DC    "C3'"  C  N S 85  
DC    "O3'"  O  N N 86  
DC    "C2'"  C  N N 87  
DC    "C1'"  C  N R 88  
DC    N1     N  N N 89  
DC    C2     C  N N 90  
DC    O2     O  N N 91  
DC    N3     N  N N 92  
DC    C4     C  N N 93  
DC    N4     N  N N 94  
DC    C5     C  N N 95  
DC    C6     C  N N 96  
DC    HOP3   H  N N 97  
DC    HOP2   H  N N 98  
DC    "H5'"  H  N N 99  
DC    "H5''" H  N N 100 
DC    "H4'"  H  N N 101 
DC    "H3'"  H  N N 102 
DC    "HO3'" H  N N 103 
DC    "H2'"  H  N N 104 
DC    "H2''" H  N N 105 
DC    "H1'"  H  N N 106 
DC    H41    H  N N 107 
DC    H42    H  N N 108 
DC    H5     H  N N 109 
DC    H6     H  N N 110 
DG    OP3    O  N N 111 
DG    P      P  N N 112 
DG    OP1    O  N N 113 
DG    OP2    O  N N 114 
DG    "O5'"  O  N N 115 
DG    "C5'"  C  N N 116 
DG    "C4'"  C  N R 117 
DG    "O4'"  O  N N 118 
DG    "C3'"  C  N S 119 
DG    "O3'"  O  N N 120 
DG    "C2'"  C  N N 121 
DG    "C1'"  C  N R 122 
DG    N9     N  Y N 123 
DG    C8     C  Y N 124 
DG    N7     N  Y N 125 
DG    C5     C  Y N 126 
DG    C6     C  N N 127 
DG    O6     O  N N 128 
DG    N1     N  N N 129 
DG    C2     C  N N 130 
DG    N2     N  N N 131 
DG    N3     N  N N 132 
DG    C4     C  Y N 133 
DG    HOP3   H  N N 134 
DG    HOP2   H  N N 135 
DG    "H5'"  H  N N 136 
DG    "H5''" H  N N 137 
DG    "H4'"  H  N N 138 
DG    "H3'"  H  N N 139 
DG    "HO3'" H  N N 140 
DG    "H2'"  H  N N 141 
DG    "H2''" H  N N 142 
DG    "H1'"  H  N N 143 
DG    H8     H  N N 144 
DG    H1     H  N N 145 
DG    H21    H  N N 146 
DG    H22    H  N N 147 
DT    OP3    O  N N 148 
DT    P      P  N N 149 
DT    OP1    O  N N 150 
DT    OP2    O  N N 151 
DT    "O5'"  O  N N 152 
DT    "C5'"  C  N N 153 
DT    "C4'"  C  N R 154 
DT    "O4'"  O  N N 155 
DT    "C3'"  C  N S 156 
DT    "O3'"  O  N N 157 
DT    "C2'"  C  N N 158 
DT    "C1'"  C  N R 159 
DT    N1     N  N N 160 
DT    C2     C  N N 161 
DT    O2     O  N N 162 
DT    N3     N  N N 163 
DT    C4     C  N N 164 
DT    O4     O  N N 165 
DT    C5     C  N N 166 
DT    C7     C  N N 167 
DT    C6     C  N N 168 
DT    HOP3   H  N N 169 
DT    HOP2   H  N N 170 
DT    "H5'"  H  N N 171 
DT    "H5''" H  N N 172 
DT    "H4'"  H  N N 173 
DT    "H3'"  H  N N 174 
DT    "HO3'" H  N N 175 
DT    "H2'"  H  N N 176 
DT    "H2''" H  N N 177 
DT    "H1'"  H  N N 178 
DT    H3     H  N N 179 
DT    H71    H  N N 180 
DT    H72    H  N N 181 
DT    H73    H  N N 182 
DT    H6     H  N N 183 
HOH   O      O  N N 184 
HOH   H1     H  N N 185 
HOH   H2     H  N N 186 
# 
loop_
_chem_comp_bond.comp_id 
_chem_comp_bond.atom_id_1 
_chem_comp_bond.atom_id_2 
_chem_comp_bond.value_order 
_chem_comp_bond.pdbx_aromatic_flag 
_chem_comp_bond.pdbx_stereo_config 
_chem_comp_bond.pdbx_ordinal 
A1AB3 N1    C1     sing N N 1   
A1AB3 C1    N2     doub N N 2   
A1AB3 C1    C2     sing N N 3   
A1AB3 C2    C3     doub Y N 4   
A1AB3 C3    C4     sing Y N 5   
A1AB3 C4    C5     doub Y N 6   
A1AB3 C5    N3     sing Y N 7   
A1AB3 N3    C6     doub Y N 8   
A1AB3 C6    C7     sing N N 9   
A1AB3 C7    C8     doub Y N 10  
A1AB3 C8    C9     sing Y N 11  
A1AB3 C9    C10    doub Y N 12  
A1AB3 C10   C11    sing N N 13  
A1AB3 C11   C12    doub Y N 14  
A1AB3 C12   C13    sing Y N 15  
A1AB3 C13   C14    doub Y N 16  
A1AB3 C14   C15    sing N N 17  
A1AB3 C15   N4     sing N N 18  
A1AB3 C15   N5     doub N N 19  
A1AB3 C14   S1     sing Y N 20  
A1AB3 C10   O1     sing Y N 21  
A1AB3 C6    N6     sing Y N 22  
A1AB3 N6    C16    sing Y N 23  
A1AB3 C16   C17    doub Y N 24  
A1AB3 C2    C17    sing Y N 25  
A1AB3 C5    C16    sing Y N 26  
A1AB3 C7    O1     sing Y N 27  
A1AB3 C11   S1     sing Y N 28  
A1AB3 C4    H6     sing N N 29  
A1AB3 C3    H5     sing N N 30  
A1AB3 C12   H9     sing N N 31  
A1AB3 C13   H10    sing N N 32  
A1AB3 C8    H7     sing N N 33  
A1AB3 C9    H8     sing N N 34  
A1AB3 C17   H16    sing N N 35  
A1AB3 N1    H2     sing N N 36  
A1AB3 N1    H1     sing N N 37  
A1AB3 N2    H4     sing N N 38  
A1AB3 N4    H12    sing N N 39  
A1AB3 N4    H11    sing N N 40  
A1AB3 N5    H13    sing N N 41  
A1AB3 N6    H15    sing N N 42  
DA    OP3   P      sing N N 43  
DA    OP3   HOP3   sing N N 44  
DA    P     OP1    doub N N 45  
DA    P     OP2    sing N N 46  
DA    P     "O5'"  sing N N 47  
DA    OP2   HOP2   sing N N 48  
DA    "O5'" "C5'"  sing N N 49  
DA    "C5'" "C4'"  sing N N 50  
DA    "C5'" "H5'"  sing N N 51  
DA    "C5'" "H5''" sing N N 52  
DA    "C4'" "O4'"  sing N N 53  
DA    "C4'" "C3'"  sing N N 54  
DA    "C4'" "H4'"  sing N N 55  
DA    "O4'" "C1'"  sing N N 56  
DA    "C3'" "O3'"  sing N N 57  
DA    "C3'" "C2'"  sing N N 58  
DA    "C3'" "H3'"  sing N N 59  
DA    "O3'" "HO3'" sing N N 60  
DA    "C2'" "C1'"  sing N N 61  
DA    "C2'" "H2'"  sing N N 62  
DA    "C2'" "H2''" sing N N 63  
DA    "C1'" N9     sing N N 64  
DA    "C1'" "H1'"  sing N N 65  
DA    N9    C8     sing Y N 66  
DA    N9    C4     sing Y N 67  
DA    C8    N7     doub Y N 68  
DA    C8    H8     sing N N 69  
DA    N7    C5     sing Y N 70  
DA    C5    C6     sing Y N 71  
DA    C5    C4     doub Y N 72  
DA    C6    N6     sing N N 73  
DA    C6    N1     doub Y N 74  
DA    N6    H61    sing N N 75  
DA    N6    H62    sing N N 76  
DA    N1    C2     sing Y N 77  
DA    C2    N3     doub Y N 78  
DA    C2    H2     sing N N 79  
DA    N3    C4     sing Y N 80  
DC    OP3   P      sing N N 81  
DC    OP3   HOP3   sing N N 82  
DC    P     OP1    doub N N 83  
DC    P     OP2    sing N N 84  
DC    P     "O5'"  sing N N 85  
DC    OP2   HOP2   sing N N 86  
DC    "O5'" "C5'"  sing N N 87  
DC    "C5'" "C4'"  sing N N 88  
DC    "C5'" "H5'"  sing N N 89  
DC    "C5'" "H5''" sing N N 90  
DC    "C4'" "O4'"  sing N N 91  
DC    "C4'" "C3'"  sing N N 92  
DC    "C4'" "H4'"  sing N N 93  
DC    "O4'" "C1'"  sing N N 94  
DC    "C3'" "O3'"  sing N N 95  
DC    "C3'" "C2'"  sing N N 96  
DC    "C3'" "H3'"  sing N N 97  
DC    "O3'" "HO3'" sing N N 98  
DC    "C2'" "C1'"  sing N N 99  
DC    "C2'" "H2'"  sing N N 100 
DC    "C2'" "H2''" sing N N 101 
DC    "C1'" N1     sing N N 102 
DC    "C1'" "H1'"  sing N N 103 
DC    N1    C2     sing N N 104 
DC    N1    C6     sing N N 105 
DC    C2    O2     doub N N 106 
DC    C2    N3     sing N N 107 
DC    N3    C4     doub N N 108 
DC    C4    N4     sing N N 109 
DC    C4    C5     sing N N 110 
DC    N4    H41    sing N N 111 
DC    N4    H42    sing N N 112 
DC    C5    C6     doub N N 113 
DC    C5    H5     sing N N 114 
DC    C6    H6     sing N N 115 
DG    OP3   P      sing N N 116 
DG    OP3   HOP3   sing N N 117 
DG    P     OP1    doub N N 118 
DG    P     OP2    sing N N 119 
DG    P     "O5'"  sing N N 120 
DG    OP2   HOP2   sing N N 121 
DG    "O5'" "C5'"  sing N N 122 
DG    "C5'" "C4'"  sing N N 123 
DG    "C5'" "H5'"  sing N N 124 
DG    "C5'" "H5''" sing N N 125 
DG    "C4'" "O4'"  sing N N 126 
DG    "C4'" "C3'"  sing N N 127 
DG    "C4'" "H4'"  sing N N 128 
DG    "O4'" "C1'"  sing N N 129 
DG    "C3'" "O3'"  sing N N 130 
DG    "C3'" "C2'"  sing N N 131 
DG    "C3'" "H3'"  sing N N 132 
DG    "O3'" "HO3'" sing N N 133 
DG    "C2'" "C1'"  sing N N 134 
DG    "C2'" "H2'"  sing N N 135 
DG    "C2'" "H2''" sing N N 136 
DG    "C1'" N9     sing N N 137 
DG    "C1'" "H1'"  sing N N 138 
DG    N9    C8     sing Y N 139 
DG    N9    C4     sing Y N 140 
DG    C8    N7     doub Y N 141 
DG    C8    H8     sing N N 142 
DG    N7    C5     sing Y N 143 
DG    C5    C6     sing N N 144 
DG    C5    C4     doub Y N 145 
DG    C6    O6     doub N N 146 
DG    C6    N1     sing N N 147 
DG    N1    C2     sing N N 148 
DG    N1    H1     sing N N 149 
DG    C2    N2     sing N N 150 
DG    C2    N3     doub N N 151 
DG    N2    H21    sing N N 152 
DG    N2    H22    sing N N 153 
DG    N3    C4     sing N N 154 
DT    OP3   P      sing N N 155 
DT    OP3   HOP3   sing N N 156 
DT    P     OP1    doub N N 157 
DT    P     OP2    sing N N 158 
DT    P     "O5'"  sing N N 159 
DT    OP2   HOP2   sing N N 160 
DT    "O5'" "C5'"  sing N N 161 
DT    "C5'" "C4'"  sing N N 162 
DT    "C5'" "H5'"  sing N N 163 
DT    "C5'" "H5''" sing N N 164 
DT    "C4'" "O4'"  sing N N 165 
DT    "C4'" "C3'"  sing N N 166 
DT    "C4'" "H4'"  sing N N 167 
DT    "O4'" "C1'"  sing N N 168 
DT    "C3'" "O3'"  sing N N 169 
DT    "C3'" "C2'"  sing N N 170 
DT    "C3'" "H3'"  sing N N 171 
DT    "O3'" "HO3'" sing N N 172 
DT    "C2'" "C1'"  sing N N 173 
DT    "C2'" "H2'"  sing N N 174 
DT    "C2'" "H2''" sing N N 175 
DT    "C1'" N1     sing N N 176 
DT    "C1'" "H1'"  sing N N 177 
DT    N1    C2     sing N N 178 
DT    N1    C6     sing N N 179 
DT    C2    O2     doub N N 180 
DT    C2    N3     sing N N 181 
DT    N3    C4     sing N N 182 
DT    N3    H3     sing N N 183 
DT    C4    O4     doub N N 184 
DT    C4    C5     sing N N 185 
DT    C5    C7     sing N N 186 
DT    C5    C6     doub N N 187 
DT    C7    H71    sing N N 188 
DT    C7    H72    sing N N 189 
DT    C7    H73    sing N N 190 
DT    C6    H6     sing N N 191 
HOH   O     H1     sing N N 192 
HOH   O     H2     sing N N 193 
# 
_ndb_struct_conf_na.entry_id   8VOE 
_ndb_struct_conf_na.feature    'b-form double helix' 
# 
loop_
_ndb_struct_na_base_pair.model_number 
_ndb_struct_na_base_pair.i_label_asym_id 
_ndb_struct_na_base_pair.i_label_comp_id 
_ndb_struct_na_base_pair.i_label_seq_id 
_ndb_struct_na_base_pair.i_symmetry 
_ndb_struct_na_base_pair.j_label_asym_id 
_ndb_struct_na_base_pair.j_label_comp_id 
_ndb_struct_na_base_pair.j_label_seq_id 
_ndb_struct_na_base_pair.j_symmetry 
_ndb_struct_na_base_pair.shear 
_ndb_struct_na_base_pair.stretch 
_ndb_struct_na_base_pair.stagger 
_ndb_struct_na_base_pair.buckle 
_ndb_struct_na_base_pair.propeller 
_ndb_struct_na_base_pair.opening 
_ndb_struct_na_base_pair.pair_number 
_ndb_struct_na_base_pair.pair_name 
_ndb_struct_na_base_pair.i_auth_asym_id 
_ndb_struct_na_base_pair.i_auth_seq_id 
_ndb_struct_na_base_pair.i_PDB_ins_code 
_ndb_struct_na_base_pair.j_auth_asym_id 
_ndb_struct_na_base_pair.j_auth_seq_id 
_ndb_struct_na_base_pair.j_PDB_ins_code 
_ndb_struct_na_base_pair.hbond_type_28 
_ndb_struct_na_base_pair.hbond_type_12 
1 A DG 1  1_555 A DC 16 17_435 0.054  -0.064 -0.074 -0.815  -8.433  -0.817 1  A_DG1:DC16_A A 1  ? A 16 ? 19 1 
1 A DC 2  1_555 A DG 15 17_435 0.120  -0.134 0.274  -8.712  -8.900  -2.838 2  A_DC2:DG15_A A 2  ? A 15 ? 19 1 
1 A DT 3  1_555 A DA 14 17_435 0.036  -0.014 0.249  -8.508  -21.118 2.247  3  A_DT3:DA14_A A 3  ? A 14 ? 20 1 
1 A DG 4  1_555 A DC 13 17_435 -0.399 -0.097 -0.196 -8.148  -10.123 -1.840 4  A_DG4:DC13_A A 4  ? A 13 ? 19 1 
1 A DG 5  1_555 A DC 12 17_435 0.228  -0.106 -0.107 -2.330  -14.452 -0.254 5  A_DG5:DC12_A A 5  ? A 12 ? 19 1 
1 A DA 6  1_555 A DT 11 17_435 0.172  -0.086 0.277  -5.221  -17.635 -3.987 6  A_DA6:DT11_A A 6  ? A 11 ? 20 1 
1 A DT 7  1_555 A DA 10 17_435 0.166  -0.126 0.185  -10.450 -13.981 -2.877 7  A_DT7:DA10_A A 7  ? A 10 ? 20 1 
1 A DT 8  1_555 A DA 9  17_435 -0.099 -0.242 0.069  -5.480  -9.254  2.340  8  A_DT8:DA9_A  A 8  ? A 9  ? 20 1 
1 A DA 9  1_555 A DT 8  17_435 0.099  -0.242 0.069  5.480   -9.254  2.340  9  A_DA9:DT8_A  A 9  ? A 8  ? 20 1 
1 A DA 10 1_555 A DT 7  17_435 -0.166 -0.126 0.185  10.450  -13.981 -2.877 10 A_DA10:DT7_A A 10 ? A 7  ? 20 1 
1 A DT 11 1_555 A DA 6  17_435 -0.172 -0.086 0.277  5.221   -17.635 -3.987 11 A_DT11:DA6_A A 11 ? A 6  ? 20 1 
1 A DC 12 1_555 A DG 5  17_435 -0.228 -0.106 -0.107 2.330   -14.452 -0.254 12 A_DC12:DG5_A A 12 ? A 5  ? 19 1 
1 A DC 13 1_555 A DG 4  17_435 0.399  -0.097 -0.196 8.148   -10.123 -1.840 13 A_DC13:DG4_A A 13 ? A 4  ? 19 1 
1 A DA 14 1_555 A DT 3  17_435 -0.036 -0.014 0.249  8.508   -21.118 2.247  14 A_DA14:DT3_A A 14 ? A 3  ? 20 1 
1 A DG 15 1_555 A DC 2  17_435 -0.120 -0.134 0.274  8.712   -8.900  -2.838 15 A_DG15:DC2_A A 15 ? A 2  ? 19 1 
1 A DC 16 1_555 A DG 1  17_435 -0.054 -0.064 -0.074 0.815   -8.433  -0.817 16 A_DC16:DG1_A A 16 ? A 1  ? 19 1 
# 
loop_
_ndb_struct_na_base_pair_step.model_number 
_ndb_struct_na_base_pair_step.i_label_asym_id_1 
_ndb_struct_na_base_pair_step.i_label_comp_id_1 
_ndb_struct_na_base_pair_step.i_label_seq_id_1 
_ndb_struct_na_base_pair_step.i_symmetry_1 
_ndb_struct_na_base_pair_step.j_label_asym_id_1 
_ndb_struct_na_base_pair_step.j_label_comp_id_1 
_ndb_struct_na_base_pair_step.j_label_seq_id_1 
_ndb_struct_na_base_pair_step.j_symmetry_1 
_ndb_struct_na_base_pair_step.i_label_asym_id_2 
_ndb_struct_na_base_pair_step.i_label_comp_id_2 
_ndb_struct_na_base_pair_step.i_label_seq_id_2 
_ndb_struct_na_base_pair_step.i_symmetry_2 
_ndb_struct_na_base_pair_step.j_label_asym_id_2 
_ndb_struct_na_base_pair_step.j_label_comp_id_2 
_ndb_struct_na_base_pair_step.j_label_seq_id_2 
_ndb_struct_na_base_pair_step.j_symmetry_2 
_ndb_struct_na_base_pair_step.shift 
_ndb_struct_na_base_pair_step.slide 
_ndb_struct_na_base_pair_step.rise 
_ndb_struct_na_base_pair_step.tilt 
_ndb_struct_na_base_pair_step.roll 
_ndb_struct_na_base_pair_step.twist 
_ndb_struct_na_base_pair_step.x_displacement 
_ndb_struct_na_base_pair_step.y_displacement 
_ndb_struct_na_base_pair_step.helical_rise 
_ndb_struct_na_base_pair_step.inclination 
_ndb_struct_na_base_pair_step.tip 
_ndb_struct_na_base_pair_step.helical_twist 
_ndb_struct_na_base_pair_step.step_number 
_ndb_struct_na_base_pair_step.step_name 
_ndb_struct_na_base_pair_step.i_auth_asym_id_1 
_ndb_struct_na_base_pair_step.i_auth_seq_id_1 
_ndb_struct_na_base_pair_step.i_PDB_ins_code_1 
_ndb_struct_na_base_pair_step.j_auth_asym_id_1 
_ndb_struct_na_base_pair_step.j_auth_seq_id_1 
_ndb_struct_na_base_pair_step.j_PDB_ins_code_1 
_ndb_struct_na_base_pair_step.i_auth_asym_id_2 
_ndb_struct_na_base_pair_step.i_auth_seq_id_2 
_ndb_struct_na_base_pair_step.i_PDB_ins_code_2 
_ndb_struct_na_base_pair_step.j_auth_asym_id_2 
_ndb_struct_na_base_pair_step.j_auth_seq_id_2 
_ndb_struct_na_base_pair_step.j_PDB_ins_code_2 
1 A DG 1  1_555 A DC 16 17_435 A DC 2  1_555 A DG 15 17_435 -1.135 -0.691 3.419 -5.384 -1.074 32.322 -1.025 1.014  3.576 -1.912 
9.585   32.772 1  AA_DG1DC2:DG15DC16_AA A 1  ? A 16 ? A 2  ? A 15 ? 
1 A DC 2  1_555 A DG 15 17_435 A DT 3  1_555 A DA 14 17_435 -0.470 -0.122 3.273 0.791  6.107  29.699 -1.459 1.058  3.172 11.755 
-1.523  30.316 2  AA_DC2DT3:DA14DG15_AA A 2  ? A 15 ? A 3  ? A 14 ? 
1 A DT 3  1_555 A DA 14 17_435 A DG 4  1_555 A DC 13 17_435 0.132  1.391  3.399 3.332  0.696  41.691 1.872  0.179  3.421 0.976  
-4.673  41.824 3  AA_DT3DG4:DC13DA14_AA A 3  ? A 14 ? A 4  ? A 13 ? 
1 A DG 4  1_555 A DC 13 17_435 A DG 5  1_555 A DC 12 17_435 0.756  0.560  3.299 -0.491 7.895  26.897 -0.768 -1.682 3.312 16.524 
1.028   28.016 4  AA_DG4DG5:DC12DC13_AA A 4  ? A 13 ? A 5  ? A 12 ? 
1 A DG 5  1_555 A DC 12 17_435 A DA 6  1_555 A DT 11 17_435 -1.456 0.695  3.375 -9.109 -0.598 41.825 1.018  1.014  3.591 -0.826 
12.580  42.766 5  AA_DG5DA6:DT11DC12_AA A 5  ? A 12 ? A 6  ? A 11 ? 
1 A DA 6  1_555 A DT 11 17_435 A DT 7  1_555 A DA 10 17_435 0.252  -0.322 3.559 0.383  -0.220 30.332 -0.566 -0.398 3.564 -0.421 
-0.732  30.335 6  AA_DA6DT7:DA10DT11_AA A 6  ? A 11 ? A 7  ? A 10 ? 
1 A DT 7  1_555 A DA 10 17_435 A DT 8  1_555 A DA 9  17_435 0.540  0.415  3.274 3.774  2.885  31.362 0.220  -0.282 3.339 5.298  
-6.932  31.710 7  AA_DT7DT8:DA9DA10_AA  A 7  ? A 10 ? A 8  ? A 9  ? 
1 A DT 8  1_555 A DA 9  17_435 A DA 9  1_555 A DT 8  17_435 0.000  1.611  3.183 0.000  2.398  38.940 2.126  0.000  3.273 3.594  
0.000   39.011 8  AA_DT8DA9:DT8DA9_AA   A 8  ? A 9  ? A 9  ? A 8  ? 
1 A DA 9  1_555 A DT 8  17_435 A DA 10 1_555 A DT 7  17_435 -0.540 0.415  3.274 -3.774 2.885  31.362 0.220  0.282  3.339 5.298  
6.932   31.710 9  AA_DA9DA10:DT7DT8_AA  A 9  ? A 8  ? A 10 ? A 7  ? 
1 A DA 10 1_555 A DT 7  17_435 A DT 11 1_555 A DA 6  17_435 -0.252 -0.322 3.559 -0.383 -0.220 30.332 -0.566 0.398  3.564 -0.421 
0.732   30.335 10 AA_DA10DT11:DA6DT7_AA A 10 ? A 7  ? A 11 ? A 6  ? 
1 A DT 11 1_555 A DA 6  17_435 A DC 12 1_555 A DG 5  17_435 1.456  0.695  3.375 9.109  -0.598 41.825 1.018  -1.014 3.591 -0.826 
-12.580 42.766 11 AA_DT11DC12:DG5DA6_AA A 11 ? A 6  ? A 12 ? A 5  ? 
1 A DC 12 1_555 A DG 5  17_435 A DC 13 1_555 A DG 4  17_435 -0.756 0.560  3.299 0.491  7.895  26.897 -0.768 1.682  3.312 16.524 
-1.028  28.016 12 AA_DC12DC13:DG4DG5_AA A 12 ? A 5  ? A 13 ? A 4  ? 
1 A DC 13 1_555 A DG 4  17_435 A DA 14 1_555 A DT 3  17_435 -0.132 1.391  3.399 -3.332 0.696  41.691 1.872  -0.179 3.421 0.976  
4.673   41.824 13 AA_DC13DA14:DT3DG4_AA A 13 ? A 4  ? A 14 ? A 3  ? 
1 A DA 14 1_555 A DT 3  17_435 A DG 15 1_555 A DC 2  17_435 0.470  -0.122 3.273 -0.791 6.107  29.699 -1.459 -1.058 3.172 11.755 
1.523   30.316 14 AA_DA14DG15:DC2DT3_AA A 14 ? A 3  ? A 15 ? A 2  ? 
1 A DG 15 1_555 A DC 2  17_435 A DC 16 1_555 A DG 1  17_435 1.135  -0.691 3.419 5.384  -1.074 32.322 -1.025 -1.014 3.576 -1.912 
-9.585  32.772 15 AA_DG15DC16:DG1DC2_AA A 15 ? A 2  ? A 16 ? A 1  ? 
# 
_pdbx_audit_support.funding_organization   
'National Institutes of Health/National Institute of General Medical Sciences (NIH/NIGMS)' 
_pdbx_audit_support.country                'United States' 
_pdbx_audit_support.grant_number           GM111749 
_pdbx_audit_support.ordinal                1 
# 
_pdbx_initial_refinement_model.id               1 
_pdbx_initial_refinement_model.entity_id_list   ? 
_pdbx_initial_refinement_model.type             'experimental model' 
_pdbx_initial_refinement_model.source_name      PDB 
_pdbx_initial_refinement_model.accession_code   8V5J 
_pdbx_initial_refinement_model.details          ? 
# 
_space_group.name_H-M_alt     'R 3 2 :H' 
_space_group.name_Hall        
;R 3 2"
;
_space_group.IT_number        155 
_space_group.crystal_system   trigonal 
_space_group.id               1 
# 
_atom_sites.entry_id                    8VOE 
_atom_sites.Cartn_transf_matrix[1][1]   ? 
_atom_sites.Cartn_transf_matrix[1][2]   ? 
_atom_sites.Cartn_transf_matrix[1][3]   ? 
_atom_sites.Cartn_transf_matrix[2][1]   ? 
_atom_sites.Cartn_transf_matrix[2][2]   ? 
_atom_sites.Cartn_transf_matrix[2][3]   ? 
_atom_sites.Cartn_transf_matrix[3][1]   ? 
_atom_sites.Cartn_transf_matrix[3][2]   ? 
_atom_sites.Cartn_transf_matrix[3][3]   ? 
_atom_sites.Cartn_transf_vector[1]      ? 
_atom_sites.Cartn_transf_vector[2]      ? 
_atom_sites.Cartn_transf_vector[3]      ? 
_atom_sites.Cartn_transform_axes        ? 
_atom_sites.fract_transf_matrix[1][1]   0.00880669 
_atom_sites.fract_transf_matrix[1][2]   -0.02023233 
_atom_sites.fract_transf_matrix[1][3]   0.02075703 
_atom_sites.fract_transf_matrix[2][1]   -0.00567795 
_atom_sites.fract_transf_matrix[2][2]   0.00495197 
_atom_sites.fract_transf_matrix[2][3]   0.02934221 
_atom_sites.fract_transf_matrix[3][1]   -0.00537589 
_atom_sites.fract_transf_matrix[3][2]   -0.00290439 
_atom_sites.fract_transf_matrix[3][3]   -0.00055011 
_atom_sites.fract_transf_vector[1]      -0.611468 
_atom_sites.fract_transf_vector[2]      -0.634686 
_atom_sites.fract_transf_vector[3]      0.332558 
_atom_sites.solution_primary            ? 
_atom_sites.solution_secondary          ? 
_atom_sites.solution_hydrogens          ? 
_atom_sites.special_details             ? 
# 
loop_
_atom_type.symbol 
_atom_type.scat_dispersion_real 
_atom_type.scat_dispersion_imag 
_atom_type.scat_Cromer_Mann_a1 
_atom_type.scat_Cromer_Mann_a2 
_atom_type.scat_Cromer_Mann_a3 
_atom_type.scat_Cromer_Mann_a4 
_atom_type.scat_Cromer_Mann_b1 
_atom_type.scat_Cromer_Mann_b2 
_atom_type.scat_Cromer_Mann_b3 
_atom_type.scat_Cromer_Mann_b4 
_atom_type.scat_Cromer_Mann_c 
_atom_type.scat_source 
_atom_type.scat_dispersion_source 
C  ? ? 3.54356  2.42580 ? ? 25.62398 1.50364  ? ? 0.0 
;2-Gaussian fit: Grosse-Kunstleve RW, Sauter NK, Adams PD: Newsletter of the IUCr Commission on Crystallographic Computing 2004, 3, 22-31.
;
? 
CA ? ? 16.26893 3.65395 ? ? 3.58509  77.28589 ? ? 0.0 
;2-Gaussian fit: Grosse-Kunstleve RW, Sauter NK, Adams PD: Newsletter of the IUCr Commission on Crystallographic Computing 2004, 3, 22-31.
;
? 
H  ? ? 0.51345  0.48472 ? ? 24.73122 6.32584  ? ? 0.0 
;2-Gaussian fit: Grosse-Kunstleve RW, Sauter NK, Adams PD: Newsletter of the IUCr Commission on Crystallographic Computing 2004, 3, 22-31.
;
? 
N  ? ? 4.01032  2.96436 ? ? 19.97189 1.75589  ? ? 0.0 
;2-Gaussian fit: Grosse-Kunstleve RW, Sauter NK, Adams PD: Newsletter of the IUCr Commission on Crystallographic Computing 2004, 3, 22-31.
;
? 
O  ? ? 4.49882  3.47563 ? ? 15.80542 1.70748  ? ? 0.0 
;2-Gaussian fit: Grosse-Kunstleve RW, Sauter NK, Adams PD: Newsletter of the IUCr Commission on Crystallographic Computing 2004, 3, 22-31.
;
? 
P  ? ? 9.51135  5.44231 ? ? 1.42069  35.72801 ? ? 0.0 
;2-Gaussian fit: Grosse-Kunstleve RW, Sauter NK, Adams PD: Newsletter of the IUCr Commission on Crystallographic Computing 2004, 3, 22-31.
;
? 
S  ? ? 9.55732  6.39887 ? ? 1.23737  29.19336 ? ? 0.0 
;2-Gaussian fit: Grosse-Kunstleve RW, Sauter NK, Adams PD: Newsletter of the IUCr Commission on Crystallographic Computing 2004, 3, 22-31.
;
? 
# 
loop_
_atom_site.group_PDB 
_atom_site.id 
_atom_site.type_symbol 
_atom_site.label_atom_id 
_atom_site.label_alt_id 
_atom_site.label_comp_id 
_atom_site.label_asym_id 
_atom_site.label_entity_id 
_atom_site.label_seq_id 
_atom_site.pdbx_PDB_ins_code 
_atom_site.Cartn_x 
_atom_site.Cartn_y 
_atom_site.Cartn_z 
_atom_site.occupancy 
_atom_site.B_iso_or_equiv 
_atom_site.pdbx_formal_charge 
_atom_site.auth_seq_id 
_atom_site.auth_comp_id 
_atom_site.auth_asym_id 
_atom_site.auth_atom_id 
_atom_site.pdbx_PDB_model_num 
ATOM   1   O  "O5'"  . DG    A 1 1  ? -28.55805 -4.39654  -2.29931  1.000 62.56517 ? 1   DG    A "O5'"  1 
ATOM   2   C  "C5'"  . DG    A 1 1  ? -27.45200 -3.71860  -1.76746  1.000 58.15579 ? 1   DG    A "C5'"  1 
ATOM   3   C  "C4'"  . DG    A 1 1  ? -26.91775 -4.48723  -0.60951  1.000 51.11351 ? 1   DG    A "C4'"  1 
ATOM   4   O  "O4'"  . DG    A 1 1  ? -26.56606 -5.84091  -1.03974  1.000 49.50309 ? 1   DG    A "O4'"  1 
ATOM   5   C  "C3'"  . DG    A 1 1  ? -25.68064 -3.92982  -0.00484  1.000 44.80682 ? 1   DG    A "C3'"  1 
ATOM   6   O  "O3'"  . DG    A 1 1  ? -25.67653 -4.30336  1.33704   1.000 59.88085 ? 1   DG    A "O3'"  1 
ATOM   7   C  "C2'"  . DG    A 1 1  ? -24.60487 -4.60907  -0.81495  1.000 42.62376 ? 1   DG    A "C2'"  1 
ATOM   8   C  "C1'"  . DG    A 1 1  ? -25.16106 -6.01456  -0.96545  1.000 49.45215 ? 1   DG    A "C1'"  1 
ATOM   9   N  N9     . DG    A 1 1  ? -24.71630 -6.73946  -2.16156  1.000 43.62504 ? 1   DG    A N9     1 
ATOM   10  C  C8     . DG    A 1 1  ? -24.77809 -6.29511  -3.46056  1.000 53.58085 ? 1   DG    A C8     1 
ATOM   11  N  N7     . DG    A 1 1  ? -24.34447 -7.17334  -4.33605  1.000 49.51227 ? 1   DG    A N7     1 
ATOM   12  C  C5     . DG    A 1 1  ? -23.96612 -8.25443  -3.57673  1.000 43.89838 ? 1   DG    A C5     1 
ATOM   13  C  C6     . DG    A 1 1  ? -23.41327 -9.49488  -3.98239  1.000 44.93320 ? 1   DG    A C6     1 
ATOM   14  O  O6     . DG    A 1 1  ? -23.15996 -9.87515  -5.13015  1.000 54.29000 ? 1   DG    A O6     1 
ATOM   15  N  N1     . DG    A 1 1  ? -23.23432 -10.36410 -2.90651  1.000 36.48501 ? 1   DG    A N1     1 
ATOM   16  C  C2     . DG    A 1 1  ? -23.47434 -10.03362 -1.59350  1.000 40.73104 ? 1   DG    A C2     1 
ATOM   17  N  N2     . DG    A 1 1  ? -23.18586 -10.97552 -0.68800  1.000 43.21351 ? 1   DG    A N2     1 
ATOM   18  N  N3     . DG    A 1 1  ? -23.93386 -8.84516  -1.18850  1.000 41.72884 ? 1   DG    A N3     1 
ATOM   19  C  C4     . DG    A 1 1  ? -24.18899 -8.01713  -2.23548  1.000 42.17229 ? 1   DG    A C4     1 
ATOM   20  H  "H5'"  . DG    A 1 1  ? -27.72108 -2.83356  -1.47555  1.000 69.82690 ? 1   DG    A "H5'"  1 
ATOM   21  H  "H5''" . DG    A 1 1  ? -26.76487 -3.63181  -2.44659  1.000 69.82690 ? 1   DG    A "H5''" 1 
ATOM   22  H  "H4'"  . DG    A 1 1  ? -27.60459 -4.54426  0.07305   1.000 61.37617 ? 1   DG    A "H4'"  1 
ATOM   23  H  "H3'"  . DG    A 1 1  ? -25.59578 -2.96877  -0.10521  1.000 53.56839 ? 1   DG    A "H3'"  1 
ATOM   24  H  "H2'"  . DG    A 1 1  ? -24.48682 -4.18055  -1.67712  1.000 50.94871 ? 1   DG    A "H2'"  1 
ATOM   25  H  "H2''" . DG    A 1 1  ? -23.75629 -4.61227  -0.34505  1.000 50.94871 ? 1   DG    A "H2''" 1 
ATOM   26  H  "H1'"  . DG    A 1 1  ? -24.91422 -6.54360  -0.19080  1.000 59.38254 ? 1   DG    A "H1'"  1 
ATOM   27  H  H8     . DG    A 1 1  ? -25.09619 -5.45380  -3.69702  1.000 64.33698 ? 1   DG    A H8     1 
ATOM   28  H  H1     . DG    A 1 1  ? -22.95527 -11.15981 -3.07554  1.000 43.82197 ? 1   DG    A H1     1 
ATOM   29  H  H21    . DG    A 1 1  ? -23.29629 -10.81493 0.14963   1.000 51.89617 ? 1   DG    A H21    1 
ATOM   30  H  H22    . DG    A 1 1  ? -22.89001 -11.74150 -0.94363  1.000 51.89617 ? 1   DG    A H22    1 
ATOM   31  H  "HO5'" . DG    A 1 1  ? -28.67219 -5.21132  -2.13196  1.000 75.11816 ? 1   DG    A "HO5'" 1 
ATOM   32  P  P      . DC    A 1 2  ? -24.64226 -3.70173  2.39248   1.000 50.12375 ? 2   DC    A P      1 
ATOM   33  O  OP1    . DC    A 1 2  ? -25.45688 -3.33931  3.57929   1.000 51.90489 ? 2   DC    A OP1    1 
ATOM   34  O  OP2    . DC    A 1 2  ? -23.67225 -2.75880  1.74147   1.000 48.44940 ? 2   DC    A OP2    1 
ATOM   35  O  "O5'"  . DC    A 1 2  ? -23.70153 -4.89192  2.75787   1.000 49.79134 ? 2   DC    A "O5'"  1 
ATOM   36  C  "C5'"  . DC    A 1 2  ? -24.24256 -6.00566  3.34601   1.000 49.48115 ? 2   DC    A "C5'"  1 
ATOM   37  C  "C4'"  . DC    A 1 2  ? -23.16517 -7.00536  3.65333   1.000 49.60014 ? 2   DC    A "C4'"  1 
ATOM   38  O  "O4'"  . DC    A 1 2  ? -22.85650 -7.74877  2.45943   1.000 40.93060 ? 2   DC    A "O4'"  1 
ATOM   39  C  "C3'"  . DC    A 1 2  ? -21.87830 -6.39480  4.15044   1.000 51.68353 ? 2   DC    A "C3'"  1 
ATOM   40  O  "O3'"  . DC    A 1 2  ? -21.54328 -6.97858  5.36005   1.000 51.42084 ? 2   DC    A "O3'"  1 
ATOM   41  C  "C2'"  . DC    A 1 2  ? -20.86059 -6.69540  3.05737   1.000 44.63912 ? 2   DC    A "C2'"  1 
ATOM   42  C  "C1'"  . DC    A 1 2  ? -21.47700 -7.87149  2.30133   1.000 45.63066 ? 2   DC    A "C1'"  1 
ATOM   43  N  N1     . DC    A 1 2  ? -21.20433 -7.88305  0.81714   1.000 44.30694 ? 2   DC    A N1     1 
ATOM   44  C  C2     . DC    A 1 2  ? -20.54124 -8.96613  0.21874   1.000 38.22181 ? 2   DC    A C2     1 
ATOM   45  O  O2     . DC    A 1 2  ? -20.15923 -9.90735  0.91053   1.000 44.33713 ? 2   DC    A O2     1 
ATOM   46  N  N3     . DC    A 1 2  ? -20.29789 -8.92868  -1.10045  1.000 41.41059 ? 2   DC    A N3     1 
ATOM   47  C  C4     . DC    A 1 2  ? -20.69485 -7.90230  -1.81960  1.000 44.53649 ? 2   DC    A C4     1 
ATOM   48  N  N4     . DC    A 1 2  ? -20.45737 -7.94745  -3.11086  1.000 43.76592 ? 2   DC    A N4     1 
ATOM   49  C  C5     . DC    A 1 2  ? -21.37919 -6.79533  -1.25224  1.000 42.35711 ? 2   DC    A C5     1 
ATOM   50  C  C6     . DC    A 1 2  ? -21.60483 -6.82169  0.06106   1.000 50.90764 ? 2   DC    A C6     1 
ATOM   51  H  "H5'"  . DC    A 1 2  ? -24.89061 -6.40495  2.74476   1.000 59.41734 ? 2   DC    A "H5'"  1 
ATOM   52  H  "H5''" . DC    A 1 2  ? -24.68972 -5.75084  4.16822   1.000 59.41734 ? 2   DC    A "H5''" 1 
ATOM   53  H  "H4'"  . DC    A 1 2  ? -23.47444 -7.63918  4.31931   1.000 59.56013 ? 2   DC    A "H4'"  1 
ATOM   54  H  "H3'"  . DC    A 1 2  ? -21.96773 -5.43216  4.22934   1.000 62.06020 ? 2   DC    A "H3'"  1 
ATOM   55  H  "H2'"  . DC    A 1 2  ? -20.74149 -5.93033  2.47309   1.000 53.60691 ? 2   DC    A "H2'"  1 
ATOM   56  H  "H2''" . DC    A 1 2  ? -20.00232 -6.93833  3.43850   1.000 53.60691 ? 2   DC    A "H2''" 1 
ATOM   57  H  "H1'"  . DC    A 1 2  ? -21.14930 -8.69474  2.69602   1.000 54.79676 ? 2   DC    A "H1'"  1 
ATOM   58  H  H41    . DC    A 1 2  ? -20.70141 -7.29563  -3.61601  1.000 52.55906 ? 2   DC    A H41    1 
ATOM   59  H  H42    . DC    A 1 2  ? -20.05786 -8.62883  -3.45103  1.000 52.55906 ? 2   DC    A H42    1 
ATOM   60  H  H5     . DC    A 1 2  ? -21.65904 -6.07990  -1.77640  1.000 50.86849 ? 2   DC    A H5     1 
ATOM   61  H  H6     . DC    A 1 2  ? -22.04082 -6.10732  0.46662   1.000 61.12913 ? 2   DC    A H6     1 
ATOM   62  P  P      . DT    A 1 3  ? -20.23818 -6.52840  6.16819   1.000 55.99601 ? 3   DT    A P      1 
ATOM   63  O  OP1    . DT    A 1 3  ? -20.62595 -7.02989  7.50419   1.000 64.35476 ? 3   DT    A OP1    1 
ATOM   64  O  OP2    . DT    A 1 3  ? -19.81647 -5.13825  5.91694   1.000 47.14556 ? 3   DT    A OP2    1 
ATOM   65  O  "O5'"  . DT    A 1 3  ? -19.11187 -7.52059  5.67617   1.000 51.25343 ? 3   DT    A "O5'"  1 
ATOM   66  C  "C5'"  . DT    A 1 3  ? -19.23505 -8.86953  6.06854   1.000 39.00006 ? 3   DT    A "C5'"  1 
ATOM   67  C  "C4'"  . DT    A 1 3  ? -18.08925 -9.65129  5.52449   1.000 37.72991 ? 3   DT    A "C4'"  1 
ATOM   68  O  "O4'"  . DT    A 1 3  ? -18.16579 -9.58328  4.09700   1.000 42.09372 ? 3   DT    A "O4'"  1 
ATOM   69  C  "C3'"  . DT    A 1 3  ? -16.70913 -9.11317  5.92367   1.000 36.38005 ? 3   DT    A "C3'"  1 
ATOM   70  O  "O3'"  . DT    A 1 3  ? -16.09019 -10.06922 6.72541   1.000 39.87729 ? 3   DT    A "O3'"  1 
ATOM   71  C  "C2'"  . DT    A 1 3  ? -15.97591 -8.87564  4.60365   1.000 33.46982 ? 3   DT    A "C2'"  1 
ATOM   72  C  "C1'"  . DT    A 1 3  ? -16.89117 -9.52785  3.54404   1.000 38.94620 ? 3   DT    A "C1'"  1 
ATOM   73  N  N1     . DT    A 1 3  ? -17.01436 -8.78582  2.25393   1.000 36.90073 ? 3   DT    A N1     1 
ATOM   74  C  C2     . DT    A 1 3  ? -16.60719 -9.39146  1.07562   1.000 37.83702 ? 3   DT    A C2     1 
ATOM   75  O  O2     . DT    A 1 3  ? -16.12056 -10.49857 1.04228   1.000 37.23504 ? 3   DT    A O2     1 
ATOM   76  N  N3     . DT    A 1 3  ? -16.74297 -8.62438  -0.05175  1.000 37.12936 ? 3   DT    A N3     1 
ATOM   77  C  C4     . DT    A 1 3  ? -17.26953 -7.36475  -0.12879  1.000 43.09682 ? 3   DT    A C4     1 
ATOM   78  O  O4     . DT    A 1 3  ? -17.41729 -6.77840  -1.19715  1.000 34.93123 ? 3   DT    A O4     1 
ATOM   79  C  C5     . DT    A 1 3  ? -17.70449 -6.79478  1.12924   1.000 38.44324 ? 3   DT    A C5     1 
ATOM   80  C  C7     . DT    A 1 3  ? -18.31332 -5.41977  1.15613   1.000 35.46668 ? 3   DT    A C7     1 
ATOM   81  C  C6     . DT    A 1 3  ? -17.51941 -7.50348  2.24765   1.000 35.31118 ? 3   DT    A C6     1 
ATOM   82  H  "H5'"  . DT    A 1 3  ? -20.06752 -9.23264  5.72788   1.000 46.84003 ? 3   DT    A "H5'"  1 
ATOM   83  H  "H5''" . DT    A 1 3  ? -19.23795 -8.92768  7.03679   1.000 46.84003 ? 3   DT    A "H5''" 1 
ATOM   84  H  "H4'"  . DT    A 1 3  ? -18.13614 -10.57917 5.80331   1.000 45.31585 ? 3   DT    A "H4'"  1 
ATOM   85  H  "H3'"  . DT    A 1 3  ? -16.78665 -8.25643  6.37187   1.000 43.69601 ? 3   DT    A "H3'"  1 
ATOM   86  H  "H2'"  . DT    A 1 3  ? -15.86879 -7.92689  4.43246   1.000 40.20374 ? 3   DT    A "H2'"  1 
ATOM   87  H  "H2''" . DT    A 1 3  ? -15.10160 -9.29565  4.61230   1.000 40.20374 ? 3   DT    A "H2''" 1 
ATOM   88  H  "H1'"  . DT    A 1 3  ? -16.54487 -10.41716 3.37054   1.000 46.77540 ? 3   DT    A "H1'"  1 
ATOM   89  H  H3     . DT    A 1 3  ? -16.46794 -8.97192  -0.78876  1.000 44.59519 ? 3   DT    A H3     1 
ATOM   90  H  H71    . DT    A 1 3  ? -17.86965 -4.86498  0.49562   1.000 42.59998 ? 3   DT    A H71    1 
ATOM   91  H  H72    . DT    A 1 3  ? -19.25844 -5.48876  0.94909   1.000 42.59998 ? 3   DT    A H72    1 
ATOM   92  H  H73    . DT    A 1 3  ? -18.19535 -5.03941  2.04062   1.000 42.59998 ? 3   DT    A H73    1 
ATOM   93  H  H6     . DT    A 1 3  ? -17.74238 -7.11200  3.06125   1.000 42.41337 ? 3   DT    A H6     1 
ATOM   94  P  P      . DG    A 1 4  ? -14.60570 -9.86560  7.21801   1.000 43.90215 ? 4   DG    A P      1 
ATOM   95  O  OP1    . DG    A 1 4  ? -14.54756 -10.49816 8.55835   1.000 42.02226 ? 4   DG    A OP1    1 
ATOM   96  O  OP2    . DG    A 1 4  ? -14.26716 -8.39814  7.09738   1.000 39.89745 ? 4   DG    A OP2    1 
ATOM   97  O  "O5'"  . DG    A 1 4  ? -13.76445 -10.55965 6.10286   1.000 36.79688 ? 4   DG    A "O5'"  1 
ATOM   98  C  "C5'"  . DG    A 1 4  ? -13.94118 -11.86033 5.78209   1.000 32.27765 ? 4   DG    A "C5'"  1 
ATOM   99  C  "C4'"  . DG    A 1 4  ? -12.87036 -12.35276 4.86665   1.000 30.22584 ? 4   DG    A "C4'"  1 
ATOM   100 O  "O4'"  . DG    A 1 4  ? -12.95341 -11.70893 3.56973   1.000 31.05987 ? 4   DG    A "O4'"  1 
ATOM   101 C  "C3'"  . DG    A 1 4  ? -11.44403 -12.10442 5.31840   1.000 32.97843 ? 4   DG    A "C3'"  1 
ATOM   102 O  "O3'"  . DG    A 1 4  ? -10.65893 -13.13229 4.83718   1.000 30.35544 ? 4   DG    A "O3'"  1 
ATOM   103 C  "C2'"  . DG    A 1 4  ? -11.06379 -10.78093 4.66650   1.000 33.57973 ? 4   DG    A "C2'"  1 
ATOM   104 C  "C1'"  . DG    A 1 4  ? -11.79708 -10.85493 3.34465   1.000 33.58396 ? 4   DG    A "C1'"  1 
ATOM   105 N  N9     . DG    A 1 4  ? -12.30296 -9.60412  2.84575   1.000 32.62720 ? 4   DG    A N9     1 
ATOM   106 C  C8     . DG    A 1 4  ? -12.81564 -8.55403  3.57416   1.000 34.65985 ? 4   DG    A C8     1 
ATOM   107 N  N7     . DG    A 1 4  ? -13.26105 -7.59120  2.83814   1.000 36.56015 ? 4   DG    A N7     1 
ATOM   108 C  C5     . DG    A 1 4  ? -13.05657 -8.03715  1.53743   1.000 32.61084 ? 4   DG    A C5     1 
ATOM   109 C  C6     . DG    A 1 4  ? -13.41959 -7.43325  0.29706   1.000 37.99727 ? 4   DG    A C6     1 
ATOM   110 O  O6     . DG    A 1 4  ? -13.96011 -6.35859  0.09777   1.000 39.91616 ? 4   DG    A O6     1 
ATOM   111 N  N1     . DG    A 1 4  ? -13.10278 -8.23633  -0.77366  1.000 45.07537 ? 4   DG    A N1     1 
ATOM   112 C  C2     . DG    A 1 4  ? -12.52432 -9.48778  -0.67157  1.000 27.52192 ? 4   DG    A C2     1 
ATOM   113 N  N2     . DG    A 1 4  ? -12.28081 -10.10526 -1.83825  1.000 41.23528 ? 4   DG    A N2     1 
ATOM   114 N  N3     . DG    A 1 4  ? -12.19853 -10.07334 0.47972   1.000 33.31858 ? 4   DG    A N3     1 
ATOM   115 C  C4     . DG    A 1 4  ? -12.51668 -9.28796  1.53297   1.000 29.93394 ? 4   DG    A C4     1 
ATOM   116 H  "H5'"  . DG    A 1 4  ? -14.80186 -11.96470 5.34709   1.000 38.77313 ? 4   DG    A "H5'"  1 
ATOM   117 H  "H5''" . DG    A 1 4  ? -13.93146 -12.39054 6.59430   1.000 38.77313 ? 4   DG    A "H5''" 1 
ATOM   118 H  "H4'"  . DG    A 1 4  ? -13.01405 -13.30536 4.75349   1.000 36.31097 ? 4   DG    A "H4'"  1 
ATOM   119 H  "H3'"  . DG    A 1 4  ? -11.40063 -12.01308 6.28312   1.000 39.61408 ? 4   DG    A "H3'"  1 
ATOM   120 H  "H2'"  . DG    A 1 4  ? -11.36452 -10.02612 5.19632   1.000 40.33564 ? 4   DG    A "H2'"  1 
ATOM   121 H  "H2''" . DG    A 1 4  ? -10.10498 -10.71320 4.53606   1.000 40.33564 ? 4   DG    A "H2''" 1 
ATOM   122 H  "H1'"  . DG    A 1 4  ? -11.19018 -11.23821 2.69222   1.000 40.34071 ? 4   DG    A "H1'"  1 
ATOM   123 H  H8     . DG    A 1 4  ? -12.83878 -8.53973  4.50376   1.000 41.63178 ? 4   DG    A H8     1 
ATOM   124 H  H1     . DG    A 1 4  ? -13.27670 -7.93920  -1.56174  1.000 54.13040 ? 4   DG    A H1     1 
ATOM   125 H  H21    . DG    A 1 4  ? -11.91284 -10.88254 -1.84480  1.000 49.52230 ? 4   DG    A H21    1 
ATOM   126 H  H22    . DG    A 1 4  ? -12.49276 -9.72360  -2.57922  1.000 49.52230 ? 4   DG    A H22    1 
ATOM   127 P  P      . DG    A 1 5  ? -9.13856  -13.35713 5.29959   1.000 34.03853 ? 5   DG    A P      1 
ATOM   128 O  OP1    . DG    A 1 5  ? -8.95027  -14.79309 5.08014   1.000 34.76296 ? 5   DG    A OP1    1 
ATOM   129 O  OP2    . DG    A 1 5  ? -8.81524  -12.79320 6.61564   1.000 31.84226 ? 5   DG    A OP2    1 
ATOM   130 O  "O5'"  . DG    A 1 5  ? -8.26880  -12.57717 4.21448   1.000 27.67490 ? 5   DG    A "O5'"  1 
ATOM   131 C  "C5'"  . DG    A 1 5  ? -8.36690  -12.92234 2.84961   1.000 33.36482 ? 5   DG    A "C5'"  1 
ATOM   132 C  "C4'"  . DG    A 1 5  ? -7.83748  -11.87240 1.93653   1.000 29.60265 ? 5   DG    A "C4'"  1 
ATOM   133 O  "O4'"  . DG    A 1 5  ? -8.77395  -10.78782 1.87250   1.000 31.55705 ? 5   DG    A "O4'"  1 
ATOM   134 C  "C3'"  . DG    A 1 5  ? -6.49013  -11.24830 2.35674   1.000 26.82837 ? 5   DG    A "C3'"  1 
ATOM   135 O  "O3'"  . DG    A 1 5  ? -5.65674  -11.12096 1.23317   1.000 31.08713 ? 5   DG    A "O3'"  1 
ATOM   136 C  "C2'"  . DG    A 1 5  ? -6.91566  -9.91511  2.87436   1.000 25.42893 ? 5   DG    A "C2'"  1 
ATOM   137 C  "C1'"  . DG    A 1 5  ? -7.99736  -9.59289  1.84686   1.000 22.84404 ? 5   DG    A "C1'"  1 
ATOM   138 N  N9     . DG    A 1 5  ? -8.76534  -8.39353  2.08087   1.000 27.55311 ? 5   DG    A N9     1 
ATOM   139 C  C8     . DG    A 1 5  ? -9.04581  -7.77249  3.28116   1.000 28.24568 ? 5   DG    A C8     1 
ATOM   140 N  N7     . DG    A 1 5  ? -9.72328  -6.66247  3.14158   1.000 32.55324 ? 5   DG    A N7     1 
ATOM   141 C  C5     . DG    A 1 5  ? -9.93208  -6.56390  1.75571   1.000 29.99066 ? 5   DG    A C5     1 
ATOM   142 C  C6     . DG    A 1 5  ? -10.57378 -5.55921  0.99618   1.000 36.14341 ? 5   DG    A C6     1 
ATOM   143 O  O6     . DG    A 1 5  ? -11.15291 -4.52184  1.40068   1.000 42.19820 ? 5   DG    A O6     1 
ATOM   144 N  N1     . DG    A 1 5  ? -10.52620 -5.85371  -0.37099  1.000 40.13643 ? 5   DG    A N1     1 
ATOM   145 C  C2     . DG    A 1 5  ? -9.90662  -6.96546  -0.90504  1.000 32.76451 ? 5   DG    A C2     1 
ATOM   146 N  N2     . DG    A 1 5  ? -9.93771  -7.09371  -2.21454  1.000 32.05341 ? 5   DG    A N2     1 
ATOM   147 N  N3     . DG    A 1 5  ? -9.28510  -7.85972  -0.21206  1.000 32.78713 ? 5   DG    A N3     1 
ATOM   148 C  C4     . DG    A 1 5  ? -9.33647  -7.60031  1.10967   1.000 28.44845 ? 5   DG    A C4     1 
ATOM   149 H  "H5'"  . DG    A 1 5  ? -9.30035  -13.07667 2.63564   1.000 40.07774 ? 5   DG    A "H5'"  1 
ATOM   150 H  "H5''" . DG    A 1 5  ? -7.86921  -13.74154 2.70092   1.000 40.07774 ? 5   DG    A "H5''" 1 
ATOM   151 H  "H4'"  . DG    A 1 5  ? -7.73246  -12.24884 1.04875   1.000 35.56314 ? 5   DG    A "H4'"  1 
ATOM   152 H  "H3'"  . DG    A 1 5  ? -6.05927  -11.77128 3.05082   1.000 32.23401 ? 5   DG    A "H3'"  1 
ATOM   153 H  "H2'"  . DG    A 1 5  ? -7.27146  -9.96916  3.77514   1.000 30.55467 ? 5   DG    A "H2'"  1 
ATOM   154 H  "H2''" . DG    A 1 5  ? -6.19239  -9.26894  2.85874   1.000 30.55467 ? 5   DG    A "H2''" 1 
ATOM   155 H  "H1'"  . DG    A 1 5  ? -7.63991  -9.44280  0.95770   1.000 27.21305 ? 5   DG    A "H1'"  1 
ATOM   156 H  H8     . DG    A 1 5  ? -8.77983  -8.10943  4.10616   1.000 33.93477 ? 5   DG    A H8     1 
ATOM   157 H  H1     . DG    A 1 5  ? -10.90778 -5.30648  -0.91370  1.000 48.20367 ? 5   DG    A H1     1 
ATOM   158 H  H21    . DG    A 1 5  ? -9.54917  -7.76253  -2.59045  1.000 38.50405 ? 5   DG    A H21    1 
ATOM   159 H  H22    . DG    A 1 5  ? -10.34657 -6.50867  -2.69431  1.000 38.50405 ? 5   DG    A H22    1 
ATOM   160 P  P      . DA    A 1 6  ? -4.81784  -12.37240 0.75656   1.000 28.74401 ? 6   DA    A P      1 
ATOM   161 O  OP1    . DA    A 1 6  ? -5.48293  -13.62865 1.16337   1.000 33.46678 ? 6   DA    A OP1    1 
ATOM   162 O  OP2    . DA    A 1 6  ? -3.41874  -12.37662 1.39121   1.000 32.47658 ? 6   DA    A OP2    1 
ATOM   163 O  "O5'"  . DA    A 1 6  ? -4.65782  -12.10453 -0.72906  1.000 21.73846 ? 6   DA    A "O5'"  1 
ATOM   164 C  "C5'"  . DA    A 1 6  ? -5.69693  -12.42573 -1.69642  1.000 32.53504 ? 6   DA    A "C5'"  1 
ATOM   165 C  "C4'"  . DA    A 1 6  ? -5.47460  -11.65492 -2.98535  1.000 31.60584 ? 6   DA    A "C4'"  1 
ATOM   166 O  "O4'"  . DA    A 1 6  ? -6.08246  -10.34007 -2.91649  1.000 32.92379 ? 6   DA    A "O4'"  1 
ATOM   167 C  "C3'"  . DA    A 1 6  ? -4.02638  -11.45128 -3.36859  1.000 38.29828 ? 6   DA    A "C3'"  1 
ATOM   168 O  "O3'"  . DA    A 1 6  ? -3.91720  -11.72746 -4.69869  1.000 32.48815 ? 6   DA    A "O3'"  1 
ATOM   169 C  "C2'"  . DA    A 1 6  ? -3.72821  -9.99107  -2.99558  1.000 25.12658 ? 6   DA    A "C2'"  1 
ATOM   170 C  "C1'"  . DA    A 1 6  ? -5.09407  -9.31211  -3.04118  1.000 31.57878 ? 6   DA    A "C1'"  1 
ATOM   171 N  N9     . DA    A 1 6  ? -5.34109  -8.36059  -1.96515  1.000 33.39397 ? 6   DA    A N9     1 
ATOM   172 C  C8     . DA    A 1 6  ? -5.11817  -8.53305  -0.62063  1.000 29.75816 ? 6   DA    A C8     1 
ATOM   173 N  N7     . DA    A 1 6  ? -5.57282  -7.55351  0.11376   1.000 27.41409 ? 6   DA    A N7     1 
ATOM   174 C  C5     . DA    A 1 6  ? -6.05200  -6.66393  -0.82249  1.000 30.35827 ? 6   DA    A C5     1 
ATOM   175 C  C6     . DA    A 1 6  ? -6.63437  -5.39453  -0.69682  1.000 34.48444 ? 6   DA    A C6     1 
ATOM   176 N  N6     . DA    A 1 6  ? -6.81176  -4.81733  0.47972   1.000 41.38770 ? 6   DA    A N6     1 
ATOM   177 N  N1     . DA    A 1 6  ? -7.05378  -4.75428  -1.82476  1.000 37.96098 ? 6   DA    A N1     1 
ATOM   178 C  C2     . DA    A 1 6  ? -6.89955  -5.37100  -3.00960  1.000 42.38098 ? 6   DA    A C2     1 
ATOM   179 N  N3     . DA    A 1 6  ? -6.37930  -6.57570  -3.25674  1.000 33.31011 ? 6   DA    A N3     1 
ATOM   180 C  C4     . DA    A 1 6  ? -5.93141  -7.15836  -2.09611  1.000 28.79107 ? 6   DA    A C4     1 
ATOM   181 H  "H5'"  . DA    A 1 6  ? -6.56317  -12.19250 -1.32744  1.000 39.08201 ? 6   DA    A "H5'"  1 
ATOM   182 H  "H5''" . DA    A 1 6  ? -5.67922  -13.37735 -1.88353  1.000 39.08201 ? 6   DA    A "H5''" 1 
ATOM   183 H  "H4'"  . DA    A 1 6  ? -5.91842  -12.12909 -3.70583  1.000 37.96697 ? 6   DA    A "H4'"  1 
ATOM   184 H  "H3'"  . DA    A 1 6  ? -3.42473  -11.99995 -2.84145  1.000 45.99789 ? 6   DA    A "H3'"  1 
ATOM   185 H  "H2'"  . DA    A 1 6  ? -3.34099  -9.93195  -2.10819  1.000 30.19186 ? 6   DA    A "H2'"  1 
ATOM   186 H  "H2''" . DA    A 1 6  ? -3.11893  -9.58766  -3.63351  1.000 30.19186 ? 6   DA    A "H2''" 1 
ATOM   187 H  "H1'"  . DA    A 1 6  ? -5.17053  -8.86769  -3.89998  1.000 37.93449 ? 6   DA    A "H1'"  1 
ATOM   188 H  H8     . DA    A 1 6  ? -4.68495  -9.27623  -0.26720  1.000 35.74975 ? 6   DA    A H8     1 
ATOM   189 H  H61    . DA    A 1 6  ? -7.18843  -4.04570  0.52771   1.000 49.70520 ? 6   DA    A H61    1 
ATOM   190 H  H62    . DA    A 1 6  ? -6.55043  -5.21360  1.19685   1.000 49.70520 ? 6   DA    A H62    1 
ATOM   191 H  H2     . DA    A 1 6  ? -7.19344  -4.89686  -3.75372  1.000 50.89714 ? 6   DA    A H2     1 
ATOM   192 P  P      . DT    A 1 7  ? -2.61194  -11.40397 -5.56958  1.000 33.19071 ? 7   DT    A P      1 
ATOM   193 O  OP1    . DT    A 1 7  ? -2.83081  -11.98806 -6.88374  1.000 34.20717 ? 7   DT    A OP1    1 
ATOM   194 O  OP2    . DT    A 1 7  ? -1.38209  -11.70056 -4.77194  1.000 37.72720 ? 7   DT    A OP2    1 
ATOM   195 O  "O5'"  . DT    A 1 7  ? -2.61451  -9.82078  -5.61281  1.000 35.76690 ? 7   DT    A "O5'"  1 
ATOM   196 C  "C5'"  . DT    A 1 7  ? -3.25553  -9.17025  -6.64210  1.000 32.35598 ? 7   DT    A "C5'"  1 
ATOM   197 C  "C4'"  . DT    A 1 7  ? -3.17424  -7.66476  -6.55187  1.000 36.79048 ? 7   DT    A "C4'"  1 
ATOM   198 O  "O4'"  . DT    A 1 7  ? -3.51625  -7.21241  -5.23454  1.000 36.12922 ? 7   DT    A "O4'"  1 
ATOM   199 C  "C3'"  . DT    A 1 7  ? -1.78793  -7.08930  -6.86547  1.000 31.46531 ? 7   DT    A "C3'"  1 
ATOM   200 O  "O3'"  . DT    A 1 7  ? -1.82246  -6.58826  -8.18635  1.000 42.36028 ? 7   DT    A "O3'"  1 
ATOM   201 C  "C2'"  . DT    A 1 7  ? -1.58254  -6.02730  -5.77273  1.000 35.88749 ? 7   DT    A "C2'"  1 
ATOM   202 C  "C1'"  . DT    A 1 7  ? -2.96080  -5.92743  -5.10535  1.000 37.77689 ? 7   DT    A "C1'"  1 
ATOM   203 N  N1     . DT    A 1 7  ? -2.95113  -5.58440  -3.69117  1.000 25.88803 ? 7   DT    A N1     1 
ATOM   204 C  C2     . DT    A 1 7  ? -3.50041  -4.41419  -3.30561  1.000 31.06680 ? 7   DT    A C2     1 
ATOM   205 O  O2     . DT    A 1 7  ? -4.02164  -3.66122  -4.06371  1.000 39.70958 ? 7   DT    A O2     1 
ATOM   206 N  N3     . DT    A 1 7  ? -3.48272  -4.19525  -1.94815  1.000 31.63985 ? 7   DT    A N3     1 
ATOM   207 C  C4     . DT    A 1 7  ? -2.95548  -4.99469  -0.98475  1.000 38.68324 ? 7   DT    A C4     1 
ATOM   208 O  O4     . DT    A 1 7  ? -2.97679  -4.70044  0.23925   1.000 41.51303 ? 7   DT    A O4     1 
ATOM   209 C  C5     . DT    A 1 7  ? -2.37677  -6.20737  -1.46715  1.000 31.82124 ? 7   DT    A C5     1 
ATOM   210 C  C7     . DT    A 1 7  ? -1.78226  -7.14675  -0.50342  1.000 41.45691 ? 7   DT    A C7     1 
ATOM   211 C  C6     . DT    A 1 7  ? -2.38593  -6.43786  -2.77668  1.000 30.84533 ? 7   DT    A C6     1 
ATOM   212 H  "H5'"  . DT    A 1 7  ? -4.19028  -9.42931  -6.63565  1.000 38.86713 ? 7   DT    A "H5'"  1 
ATOM   213 H  "H5''" . DT    A 1 7  ? -2.85586  -9.45075  -7.48024  1.000 38.86713 ? 7   DT    A "H5''" 1 
ATOM   214 H  "H4'"  . DT    A 1 7  ? -3.82499  -7.27813  -7.15845  1.000 44.18854 ? 7   DT    A "H4'"  1 
ATOM   215 H  "H3'"  . DT    A 1 7  ? -1.07579  -7.74028  -6.76546  1.000 37.79833 ? 7   DT    A "H3'"  1 
ATOM   216 H  "H2'"  . DT    A 1 7  ? -0.90659  -6.30823  -5.13628  1.000 43.10495 ? 7   DT    A "H2'"  1 
ATOM   217 H  "H2''" . DT    A 1 7  ? -1.31942  -5.17693  -6.15815  1.000 43.10495 ? 7   DT    A "H2''" 1 
ATOM   218 H  "H1'"  . DT    A 1 7  ? -3.48873  -5.26003  -5.57094  1.000 45.37223 ? 7   DT    A "H1'"  1 
ATOM   219 H  H3     . DT    A 1 7  ? -3.84881  -3.46583  -1.67702  1.000 38.00778 ? 7   DT    A H3     1 
ATOM   220 H  H71    . DT    A 1 7  ? -2.24266  -7.99814  -0.56715  1.000 49.78825 ? 7   DT    A H71    1 
ATOM   221 H  H72    . DT    A 1 7  ? -0.84243  -7.26238  -0.71377  1.000 49.78825 ? 7   DT    A H72    1 
ATOM   222 H  H73    . DT    A 1 7  ? -1.87886  -6.78463  0.39126   1.000 49.78825 ? 7   DT    A H73    1 
ATOM   223 H  H6     . DT    A 1 7  ? -1.98852  -7.21834  -3.08943  1.000 37.05436 ? 7   DT    A H6     1 
ATOM   224 P  P      . DT    A 1 8  ? -0.46777  -6.17094  -8.94712  1.000 44.28194 ? 8   DT    A P      1 
ATOM   225 O  OP1    . DT    A 1 8  ? -0.78157  -6.32935  -10.37723 1.000 51.02641 ? 8   DT    A OP1    1 
ATOM   226 O  OP2    . DT    A 1 8  ? 0.58633   -6.92120  -8.25420  1.000 37.12384 ? 8   DT    A OP2    1 
ATOM   227 O  "O5'"  . DT    A 1 8  ? -0.33640  -4.64590  -8.59977  1.000 45.37385 ? 8   DT    A "O5'"  1 
ATOM   228 C  "C5'"  . DT    A 1 8  ? -1.38528  -3.83041  -8.89764  1.000 37.30728 ? 8   DT    A "C5'"  1 
ATOM   229 C  "C4'"  . DT    A 1 8  ? -1.23953  -2.53972  -8.17232  1.000 43.19619 ? 8   DT    A "C4'"  1 
ATOM   230 O  "O4'"  . DT    A 1 8  ? -1.29065  -2.77293  -6.78408  1.000 45.62436 ? 8   DT    A "O4'"  1 
ATOM   231 C  "C3'"  . DT    A 1 8  ? 0.08106   -1.86146  -8.39953  1.000 51.65372 ? 8   DT    A "C3'"  1 
ATOM   232 O  "O3'"  . DT    A 1 8  ? -0.12902  -0.81514  -9.26056  1.000 68.48403 ? 8   DT    A "O3'"  1 
ATOM   233 C  "C2'"  . DT    A 1 8  ? 0.52690   -1.40046  -7.01102  1.000 57.21971 ? 8   DT    A "C2'"  1 
ATOM   234 C  "C1'"  . DT    A 1 8  ? -0.66569  -1.72649  -6.14025  1.000 47.37765 ? 8   DT    A "C1'"  1 
ATOM   235 N  N1     . DT    A 1 8  ? -0.37945  -2.18843  -4.76992  1.000 42.42257 ? 8   DT    A N1     1 
ATOM   236 C  C2     . DT    A 1 8  ? -0.91247  -1.48872  -3.71738  1.000 35.92632 ? 8   DT    A C2     1 
ATOM   237 O  O2     . DT    A 1 8  ? -1.54104  -0.44583  -3.87266  1.000 50.62782 ? 8   DT    A O2     1 
ATOM   238 N  N3     . DT    A 1 8  ? -0.63902  -2.01071  -2.47610  1.000 44.34909 ? 8   DT    A N3     1 
ATOM   239 C  C4     . DT    A 1 8  ? 0.06427   -3.14789  -2.20361  1.000 30.81212 ? 8   DT    A C4     1 
ATOM   240 O  O4     . DT    A 1 8  ? 0.23437   -3.55147  -1.05804  1.000 49.85184 ? 8   DT    A O4     1 
ATOM   241 C  C5     . DT    A 1 8  ? 0.58806   -3.84234  -3.37574  1.000 36.02623 ? 8   DT    A C5     1 
ATOM   242 C  C7     . DT    A 1 8  ? 1.35400   -5.10892  -3.22056  1.000 36.86617 ? 8   DT    A C7     1 
ATOM   243 C  C6     . DT    A 1 8  ? 0.32324   -3.33661  -4.58230  1.000 40.67414 ? 8   DT    A C6     1 
ATOM   244 H  "H5'"  . DT    A 1 8  ? -2.21437  -4.25898  -8.63336  1.000 44.80869 ? 8   DT    A "H5'"  1 
ATOM   245 H  "H5''" . DT    A 1 8  ? -1.40600  -3.66478  -9.85317  1.000 44.80869 ? 8   DT    A "H5''" 1 
ATOM   246 H  "H4'"  . DT    A 1 8  ? -1.96599  -1.94652  -8.41986  1.000 51.87539 ? 8   DT    A "H4'"  1 
ATOM   247 H  "H3'"  . DT    A 1 8  ? 0.74419   -2.48555  -8.73369  1.000 62.02443 ? 8   DT    A "H3'"  1 
ATOM   248 H  "H2'"  . DT    A 1 8  ? 1.31601   -1.88292  -6.71870  1.000 68.70361 ? 8   DT    A "H2'"  1 
ATOM   249 H  "H2''" . DT    A 1 8  ? 0.71701   -0.44931  -7.00233  1.000 68.70361 ? 8   DT    A "H2''" 1 
ATOM   250 H  "H1'"  . DT    A 1 8  ? -1.21709  -0.93074  -6.07989  1.000 56.89313 ? 8   DT    A "H1'"  1 
ATOM   251 H  H3     . DT    A 1 8  ? -0.94307  -1.57496  -1.79988  1.000 53.25887 ? 8   DT    A H3     1 
ATOM   252 H  H71    . DT    A 1 8  ? 0.89568   -5.81603  -3.70103  1.000 44.27936 ? 8   DT    A H71    1 
ATOM   253 H  H72    . DT    A 1 8  ? 2.24492   -4.98575  -3.58388  1.000 44.27936 ? 8   DT    A H72    1 
ATOM   254 H  H73    . DT    A 1 8  ? 1.40898   -5.33127  -2.27799  1.000 44.27936 ? 8   DT    A H73    1 
ATOM   255 H  H6     . DT    A 1 8  ? 0.63470   -3.79203  -5.33097  1.000 48.84893 ? 8   DT    A H6     1 
ATOM   256 P  P      . DA    A 1 9  ? 1.08920   -0.07656  -9.97214  1.000 58.81926 ? 9   DA    A P      1 
ATOM   257 O  OP1    . DA    A 1 9  ? 0.57823   -0.09098  -11.34294 1.000 54.20856 ? 9   DA    A OP1    1 
ATOM   258 O  OP2    . DA    A 1 9  ? 2.43991   -0.62580  -9.66408  1.000 62.33652 ? 9   DA    A OP2    1 
ATOM   259 O  "O5'"  . DA    A 1 9  ? 0.95241   1.39419   -9.40809  1.000 67.20543 ? 9   DA    A "O5'"  1 
ATOM   260 C  "C5'"  . DA    A 1 9  ? -0.34802  1.89286   -9.17304  1.000 53.18408 ? 9   DA    A "C5'"  1 
ATOM   261 C  "C4'"  . DA    A 1 9  ? -0.27688  3.06779   -8.23328  1.000 53.34915 ? 9   DA    A "C4'"  1 
ATOM   262 O  "O4'"  . DA    A 1 9  ? -0.11725  2.61941   -6.86405  1.000 47.63097 ? 9   DA    A "O4'"  1 
ATOM   263 C  "C3'"  . DA    A 1 9  ? 0.88231   3.98957   -8.52071  1.000 55.75766 ? 9   DA    A "C3'"  1 
ATOM   264 O  "O3'"  . DA    A 1 9  ? 0.41446   5.31771   -8.45805  1.000 63.69451 ? 9   DA    A "O3'"  1 
ATOM   265 C  "C2'"  . DA    A 1 9  ? 1.92600   3.63628   -7.45820  1.000 53.89809 ? 9   DA    A "C2'"  1 
ATOM   266 C  "C1'"  . DA    A 1 9  ? 1.09881   3.06855   -6.30394  1.000 54.04831 ? 9   DA    A "C1'"  1 
ATOM   267 N  N9     . DA    A 1 9  ? 1.68928   1.93633   -5.59486  1.000 49.80136 ? 9   DA    A N9     1 
ATOM   268 C  C8     . DA    A 1 9  ? 2.44519   0.93142   -6.11487  1.000 45.21484 ? 9   DA    A C8     1 
ATOM   269 N  N7     . DA    A 1 9  ? 2.81125   0.02621   -5.24028  1.000 41.83654 ? 9   DA    A N7     1 
ATOM   270 C  C5     . DA    A 1 9  ? 2.24689   0.45734   -4.05775  1.000 44.99386 ? 9   DA    A C5     1 
ATOM   271 C  C6     . DA    A 1 9  ? 2.24866   -0.07500  -2.74988  1.000 44.46205 ? 9   DA    A C6     1 
ATOM   272 N  N6     . DA    A 1 9  ? 2.84940   -1.20706  -2.40933  1.000 43.59687 ? 9   DA    A N6     1 
ATOM   273 N  N1     . DA    A 1 9  ? 1.60989   0.61948   -1.80267  1.000 39.22765 ? 9   DA    A N1     1 
ATOM   274 C  C2     . DA    A 1 9  ? 0.99072   1.74373   -2.14118  1.000 47.47167 ? 9   DA    A C2     1 
ATOM   275 N  N3     . DA    A 1 9  ? 0.87517   2.32712   -3.33966  1.000 47.38804 ? 9   DA    A N3     1 
ATOM   276 C  C4     . DA    A 1 9  ? 1.54203   1.62577   -4.25993  1.000 46.72178 ? 9   DA    A C4     1 
ATOM   277 H  "H5'"  . DA    A 1 9  ? -0.89688  1.19600   -8.78054  1.000 63.86085 ? 9   DA    A "H5'"  1 
ATOM   278 H  "H5''" . DA    A 1 9  ? -0.74521  2.17234   -10.01270 1.000 63.86085 ? 9   DA    A "H5''" 1 
ATOM   279 H  "H4'"  . DA    A 1 9  ? -1.10951  3.56425   -8.26756  1.000 64.05894 ? 9   DA    A "H4'"  1 
ATOM   280 H  "H3'"  . DA    A 1 9  ? 1.28361   3.80394   -9.38408  1.000 66.94916 ? 9   DA    A "H3'"  1 
ATOM   281 H  "H2'"  . DA    A 1 9  ? 2.55286   2.97628   -7.79342  1.000 64.71767 ? 9   DA    A "H2'"  1 
ATOM   282 H  "H2''" . DA    A 1 9  ? 2.41701   4.42464   -7.17839  1.000 64.71767 ? 9   DA    A "H2''" 1 
ATOM   283 H  "H1'"  . DA    A 1 9  ? 0.94818   3.78947   -5.67268  1.000 64.89793 ? 9   DA    A "H1'"  1 
ATOM   284 H  H8     . DA    A 1 9  ? 2.68174   0.89038   -7.01334  1.000 54.29777 ? 9   DA    A H8     1 
ATOM   285 H  H61    . DA    A 1 9  ? 2.82268   -1.47968  -1.59412  1.000 52.35620 ? 9   DA    A H61    1 
ATOM   286 H  H62    . DA    A 1 9  ? 3.26571   -1.66862  -3.00368  1.000 52.35620 ? 9   DA    A H62    1 
ATOM   287 H  H2     . DA    A 1 9  ? 0.57523   2.19289   -1.44080  1.000 57.00596 ? 9   DA    A H2     1 
ATOM   288 P  P      . DA    A 1 10 ? 1.27593   6.54020   -8.98257  1.000 77.27472 ? 10  DA    A P      1 
ATOM   289 O  OP1    . DA    A 1 10 ? 0.26313   7.38695   -9.64087  1.000 59.56636 ? 10  DA    A OP1    1 
ATOM   290 O  OP2    . DA    A 1 10 ? 2.49507   6.09274   -9.71982  1.000 66.32305 ? 10  DA    A OP2    1 
ATOM   291 O  "O5'"  . DA    A 1 10 ? 1.64134   7.24081   -7.60450  1.000 47.49467 ? 10  DA    A "O5'"  1 
ATOM   292 C  "C5'"  . DA    A 1 10 ? 0.55471   7.70288   -6.83793  1.000 56.44089 ? 10  DA    A "C5'"  1 
ATOM   293 C  "C4'"  . DA    A 1 10 ? 0.96126   7.95643   -5.41340  1.000 47.83161 ? 10  DA    A "C4'"  1 
ATOM   294 O  "O4'"  . DA    A 1 10 ? 1.38842   6.73093   -4.81219  1.000 52.96116 ? 10  DA    A "O4'"  1 
ATOM   295 C  "C3'"  . DA    A 1 10 ? 2.12768   8.93045   -5.23842  1.000 53.38184 ? 10  DA    A "C3'"  1 
ATOM   296 O  "O3'"  . DA    A 1 10 ? 1.76052   9.89362   -4.31458  1.000 63.81241 ? 10  DA    A "O3'"  1 
ATOM   297 C  "C2'"  . DA    A 1 10 ? 3.27952   8.06312   -4.75836  1.000 52.97229 ? 10  DA    A "C2'"  1 
ATOM   298 C  "C1'"  . DA    A 1 10 ? 2.56904   6.93336   -4.05319  1.000 54.79775 ? 10  DA    A "C1'"  1 
ATOM   299 N  N9     . DA    A 1 10 ? 3.30451   5.66136   -4.02042  1.000 45.41333 ? 10  DA    A N9     1 
ATOM   300 C  C8     . DA    A 1 10 ? 3.89369   5.02996   -5.08054  1.000 47.05042 ? 10  DA    A C8     1 
ATOM   301 N  N7     . DA    A 1 10 ? 4.45204   3.88855   -4.78255  1.000 41.35593 ? 10  DA    A N7     1 
ATOM   302 C  C5     . DA    A 1 10 ? 4.20369   3.75204   -3.43387  1.000 40.22240 ? 10  DA    A C5     1 
ATOM   303 C  C6     . DA    A 1 10 ? 4.54000   2.75570   -2.54042  1.000 37.65687 ? 10  DA    A C6     1 
ATOM   304 N  N6     . DA    A 1 10 ? 5.19768   1.67112   -2.89409  1.000 43.25337 ? 10  DA    A N6     1 
ATOM   305 N  N1     . DA    A 1 10 ? 4.14186   2.89487   -1.26486  1.000 39.77376 ? 10  DA    A N1     1 
ATOM   306 C  C2     . DA    A 1 10 ? 3.45615   4.00516   -0.93615  1.000 44.45288 ? 10  DA    A C2     1 
ATOM   307 N  N3     . DA    A 1 10 ? 3.05923   5.01863   -1.71254  1.000 40.67426 ? 10  DA    A N3     1 
ATOM   308 C  C4     . DA    A 1 10 ? 3.48242   4.82969   -2.95306  1.000 46.02270 ? 10  DA    A C4     1 
ATOM   309 H  "H5'"  . DA    A 1 10 ? -0.15113  7.03771   -6.85357  1.000 67.76902 ? 10  DA    A "H5'"  1 
ATOM   310 H  "H5''" . DA    A 1 10 ? 0.22041   8.52722   -7.22472  1.000 67.76902 ? 10  DA    A "H5''" 1 
ATOM   311 H  "H4'"  . DA    A 1 10 ? 0.19546   8.29359   -4.92272  1.000 57.43789 ? 10  DA    A "H4'"  1 
ATOM   312 H  "H3'"  . DA    A 1 10 ? 2.38015   9.32591   -6.08740  1.000 64.09817 ? 10  DA    A "H3'"  1 
ATOM   313 H  "H2'"  . DA    A 1 10 ? 3.80847   7.73634   -5.50288  1.000 63.60670 ? 10  DA    A "H2'"  1 
ATOM   314 H  "H2''" . DA    A 1 10 ? 3.85733   8.55000   -4.15009  1.000 63.60670 ? 10  DA    A "H2''" 1 
ATOM   315 H  "H1'"  . DA    A 1 10 ? 2.37094   7.19404   -3.14011  1.000 65.79725 ? 10  DA    A "H1'"  1 
ATOM   316 H  H8     . DA    A 1 10 ? 3.89632   5.38370   -5.94064  1.000 56.50047 ? 10  DA    A H8     1 
ATOM   317 H  H61    . DA    A 1 10 ? 5.36770   1.06208   -2.31119  1.000 51.94401 ? 10  DA    A H61    1 
ATOM   318 H  H62    . DA    A 1 10 ? 5.45720   1.57182   -3.70795  1.000 51.94401 ? 10  DA    A H62    1 
ATOM   319 H  H2     . DA    A 1 10 ? 3.22473   4.07808   -0.03836  1.000 53.38341 ? 10  DA    A H2     1 
ATOM   320 P  P      . DT    A 1 11 ? 2.43784   11.33802  -4.31490  1.000 70.19381 ? 11  DT    A P      1 
ATOM   321 O  OP1    . DT    A 1 11 ? 1.27328   12.26610  -4.29839  1.000 65.54038 ? 11  DT    A OP1    1 
ATOM   322 O  OP2    . DT    A 1 11 ? 3.49732   11.45503  -5.36465  1.000 64.95671 ? 11  DT    A OP2    1 
ATOM   323 O  "O5'"  . DT    A 1 11 ? 3.18395   11.30805  -2.90608  1.000 58.68788 ? 11  DT    A "O5'"  1 
ATOM   324 C  "C5'"  . DT    A 1 11 ? 2.43029   11.06667  -1.77144  1.000 51.58850 ? 11  DT    A "C5'"  1 
ATOM   325 C  "C4'"  . DT    A 1 11 ? 3.24608   10.37185  -0.74675  1.000 49.56035 ? 11  DT    A "C4'"  1 
ATOM   326 O  "O4'"  . DT    A 1 11 ? 3.80054   9.15149   -1.28287  1.000 47.43500 ? 11  DT    A "O4'"  1 
ATOM   327 C  "C3'"  . DT    A 1 11 ? 4.42090   11.18209  -0.27998  1.000 44.55977 ? 11  DT    A "C3'"  1 
ATOM   328 O  "O3'"  . DT    A 1 11 ? 4.13624   11.75780  0.99806   1.000 49.33297 ? 11  DT    A "O3'"  1 
ATOM   329 C  "C2'"  . DT    A 1 11 ? 5.59331   10.19573  -0.25476  1.000 49.62151 ? 11  DT    A "C2'"  1 
ATOM   330 C  "C1'"  . DT    A 1 11 ? 4.92844   8.85053   -0.50751  1.000 55.63104 ? 11  DT    A "C1'"  1 
ATOM   331 N  N1     . DT    A 1 11 ? 5.75906   7.81464   -1.23136  1.000 38.16902 ? 11  DT    A N1     1 
ATOM   332 C  C2     . DT    A 1 11 ? 6.15219   6.68627   -0.52743  1.000 42.48660 ? 11  DT    A C2     1 
ATOM   333 O  O2     . DT    A 1 11 ? 5.92280   6.53705   0.67844   1.000 40.76220 ? 11  DT    A O2     1 
ATOM   334 N  N3     . DT    A 1 11 ? 6.84878   5.74499   -1.27956  1.000 37.35664 ? 11  DT    A N3     1 
ATOM   335 C  C4     . DT    A 1 11 ? 7.16415   5.82527   -2.63033  1.000 42.42015 ? 11  DT    A C4     1 
ATOM   336 O  O4     . DT    A 1 11 ? 7.79120   4.94222   -3.21114  1.000 42.79743 ? 11  DT    A O4     1 
ATOM   337 C  C5     . DT    A 1 11 ? 6.70594   7.01956   -3.30866  1.000 44.51979 ? 11  DT    A C5     1 
ATOM   338 C  C7     . DT    A 1 11 ? 6.95243   7.17547   -4.76957  1.000 43.86332 ? 11  DT    A C7     1 
ATOM   339 C  C6     . DT    A 1 11 ? 6.00846   7.94087   -2.59464  1.000 49.31980 ? 11  DT    A C6     1 
ATOM   340 H  "H5'"  . DT    A 1 11 ? 1.66752   10.51430  -2.00377  1.000 61.94615 ? 11  DT    A "H5'"  1 
ATOM   341 H  "H5''" . DT    A 1 11 ? 2.11205   11.90941  -1.41170  1.000 61.94615 ? 11  DT    A "H5''" 1 
ATOM   342 H  "H4'"  . DT    A 1 11 ? 2.68386   10.12753  0.00499   1.000 59.51238 ? 11  DT    A "H4'"  1 
ATOM   343 H  "H3'"  . DT    A 1 11 ? 4.62599   11.87334  -0.92883  1.000 53.51169 ? 11  DT    A "H3'"  1 
ATOM   344 H  "H2'"  . DT    A 1 11 ? 6.23825   10.40229  -0.94924  1.000 59.58577 ? 11  DT    A "H2'"  1 
ATOM   345 H  "H2''" . DT    A 1 11 ? 6.04104   10.20763  0.60565   1.000 59.58577 ? 11  DT    A "H2''" 1 
ATOM   346 H  "H1'"  . DT    A 1 11 ? 4.67796   8.46058   0.34461   1.000 66.79720 ? 11  DT    A "H1'"  1 
ATOM   347 H  H3     . DT    A 1 11 ? 7.11178   5.03921   -0.86445  1.000 44.86793 ? 11  DT    A H3     1 
ATOM   348 H  H71    . DT    A 1 11 ? 6.10206   7.28351   -5.22355  1.000 52.67594 ? 11  DT    A H71    1 
ATOM   349 H  H72    . DT    A 1 11 ? 7.50660   7.95826   -4.91457  1.000 52.67594 ? 11  DT    A H72    1 
ATOM   350 H  H73    . DT    A 1 11 ? 7.40537   6.38377   -5.09968  1.000 52.67594 ? 11  DT    A H73    1 
ATOM   351 H  H6     . DT    A 1 11 ? 5.68243   8.69089   -3.03743  1.000 59.22372 ? 11  DT    A H6     1 
ATOM   352 P  P      . DC    A 1 12 ? 5.09725   12.89704  1.56187   1.000 63.65279 ? 12  DC    A P      1 
ATOM   353 O  OP1    . DC    A 1 12 ? 4.45626   13.67743  2.64125   1.000 55.44664 ? 12  DC    A OP1    1 
ATOM   354 O  OP2    . DC    A 1 12 ? 5.64529   13.54074  0.35461   1.000 63.20755 ? 12  DC    A OP2    1 
ATOM   355 O  "O5'"  . DC    A 1 12 ? 6.22391   12.02926  2.25244   1.000 59.01884 ? 12  DC    A "O5'"  1 
ATOM   356 C  "C5'"  . DC    A 1 12 ? 5.81652   11.08518  3.18148   1.000 59.89254 ? 12  DC    A "C5'"  1 
ATOM   357 C  "C4'"  . DC    A 1 12 ? 6.95171   10.20964  3.58074   1.000 54.98338 ? 12  DC    A "C4'"  1 
ATOM   358 O  "O4'"  . DC    A 1 12 ? 7.34724   9.41444   2.46054   1.000 52.48228 ? 12  DC    A "O4'"  1 
ATOM   359 C  "C3'"  . DC    A 1 12 ? 8.16984   10.97116  4.02248   1.000 51.12592 ? 12  DC    A "C3'"  1 
ATOM   360 O  "O3'"  . DC    A 1 12 ? 8.52908   10.54139  5.31761   1.000 60.51066 ? 12  DC    A "O3'"  1 
ATOM   361 C  "C2'"  . DC    A 1 12 ? 9.23499   10.63274  2.97420   1.000 58.61008 ? 12  DC    A "C2'"  1 
ATOM   362 C  "C1'"  . DC    A 1 12 ? 8.74456   9.31661   2.41582   1.000 48.36521 ? 12  DC    A "C1'"  1 
ATOM   363 N  N1     . DC    A 1 12 ? 9.15153   8.98797   0.94772   1.000 41.85859 ? 12  DC    A N1     1 
ATOM   364 C  C2     . DC    A 1 12 ? 9.52864   7.67680   0.62079   1.000 38.43812 ? 12  DC    A C2     1 
ATOM   365 O  O2     . DC    A 1 12 ? 9.58381   6.85172   1.50934   1.000 38.84411 ? 12  DC    A O2     1 
ATOM   366 N  N3     . DC    A 1 12 ? 9.86747   7.37741   -0.66429  1.000 41.82168 ? 12  DC    A N3     1 
ATOM   367 C  C4     . DC    A 1 12 ? 9.81904   8.30071   -1.60052  1.000 33.51410 ? 12  DC    A C4     1 
ATOM   368 N  N4     . DC    A 1 12 ? 10.11557  7.94294   -2.87021  1.000 40.34684 ? 12  DC    A N4     1 
ATOM   369 C  C5     . DC    A 1 12 ? 9.41951   9.63214   -1.31142  1.000 38.20851 ? 12  DC    A C5     1 
ATOM   370 C  C6     . DC    A 1 12 ? 9.08648   9.92869   -0.03788  1.000 46.51289 ? 12  DC    A C6     1 
ATOM   371 H  "H5'"  . DC    A 1 12 ? 5.11295   10.54015  2.79572   1.000 71.91101 ? 12  DC    A "H5'"  1 
ATOM   372 H  "H5''" . DC    A 1 12 ? 5.47073   11.53795  3.96655   1.000 71.91101 ? 12  DC    A "H5''" 1 
ATOM   373 H  "H4'"  . DC    A 1 12 ? 6.68159   9.60645   4.29074   1.000 66.02001 ? 12  DC    A "H4'"  1 
ATOM   374 H  "H3'"  . DC    A 1 12 ? 8.00559   11.92676  3.99524   1.000 61.39106 ? 12  DC    A "H3'"  1 
ATOM   375 H  "H2'"  . DC    A 1 12 ? 9.27853   11.31330  2.28438   1.000 70.37205 ? 12  DC    A "H2'"  1 
ATOM   376 H  "H2''" . DC    A 1 12 ? 10.11081  10.53820  3.38029   1.000 70.37205 ? 12  DC    A "H2''" 1 
ATOM   377 H  "H1'"  . DC    A 1 12 ? 9.08217   8.60046   2.97622   1.000 58.07821 ? 12  DC    A "H1'"  1 
ATOM   378 H  H41    . DC    A 1 12 ? 10.09071  8.52905   -3.49906  1.000 48.45617 ? 12  DC    A H41    1 
ATOM   379 H  H42    . DC    A 1 12 ? 10.32904  7.12925   -3.04897  1.000 48.45617 ? 12  DC    A H42    1 
ATOM   380 H  H5     . DC    A 1 12 ? 9.38831   10.27929  -1.97860  1.000 45.89017 ? 12  DC    A H5     1 
ATOM   381 H  H6     . DC    A 1 12 ? 8.80737   10.79067  0.17183   1.000 55.85543 ? 12  DC    A H6     1 
ATOM   382 P  P      . DC    A 1 13 ? 9.49583   11.43083  6.24214   1.000 63.78458 ? 13  DC    A P      1 
ATOM   383 O  OP1    . DC    A 1 13 ? 8.80355   11.27164  7.53881   1.000 64.30164 ? 13  DC    A OP1    1 
ATOM   384 O  OP2    . DC    A 1 13 ? 9.90992   12.74516  5.67779   1.000 48.81978 ? 13  DC    A OP2    1 
ATOM   385 O  "O5'"  . DC    A 1 13 ? 10.79956  10.52705  6.31654   1.000 55.61615 ? 13  DC    A "O5'"  1 
ATOM   386 C  "C5'"  . DC    A 1 13 ? 10.65212  9.18176   6.65644   1.000 48.76972 ? 13  DC    A "C5'"  1 
ATOM   387 C  "C4'"  . DC    A 1 13 ? 11.94407  8.42876   6.44737   1.000 46.41664 ? 13  DC    A "C4'"  1 
ATOM   388 O  "O4'"  . DC    A 1 13 ? 12.08502  8.06721   5.03634   1.000 47.11235 ? 13  DC    A "O4'"  1 
ATOM   389 C  "C3'"  . DC    A 1 13 ? 13.17879  9.23688   6.76994   1.000 44.28365 ? 13  DC    A "C3'"  1 
ATOM   390 O  "O3'"  . DC    A 1 13 ? 14.22763  8.38192   7.14809   1.000 56.72311 ? 13  DC    A "O3'"  1 
ATOM   391 C  "C2'"  . DC    A 1 13 ? 13.44718  9.89329   5.42362   1.000 50.14421 ? 13  DC    A "C2'"  1 
ATOM   392 C  "C1'"  . DC    A 1 13 ? 13.24405  8.68399   4.53081   1.000 45.90636 ? 13  DC    A "C1'"  1 
ATOM   393 N  N1     . DC    A 1 13 ? 13.08461  8.94872   3.06434   1.000 40.16992 ? 13  DC    A N1     1 
ATOM   394 C  C2     . DC    A 1 13 ? 13.35441  7.89880   2.21288   1.000 35.36223 ? 13  DC    A C2     1 
ATOM   395 O  O2     . DC    A 1 13 ? 13.66415  6.84006   2.71180   1.000 40.04297 ? 13  DC    A O2     1 
ATOM   396 N  N3     . DC    A 1 13 ? 13.25876  8.08788   0.88487   1.000 38.43134 ? 13  DC    A N3     1 
ATOM   397 C  C4     . DC    A 1 13 ? 12.89837  9.26675   0.40985   1.000 39.13604 ? 13  DC    A C4     1 
ATOM   398 N  N4     . DC    A 1 13 ? 12.77192  9.40585   -0.90157  1.000 46.32245 ? 13  DC    A N4     1 
ATOM   399 C  C5     . DC    A 1 13 ? 12.64186  10.37634  1.26485   1.000 46.73694 ? 13  DC    A C5     1 
ATOM   400 C  C6     . DC    A 1 13 ? 12.74029  10.16314  2.58498   1.000 43.68556 ? 13  DC    A C6     1 
ATOM   401 H  "H5'"  . DC    A 1 13 ? 9.95922   8.78684   6.10431   1.000 58.56363 ? 13  DC    A "H5'"  1 
ATOM   402 H  "H5''" . DC    A 1 13 ? 10.39026  9.11446   7.58800   1.000 58.56363 ? 13  DC    A "H5''" 1 
ATOM   403 H  "H4'"  . DC    A 1 13 ? 11.93041  7.61480   6.97482   1.000 55.73993 ? 13  DC    A "H4'"  1 
ATOM   404 H  "H3'"  . DC    A 1 13 ? 13.01255  9.89319   7.46458   1.000 53.18034 ? 13  DC    A "H3'"  1 
ATOM   405 H  "H2'"  . DC    A 1 13 ? 12.81489  10.60275  5.22921   1.000 60.21301 ? 13  DC    A "H2'"  1 
ATOM   406 H  "H2''" . DC    A 1 13 ? 14.34809  10.24745  5.36163   1.000 60.21301 ? 13  DC    A "H2''" 1 
ATOM   407 H  "H1'"  . DC    A 1 13 ? 14.01231  8.09706   4.60944   1.000 55.12759 ? 13  DC    A "H1'"  1 
ATOM   408 H  H41    . DC    A 1 13 ? 12.53834  10.16426  -1.23300  1.000 55.62690 ? 13  DC    A H41    1 
ATOM   409 H  H42    . DC    A 1 13 ? 12.92342  8.73773   -1.42144  1.000 55.62690 ? 13  DC    A H42    1 
ATOM   410 H  H5     . DC    A 1 13 ? 12.41623  11.21126  0.92296   1.000 56.12429 ? 13  DC    A H5     1 
ATOM   411 H  H6     . DC    A 1 13 ? 12.56946  10.85961  3.17715   1.000 52.46264 ? 13  DC    A H6     1 
ATOM   412 P  P      . DA    A 1 14 ? 14.87359  8.39098   8.61130   1.000 49.27694 ? 14  DA    A P      1 
ATOM   413 O  OP1    . DA    A 1 14 ? 13.88474  7.77604   9.52330   1.000 48.59700 ? 14  DA    A OP1    1 
ATOM   414 O  OP2    . DA    A 1 14 ? 15.46321  9.68989   8.94062   1.000 49.18825 ? 14  DA    A OP2    1 
ATOM   415 O  "O5'"  . DA    A 1 14 ? 15.89700  7.19440   8.47269   1.000 49.70968 ? 14  DA    A "O5'"  1 
ATOM   416 C  "C5'"  . DA    A 1 14 ? 15.39680  5.89536   8.20822   1.000 39.02911 ? 14  DA    A "C5'"  1 
ATOM   417 C  "C4'"  . DA    A 1 14 ? 16.39157  5.05393   7.40771   1.000 33.14454 ? 14  DA    A "C4'"  1 
ATOM   418 O  "O4'"  . DA    A 1 14 ? 16.38570  5.44727   5.98199   1.000 31.87002 ? 14  DA    A "O4'"  1 
ATOM   419 C  "C3'"  . DA    A 1 14 ? 17.84007  5.20012   7.86061   1.000 33.58422 ? 14  DA    A "C3'"  1 
ATOM   420 O  "O3'"  . DA    A 1 14 ? 18.50271  3.99565   7.67613   1.000 40.35627 ? 14  DA    A "O3'"  1 
ATOM   421 C  "C2'"  . DA    A 1 14 ? 18.36291  6.32770   6.96966   1.000 36.55608 ? 14  DA    A "C2'"  1 
ATOM   422 C  "C1'"  . DA    A 1 14 ? 17.66622  6.07877   5.63655   1.000 29.22104 ? 14  DA    A "C1'"  1 
ATOM   423 N  N9     . DA    A 1 14 ? 17.37609  7.24906   4.81718   1.000 35.28440 ? 14  DA    A N9     1 
ATOM   424 C  C8     . DA    A 1 14 ? 17.08919  8.52539   5.22820   1.000 37.92541 ? 14  DA    A C8     1 
ATOM   425 N  N7     . DA    A 1 14 ? 16.84101  9.35143   4.23456   1.000 32.19398 ? 14  DA    A N7     1 
ATOM   426 C  C5     . DA    A 1 14 ? 16.98144  8.53878   3.12234   1.000 34.74142 ? 14  DA    A C5     1 
ATOM   427 C  C6     . DA    A 1 14 ? 16.79903  8.78587   1.77629   1.000 35.12755 ? 14  DA    A C6     1 
ATOM   428 N  N6     . DA    A 1 14 ? 16.49268  9.96379   1.29952   1.000 41.59335 ? 14  DA    A N6     1 
ATOM   429 N  N1     . DA    A 1 14 ? 17.00195  7.80247   0.93626   1.000 30.96914 ? 14  DA    A N1     1 
ATOM   430 C  C2     . DA    A 1 14 ? 17.30022  6.58896   1.43107   1.000 30.47363 ? 14  DA    A C2     1 
ATOM   431 N  N3     . DA    A 1 14 ? 17.46358  6.22597   2.66417   1.000 37.84256 ? 14  DA    A N3     1 
ATOM   432 C  C4     . DA    A 1 14 ? 17.29249  7.26910   3.47448   1.000 34.85064 ? 14  DA    A C4     1 
ATOM   433 H  "H5'"  . DA    A 1 14 ? 14.57119  5.97163   7.70479   1.000 46.87490 ? 14  DA    A "H5'"  1 
ATOM   434 H  "H5''" . DA    A 1 14 ? 15.21321  5.45048   9.05040   1.000 46.87490 ? 14  DA    A "H5''" 1 
ATOM   435 H  "H4'"  . DA    A 1 14 ? 16.12009  4.12408   7.45850   1.000 39.81341 ? 14  DA    A "H4'"  1 
ATOM   436 H  "H3'"  . DA    A 1 14 ? 17.90018  5.47703   8.78831   1.000 40.34102 ? 14  DA    A "H3'"  1 
ATOM   437 H  "H2'"  . DA    A 1 14 ? 18.12545  7.19616   7.33060   1.000 43.90726 ? 14  DA    A "H2'"  1 
ATOM   438 H  "H2''" . DA    A 1 14 ? 19.32693  6.27830   6.87408   1.000 43.90726 ? 14  DA    A "H2''" 1 
ATOM   439 H  "H1'"  . DA    A 1 14 ? 18.23204  5.49071   5.11220   1.000 35.10520 ? 14  DA    A "H1'"  1 
ATOM   440 H  H8     . DA    A 1 14 ? 17.07172  8.78207   6.12191   1.000 45.55045 ? 14  DA    A H8     1 
ATOM   441 H  H61    . DA    A 1 14 ? 16.42814  10.08030  0.44990   1.000 49.95198 ? 14  DA    A H61    1 
ATOM   442 H  H62    . DA    A 1 14 ? 16.35567  10.62227  1.83547   1.000 49.95198 ? 14  DA    A H62    1 
ATOM   443 H  H2     . DA    A 1 14 ? 17.40402  5.91454   0.79918   1.000 36.60832 ? 14  DA    A H2     1 
ATOM   444 P  P      . DG    A 1 15 ? 19.98502  3.82449   8.20606   1.000 32.13987 ? 15  DG    A P      1 
ATOM   445 O  OP1    . DG    A 1 15 ? 20.24905  2.37234   8.24334   1.000 25.90027 ? 15  DG    A OP1    1 
ATOM   446 O  OP2    . DG    A 1 15 ? 20.25666  4.82947   9.22101   1.000 35.15055 ? 15  DG    A OP2    1 
ATOM   447 O  "O5'"  . DG    A 1 15 ? 20.83771  4.32691   6.96902   1.000 37.30695 ? 15  DG    A "O5'"  1 
ATOM   448 C  "C5'"  . DG    A 1 15 ? 20.94376  3.53344   5.83360   1.000 35.75103 ? 15  DG    A "C5'"  1 
ATOM   449 C  "C4'"  . DG    A 1 15 ? 21.77486  4.23664   4.77263   1.000 32.09826 ? 15  DG    A "C4'"  1 
ATOM   450 O  "O4'"  . DG    A 1 15 ? 21.00286  5.31770   4.24531   1.000 28.65035 ? 15  DG    A "O4'"  1 
ATOM   451 C  "C3'"  . DG    A 1 15 ? 23.07731  4.84931   5.29020   1.000 29.67217 ? 15  DG    A "C3'"  1 
ATOM   452 O  "O3'"  . DG    A 1 15 ? 24.13771  4.45283   4.50681   1.000 34.96820 ? 15  DG    A "O3'"  1 
ATOM   453 C  "C2'"  . DG    A 1 15 ? 22.81516  6.34103   5.17567   1.000 32.69501 ? 15  DG    A "C2'"  1 
ATOM   454 C  "C1'"  . DG    A 1 15 ? 21.89172  6.37866   3.99011   1.000 36.00023 ? 15  DG    A "C1'"  1 
ATOM   455 N  N9     . DG    A 1 15 ? 21.18492  7.60756   3.81950   1.000 31.31114 ? 15  DG    A N9     1 
ATOM   456 C  C8     . DG    A 1 15 ? 20.79606  8.48223   4.76972   1.000 32.59325 ? 15  DG    A C8     1 
ATOM   457 N  N7     . DG    A 1 15 ? 20.21301  9.52418   4.28736   1.000 38.06058 ? 15  DG    A N7     1 
ATOM   458 C  C5     . DG    A 1 15 ? 20.22213  9.31787   2.91671   1.000 36.43470 ? 15  DG    A C5     1 
ATOM   459 C  C6     . DG    A 1 15 ? 19.73441  10.12955  1.85492   1.000 35.26467 ? 15  DG    A C6     1 
ATOM   460 O  O6     . DG    A 1 15 ? 19.16692  11.24059  1.90913   1.000 36.31037 ? 15  DG    A O6     1 
ATOM   461 N  N1     . DG    A 1 15 ? 19.96931  9.54534   0.62690   1.000 36.02977 ? 15  DG    A N1     1 
ATOM   462 C  C2     . DG    A 1 15 ? 20.59221  8.32500   0.44970   1.000 35.58041 ? 15  DG    A C2     1 
ATOM   463 N  N2     . DG    A 1 15 ? 20.71770  7.89702   -0.80435  1.000 35.13559 ? 15  DG    A N2     1 
ATOM   464 N  N3     . DG    A 1 15 ? 21.03675  7.58521   1.42088   1.000 36.30454 ? 15  DG    A N3     1 
ATOM   465 C  C4     . DG    A 1 15 ? 20.84073  8.16182   2.62520   1.000 30.79157 ? 15  DG    A C4     1 
ATOM   466 H  "H5'"  . DG    A 1 15 ? 20.05752  3.35505   5.48196   1.000 42.94119 ? 15  DG    A "H5'"  1 
ATOM   467 H  "H5''" . DG    A 1 15 ? 21.36597  2.69206   6.06750   1.000 42.94119 ? 15  DG    A "H5''" 1 
ATOM   468 H  "H4'"  . DG    A 1 15 ? 21.99260  3.62281   4.05381   1.000 38.55787 ? 15  DG    A "H4'"  1 
ATOM   469 H  "H3'"  . DG    A 1 15 ? 23.22598  4.60049   6.21588   1.000 35.64656 ? 15  DG    A "H3'"  1 
ATOM   470 H  "H2'"  . DG    A 1 15 ? 22.38915  6.69237   5.97314   1.000 39.27397 ? 15  DG    A "H2'"  1 
ATOM   471 H  "H2''" . DG    A 1 15 ? 23.63215  6.83684   5.00955   1.000 39.27397 ? 15  DG    A "H2''" 1 
ATOM   472 H  "H1'"  . DG    A 1 15 ? 22.37003  6.22879   3.15965   1.000 43.24023 ? 15  DG    A "H1'"  1 
ATOM   473 H  H8     . DG    A 1 15 ? 20.93469  8.34682   5.67930   1.000 39.15186 ? 15  DG    A H8     1 
ATOM   474 H  H1     . DG    A 1 15 ? 19.71060  9.96937   -0.07514  1.000 43.27568 ? 15  DG    A H1     1 
ATOM   475 H  H21    . DG    A 1 15 ? 21.08971  7.13839   -0.96460  1.000 42.20267 ? 15  DG    A H21    1 
ATOM   476 H  H22    . DG    A 1 15 ? 20.42677  8.37912   -1.45438  1.000 42.20267 ? 15  DG    A H22    1 
ATOM   477 P  P      . DC    A 1 16 ? 25.64047  4.64971   5.05901   1.000 33.22494 ? 16  DC    A P      1 
ATOM   478 O  OP1    . DC    A 1 16 ? 26.54262  3.76392   4.25930   1.000 29.63119 ? 16  DC    A OP1    1 
ATOM   479 O  OP2    . DC    A 1 16 ? 25.61124  4.69516   6.56018   1.000 32.23412 ? 16  DC    A OP2    1 
ATOM   480 O  "O5'"  . DC    A 1 16 ? 25.91736  6.13293   4.64563   1.000 34.10217 ? 16  DC    A "O5'"  1 
ATOM   481 C  "C5'"  . DC    A 1 16 ? 26.67613  6.40638   3.50702   1.000 43.48370 ? 16  DC    A "C5'"  1 
ATOM   482 C  "C4'"  . DC    A 1 16 ? 25.87848  6.26248   2.22044   1.000 41.94200 ? 16  DC    A "C4'"  1 
ATOM   483 O  "O4'"  . DC    A 1 16 ? 24.65192  7.05954   2.29399   1.000 32.22780 ? 16  DC    A "O4'"  1 
ATOM   484 C  "C3'"  . DC    A 1 16 ? 26.62812  6.78321   1.01107   1.000 46.43161 ? 16  DC    A "C3'"  1 
ATOM   485 O  "O3'"  . DC    A 1 16 ? 26.34386  6.02351   -0.14488  1.000 48.17248 ? 16  DC    A "O3'"  1 
ATOM   486 C  "C2'"  . DC    A 1 16 ? 26.13245  8.21144   0.91214   1.000 41.69876 ? 16  DC    A "C2'"  1 
ATOM   487 C  "C1'"  . DC    A 1 16 ? 24.67967  8.06972   1.30706   1.000 33.21137 ? 16  DC    A "C1'"  1 
ATOM   488 N  N1     . DC    A 1 16 ? 24.05862  9.29868   1.87528   1.000 31.00620 ? 16  DC    A N1     1 
ATOM   489 C  C2     . DC    A 1 16 ? 23.41363  10.20061  1.04317   1.000 29.90432 ? 16  DC    A C2     1 
ATOM   490 O  O2     . DC    A 1 16 ? 23.39811  10.00987  -0.18539  1.000 35.85184 ? 16  DC    A O2     1 
ATOM   491 N  N3     . DC    A 1 16 ? 22.83752  11.27899  1.56861   1.000 40.89868 ? 16  DC    A N3     1 
ATOM   492 C  C4     . DC    A 1 16 ? 22.85575  11.48454  2.85956   1.000 34.61628 ? 16  DC    A C4     1 
ATOM   493 N  N4     . DC    A 1 16 ? 22.23635  12.59048  3.31142   1.000 41.39268 ? 16  DC    A N4     1 
ATOM   494 C  C5     . DC    A 1 16 ? 23.51877  10.58549  3.75095   1.000 41.39299 ? 16  DC    A C5     1 
ATOM   495 C  C6     . DC    A 1 16 ? 24.08656  9.49296   3.21460   1.000 39.47121 ? 16  DC    A C6     1 
ATOM   496 H  "H5'"  . DC    A 1 16 ? 27.42757  5.79367   3.47837   1.000 52.22040 ? 16  DC    A "H5'"  1 
ATOM   497 H  "H5''" . DC    A 1 16 ? 27.01135  7.31468   3.56629   1.000 52.22040 ? 16  DC    A "H5''" 1 
ATOM   498 H  "H4'"  . DC    A 1 16 ? 25.61840  5.33685   2.09216   1.000 50.37036 ? 16  DC    A "H4'"  1 
ATOM   499 H  "H3'"  . DC    A 1 16 ? 27.58383  6.76503   1.17594   1.000 55.75789 ? 16  DC    A "H3'"  1 
ATOM   500 H  "HO3'" . DC    A 1 16 ? 25.88799  6.35833   -0.76591  1.000 57.84694 ? 16  DC    A "HO3'" 1 
ATOM   501 H  "H2'"  . DC    A 1 16 ? 26.61003  8.79522   1.52207   1.000 50.07847 ? 16  DC    A "H2'"  1 
ATOM   502 H  "H2''" . DC    A 1 16 ? 26.22230  8.55591   0.00984   1.000 50.07847 ? 16  DC    A "H2''" 1 
ATOM   503 H  "H1'"  . DC    A 1 16 ? 24.16575  7.80162   0.52930   1.000 39.89360 ? 16  DC    A "H1'"  1 
ATOM   504 H  H41    . DC    A 1 16 ? 22.22495  12.76311  4.15383   1.000 49.71118 ? 16  DC    A H41    1 
ATOM   505 H  H42    . DC    A 1 16 ? 21.85194  13.12461  2.75778   1.000 49.71118 ? 16  DC    A H42    1 
ATOM   506 H  H5     . DC    A 1 16 ? 23.55555  10.75032  4.66549   1.000 49.71155 ? 16  DC    A H5     1 
ATOM   507 H  H6     . DC    A 1 16 ? 24.50026  8.86791   3.76512   1.000 47.40542 ? 16  DC    A H6     1 
HETATM 508 C  C6     . A1AB3 B 2 .  ? -1.75956  6.06728   -3.78858  1.000 54.68856 ? 101 A1AB3 A C6     1 
HETATM 509 C  C5     . A1AB3 B 2 .  ? -1.08582  7.64699   -2.47726  1.000 50.23718 ? 101 A1AB3 A C5     1 
HETATM 510 C  C4     . A1AB3 B 2 .  ? -0.86517  8.84597   -1.81224  1.000 55.36874 ? 101 A1AB3 A C4     1 
HETATM 511 C  C3     . A1AB3 B 2 .  ? -0.00984  8.83928   -0.75052  1.000 48.31571 ? 101 A1AB3 A C3     1 
HETATM 512 C  C2     . A1AB3 B 2 .  ? 0.66111   7.68762   -0.34733  1.000 54.95021 ? 101 A1AB3 A C2     1 
HETATM 513 C  C1     . A1AB3 B 2 .  ? 1.60169   7.76266   0.80594   1.000 53.40817 ? 101 A1AB3 A C1     1 
HETATM 514 C  C7     . A1AB3 B 2 .  ? -2.43046  5.47492   -4.91023  1.000 36.14408 ? 101 A1AB3 A C7     1 
HETATM 515 C  C10    . A1AB3 B 2 .  ? -3.07890  3.99249   -6.32857  1.000 56.18139 ? 101 A1AB3 A C10    1 
HETATM 516 C  C11    . A1AB3 B 2 .  ? -3.23499  2.69890   -6.91469  1.000 63.97498 ? 101 A1AB3 A C11    1 
HETATM 517 C  C12    . A1AB3 B 2 .  ? -3.50799  2.46924   -8.25973  1.000 67.55069 ? 101 A1AB3 A C12    1 
HETATM 518 C  C13    . A1AB3 B 2 .  ? -3.89195  1.14663   -8.49502  1.000 52.61802 ? 101 A1AB3 A C13    1 
HETATM 519 C  C14    . A1AB3 B 2 .  ? -3.79233  0.34119   -7.38081  1.000 65.98570 ? 101 A1AB3 A C14    1 
HETATM 520 C  C8     . A1AB3 B 2 .  ? -3.08842  6.11087   -5.89966  1.000 58.04483 ? 101 A1AB3 A C8     1 
HETATM 521 C  C9     . A1AB3 B 2 .  ? -3.50524  5.15653   -6.78178  1.000 65.88362 ? 101 A1AB3 A C9     1 
HETATM 522 C  C15    . A1AB3 B 2 .  ? -4.10681  -1.03278  -7.38370  1.000 62.82723 ? 101 A1AB3 A C15    1 
HETATM 523 C  C16    . A1AB3 B 2 .  ? -0.43080  6.48574   -2.08424  1.000 56.16389 ? 101 A1AB3 A C16    1 
HETATM 524 C  C17    . A1AB3 B 2 .  ? 0.44421   6.48996   -1.01484  1.000 58.77455 ? 101 A1AB3 A C17    1 
HETATM 525 N  N1     . A1AB3 B 2 .  ? 2.52994   6.86006   0.94604   1.000 60.45862 ? 101 A1AB3 A N1     1 
HETATM 526 N  N2     . A1AB3 B 2 .  ? 1.50599   8.72183   1.69487   1.000 58.58462 ? 101 A1AB3 A N2     1 
HETATM 527 N  N3     . A1AB3 B 2 .  ? -1.87962  7.36458   -3.56962  1.000 54.26115 ? 101 A1AB3 A N3     1 
HETATM 528 N  N4     . A1AB3 B 2 .  ? -4.15719  -1.72998  -6.22645  1.000 76.46236 ? 101 A1AB3 A N4     1 
HETATM 529 N  N5     . A1AB3 B 2 .  ? -4.35948  -1.63731  -8.54984  1.000 65.19498 ? 101 A1AB3 A N5     1 
HETATM 530 N  N6     . A1AB3 B 2 .  ? -0.87783  5.49404   -2.94737  1.000 53.74987 ? 101 A1AB3 A N6     1 
HETATM 531 O  O1     . A1AB3 B 2 .  ? -2.34940  4.13403   -5.17018  1.000 47.99442 ? 101 A1AB3 A O1     1 
HETATM 532 S  S1     . A1AB3 B 2 .  ? -3.20263  1.23193   -6.01140  1.000 76.29150 ? 101 A1AB3 A S1     1 
HETATM 533 H  H6     . A1AB3 B 2 .  ? -1.29333  9.63628   -2.08736  1.000 66.48244 ? 101 A1AB3 A H6     1 
HETATM 534 H  H3     . A1AB3 B 2 .  ? 0.88446   9.33804   1.61342   1.000 70.34150 ? 101 A1AB3 A H3     1 
HETATM 535 H  H5     . A1AB3 B 2 .  ? 0.12804   9.64243   -0.27797  1.000 58.01881 ? 101 A1AB3 A H5     1 
HETATM 536 H  H9     . A1AB3 B 2 .  ? -3.44480  3.11652   -8.93288  1.000 81.10079 ? 101 A1AB3 A H9     1 
HETATM 537 H  H10    . A1AB3 B 2 .  ? -4.18826  0.84055   -9.33182  1.000 63.18158 ? 101 A1AB3 A H10    1 
HETATM 538 H  H7     . A1AB3 B 2 .  ? -3.23527  7.04157   -5.97211  1.000 69.69375 ? 101 A1AB3 A H7     1 
HETATM 539 H  H8     . A1AB3 B 2 .  ? -4.00101  5.30422   -7.56184  1.000 79.10031 ? 101 A1AB3 A H8     1 
HETATM 540 H  H16    . A1AB3 B 2 .  ? 0.88169   5.70947   -0.74339  1.000 70.56941 ? 101 A1AB3 A H16    1 
HETATM 541 H  H2     . A1AB3 B 2 .  ? 3.08720   6.89817   1.63509   1.000 72.59030 ? 101 A1AB3 A H2     1 
HETATM 542 H  H1     . A1AB3 B 2 .  ? 2.60694   6.20522   0.35273   1.000 72.59030 ? 101 A1AB3 A H1     1 
HETATM 543 H  H4     . A1AB3 B 2 .  ? 2.06315   8.75066   2.37412   1.000 70.34150 ? 101 A1AB3 A H4     1 
HETATM 544 H  H12    . A1AB3 B 2 .  ? -3.98856  -1.32302  -5.45657  1.000 91.79479 ? 101 A1AB3 A H12    1 
HETATM 545 H  H11    . A1AB3 B 2 .  ? -4.35882  -2.59368  -6.23822  1.000 91.79479 ? 101 A1AB3 A H11    1 
HETATM 546 H  H13    . A1AB3 B 2 .  ? -4.32504  -1.17826  -9.29865  1.000 78.27394 ? 101 A1AB3 A H13    1 
HETATM 547 H  H15    . A1AB3 B 2 .  ? -0.63271  4.65096   -2.94633  1.000 64.53980 ? 101 A1AB3 A H15    1 
HETATM 548 H  H14    . A1AB3 B 2 .  ? -4.55971  -2.49305  -8.56621  1.000 78.27394 ? 101 A1AB3 A H14    1 
HETATM 549 CA CA     . CA    C 3 .  ? -6.00437  -15.64983 -0.04054  0.330 20.84225 ? 102 CA    A CA     1 
HETATM 550 CA CA     . CA    D 3 .  ? -1.23661  -13.44519 0.56648   0.308 26.57155 ? 103 CA    A CA     1 
HETATM 551 CA CA     . CA    E 3 .  ? 21.57912  0.55353   8.62084   1.000 38.17175 ? 104 CA    A CA     1 
HETATM 552 CA CA     . CA    F 3 .  ? 28.36810  3.01458   3.80132   0.321 28.79313 ? 105 CA    A CA     1 
HETATM 553 CA CA     . CA    G 3 .  ? -24.84365 -2.00006  5.87183   0.245 47.76730 ? 106 CA    A CA     1 
HETATM 554 CA CA     . CA    H 3 .  ? -12.68263 -4.14833  5.40339   1.000 69.14759 ? 107 CA    A CA     1 
HETATM 555 CA CA     . CA    I 3 .  ? -21.30247 -6.95414  9.40811   1.000 77.64575 ? 108 CA    A CA     1 
HETATM 556 O  O      . HOH   J 4 .  ? -8.32359  -10.24250 6.98070   1.000 38.75990 ? 201 HOH   A O      1 
HETATM 557 O  O      . HOH   J 4 .  ? 24.58940  6.39009   8.29833   1.000 37.28382 ? 202 HOH   A O      1 
HETATM 558 O  O      . HOH   J 4 .  ? 3.67821   8.08852   3.27531   1.000 50.03011 ? 203 HOH   A O      1 
HETATM 559 O  O      . HOH   J 4 .  ? 20.93182  3.16041   11.43057  1.000 43.36935 ? 204 HOH   A O      1 
HETATM 560 O  O      . HOH   J 4 .  ? 19.28947  11.70705  5.98072   1.000 44.29058 ? 205 HOH   A O      1 
HETATM 561 O  O      . HOH   J 4 .  ? -11.67289 -12.92773 -0.06033  1.000 38.82876 ? 206 HOH   A O      1 
HETATM 562 O  O      . HOH   J 4 .  ? -11.82422 -11.17810 9.54993   1.000 53.41710 ? 207 HOH   A O      1 
HETATM 563 O  O      . HOH   J 4 .  ? 29.29739  4.07860   5.66331   1.000 40.83555 ? 208 HOH   A O      1 
HETATM 564 O  O      . HOH   J 4 .  ? 3.84216   16.11846  0.56422   1.000 54.68535 ? 209 HOH   A O      1 
HETATM 565 O  O      . HOH   J 4 .  ? 19.91615  -0.21810  10.19690  1.000 37.97044 ? 210 HOH   A O      1 
HETATM 566 O  O      . HOH   J 4 .  ? -22.24023 -2.78454  6.04414   1.000 57.38750 ? 211 HOH   A O      1 
HETATM 567 O  O      . HOH   J 4 .  ? 23.58770  1.96026   7.86844   1.000 37.30135 ? 212 HOH   A O      1 
HETATM 568 O  O      . HOH   J 4 .  ? 23.32514  2.09948   10.10360  1.000 48.40907 ? 213 HOH   A O      1 
HETATM 569 O  O      . HOH   J 4 .  ? 22.44448  0.11007   6.34112   1.000 45.57769 ? 214 HOH   A O      1 
HETATM 570 O  O      . HOH   J 4 .  ? -11.32946 -9.23307  10.94877  1.000 45.53661 ? 215 HOH   A O      1 
HETATM 571 O  O      . HOH   J 4 .  ? 23.06018  -1.18501  9.18697   1.000 31.79713 ? 216 HOH   A O      1 
HETATM 572 O  O      . HOH   J 4 .  ? 0.74619   -14.26340 0.39336   1.000 30.02969 ? 217 HOH   A O      1 
HETATM 573 O  O      . HOH   J 4 .  ? -6.30556  -17.96347 -0.54840  1.000 30.48284 ? 218 HOH   A O      1 
# 
loop_
_atom_site_anisotrop.id 
_atom_site_anisotrop.type_symbol 
_atom_site_anisotrop.pdbx_label_atom_id 
_atom_site_anisotrop.pdbx_label_alt_id 
_atom_site_anisotrop.pdbx_label_comp_id 
_atom_site_anisotrop.pdbx_label_asym_id 
_atom_site_anisotrop.pdbx_label_seq_id 
_atom_site_anisotrop.pdbx_PDB_ins_code 
_atom_site_anisotrop.U[1][1] 
_atom_site_anisotrop.U[2][2] 
_atom_site_anisotrop.U[3][3] 
_atom_site_anisotrop.U[1][2] 
_atom_site_anisotrop.U[1][3] 
_atom_site_anisotrop.U[2][3] 
_atom_site_anisotrop.pdbx_auth_seq_id 
_atom_site_anisotrop.pdbx_auth_comp_id 
_atom_site_anisotrop.pdbx_auth_asym_id 
_atom_site_anisotrop.pdbx_auth_atom_id 
1   O  "O5'" . DG    A 1  ? 0.45992 0.75629 1.16098 -0.01283 -0.09685 0.16339  1   DG    A "O5'" 
2   C  "C5'" . DG    A 1  ? 0.40614 0.69116 1.11235 -0.00431 -0.08920 0.14772  1   DG    A "C5'" 
3   C  "C4'" . DG    A 1  ? 0.31950 0.62364 0.99894 -0.00321 -0.06796 0.12458  1   DG    A "C4'" 
4   O  "O4'" . DG    A 1  ? 0.31554 0.62089 0.94447 -0.01832 -0.06816 0.14223  1   DG    A "O4'" 
5   C  "C3'" . DG    A 1  ? 0.24413 0.53681 0.92152 0.00429  -0.05815 0.10812  1   DG    A "C3'" 
6   O  "O3'" . DG    A 1  ? 0.42929 0.74628 1.09963 0.00807  -0.03777 0.07920  1   DG    A "O3'" 
7   C  "C2'" . DG    A 1  ? 0.23642 0.51181 0.87128 -0.00755 -0.06381 0.13104  1   DG    A "C2'" 
8   C  "C1'" . DG    A 1  ? 0.32887 0.62052 0.92957 -0.02050 -0.06256 0.14154  1   DG    A "C1'" 
9   N  N9    . DG    A 1  ? 0.27777 0.54896 0.83082 -0.03528 -0.07398 0.16843  1   DG    A N9    
10  C  C8    . DG    A 1  ? 0.40603 0.66258 0.96721 -0.04222 -0.09364 0.19531  1   DG    A C8    
11  N  N7    . DG    A 1  ? 0.37785 0.61973 0.88366 -0.05701 -0.09843 0.21199  1   DG    A N7    
12  C  C5    . DG    A 1  ? 0.32082 0.56478 0.78234 -0.05834 -0.08236 0.19550  1   DG    A C5    
13  C  C6    . DG    A 1  ? 0.35899 0.59056 0.75771 -0.07061 -0.08040 0.20031  1   DG    A C6    
14  O  O6    . DG    A 1  ? 0.49187 0.71055 0.86035 -0.08309 -0.09094 0.21855  1   DG    A O6    
15  N  N1    . DG    A 1  ? 0.25829 0.49626 0.63171 -0.06881 -0.06557 0.18106  1   DG    A N1    
16  C  C2    . DG    A 1  ? 0.29669 0.55304 0.69787 -0.05829 -0.05259 0.15946  1   DG    A C2    
17  N  N2    . DG    A 1  ? 0.33751 0.59832 0.70609 -0.06131 -0.04098 0.14529  1   DG    A N2    
18  N  N3    . DG    A 1  ? 0.28553 0.55578 0.74419 -0.04647 -0.05179 0.15140  1   DG    A N3    
19  C  C4    . DG    A 1  ? 0.28411 0.54611 0.77213 -0.04630 -0.06776 0.17042  1   DG    A C4    
32  P  P     . DC    A 2  ? 0.30685 0.62020 0.97742 0.01720  -0.02239 0.05226  2   DC    A P     
33  O  OP1   . DC    A 2  ? 0.31246 0.65354 1.00615 0.02463  -0.00951 0.02189  2   DC    A OP1   
34  O  OP2   . DC    A 2  ? 0.29338 0.57410 0.97338 0.02177  -0.03266 0.06257  2   DC    A OP2   
35  O  "O5'" . DC    A 2  ? 0.31774 0.63477 0.93935 0.00709  -0.01080 0.05306  2   DC    A "O5'" 
36  C  "C5'" . DC    A 2  ? 0.31229 0.65569 0.91208 -0.00214 -0.00168 0.04799  2   DC    A "C5'" 
37  C  "C4'" . DC    A 2  ? 0.33621 0.66892 0.87945 -0.01175 0.00688  0.04898  2   DC    A "C4'" 
38  O  "O4'" . DC    A 2  ? 0.25005 0.55536 0.74976 -0.02141 -0.00615 0.07622  2   DC    A "O4'" 
39  C  "C3'" . DC    A 2  ? 0.36990 0.68611 0.90774 -0.00472 0.01577  0.03479  2   DC    A "C3'" 
40  O  "O3'" . DC    A 2  ? 0.36977 0.70162 0.88236 -0.00967 0.03188  0.01548  2   DC    A "O3'" 
41  C  "C2'" . DC    A 2  ? 0.30757 0.58571 0.80280 -0.00966 0.00553  0.05701  2   DC    A "C2'" 
42  C  "C1'" . DC    A 2  ? 0.33178 0.60884 0.79314 -0.02248 -0.00380 0.07759  2   DC    A "C1'" 
43  N  N1    . DC    A 2  ? 0.32908 0.58022 0.77416 -0.02763 -0.02015 0.10386  2   DC    A N1    
44  C  C2    . DC    A 2  ? 0.27754 0.50952 0.66520 -0.03878 -0.02307 0.11532  2   DC    A C2    
45  O  O2    . DC    A 2  ? 0.36645 0.59925 0.71891 -0.04334 -0.01400 0.10531  2   DC    A O2    
46  N  N3    . DC    A 2  ? 0.32849 0.54246 0.70245 -0.04510 -0.03650 0.13630  2   DC    A N3    
47  C  C4    . DC    A 2  ? 0.35540 0.56862 0.76815 -0.04231 -0.04849 0.14934  2   DC    A C4    
48  N  N4    . DC    A 2  ? 0.35651 0.55532 0.75107 -0.05232 -0.06201 0.17110  2   DC    A N4    
49  C  C5    . DC    A 2  ? 0.30211 0.53106 0.77621 -0.03024 -0.04823 0.14020  2   DC    A C5    
50  C  C6    . DC    A 2  ? 0.39912 0.64722 0.88793 -0.02249 -0.03301 0.11578  2   DC    A C6    
62  P  P     . DT    A 3  ? 0.43495 0.75591 0.93673 -0.00487 0.04432  -0.00272 3   DT    A P     
63  O  OP1   . DT    A 3  ? 0.53086 0.88668 1.02764 -0.01202 0.05929  -0.02371 3   DT    A OP1   
64  O  OP2   . DT    A 3  ? 0.31452 0.62091 0.85587 0.00915  0.04105  -0.00790 3   DT    A OP2   
65  O  "O5'" . DT    A 3  ? 0.40716 0.69586 0.84438 -0.01410 0.04064  0.01342  3   DT    A "O5'" 
66  C  "C5'" . DT    A 3  ? 0.26377 0.55989 0.65816 -0.02767 0.04298  0.01631  3   DT    A "C5'" 
67  C  "C4'" . DT    A 3  ? 0.27576 0.53891 0.61889 -0.03335 0.03801  0.02883  3   DT    A "C4'" 
68  O  "O4'" . DT    A 3  ? 0.33870 0.58130 0.67937 -0.03250 0.02392  0.04985  3   DT    A "O4'" 
69  C  "C3'" . DT    A 3  ? 0.26735 0.51282 0.60212 -0.02730 0.04575  0.01793  3   DT    A "C3'" 
70  O  "O3'" . DT    A 3  ? 0.32455 0.56928 0.62133 -0.03653 0.05168  0.01191  3   DT    A "O3'" 
71  C  "C2'" . DT    A 3  ? 0.24513 0.45893 0.56764 -0.02418 0.03496  0.03480  3   DT    A "C2'" 
72  C  "C1'" . DT    A 3  ? 0.31709 0.53066 0.63203 -0.03121 0.02174  0.05483  3   DT    A "C1'" 
73  N  N1    . DT    A 3  ? 0.28926 0.49019 0.62261 -0.02798 0.00934  0.07164  3   DT    A N1    
74  C  C2    . DT    A 3  ? 0.31884 0.50046 0.61834 -0.03595 -0.00090 0.08899  3   DT    A C2    
75  O  O2    . DT    A 3  ? 0.32810 0.50060 0.58606 -0.04335 -0.00015 0.08916  3   DT    A O2    
76  N  N3    . DT    A 3  ? 0.30621 0.48038 0.62415 -0.03574 -0.01280 0.10525  3   DT    A N3    
77  C  C4    . DT    A 3  ? 0.36257 0.54371 0.73120 -0.02780 -0.01770 0.10750  3   DT    A C4    
78  O  O4    . DT    A 3  ? 0.25671 0.43068 0.63984 -0.03066 -0.03154 0.12578  3   DT    A O4    
79  C  C5    . DT    A 3  ? 0.28483 0.48470 0.69114 -0.01729 -0.00675 0.08674  3   DT    A C5    
80  C  C7    . DT    A 3  ? 0.22319 0.43181 0.69257 -0.00667 -0.01225 0.08451  3   DT    A C7    
81  C  C6    . DT    A 3  ? 0.24881 0.45863 0.63423 -0.01830 0.00718  0.06926  3   DT    A C6    
94  P  P     . DG    A 4  ? 0.38799 0.61429 0.66580 -0.03380 0.05902  0.00234  4   DG    A P     
95  O  OP1   . DG    A 4  ? 0.36302 0.60831 0.62533 -0.04386 0.06794  -0.01022 4   DG    A OP1   
96  O  OP2   . DG    A 4  ? 0.32666 0.54840 0.64087 -0.02022 0.06283  -0.00547 4   DG    A OP2   
97  O  "O5'" . DG    A 4  ? 0.32117 0.51489 0.56206 -0.03631 0.04845  0.01874  4   DG    A "O5'" 
98  C  "C5'" . DG    A 4  ? 0.27654 0.46456 0.48531 -0.04669 0.04031  0.02917  4   DG    A "C5'" 
99  C  "C4'" . DG    A 4  ? 0.27069 0.42923 0.44853 -0.04723 0.03338  0.03728  4   DG    A "C4'" 
100 O  "O4'" . DG    A 4  ? 0.28084 0.42963 0.46966 -0.04249 0.02644  0.04879  4   DG    A "O4'" 
101 C  "C3'" . DG    A 4  ? 0.31463 0.45811 0.48029 -0.04318 0.04031  0.02710  4   DG    A "C3'" 
102 O  "O3'" . DG    A 4  ? 0.29927 0.42295 0.43116 -0.04818 0.03357  0.03134  4   DG    A "O3'" 
103 C  "C2'" . DG    A 4  ? 0.31721 0.45330 0.50537 -0.03290 0.04177  0.02824  4   DG    A "C2'" 
104 C  "C1'" . DG    A 4  ? 0.31703 0.45083 0.50818 -0.03522 0.03013  0.04488  4   DG    A "C1'" 
105 N  N9    . DG    A 4  ? 0.29099 0.43003 0.51866 -0.02856 0.02744  0.05040  4   DG    A N9    
106 C  C8    . DG    A 4  ? 0.29807 0.45231 0.56653 -0.02049 0.03347  0.04080  4   DG    A C8    
107 N  N7    . DG    A 4  ? 0.31162 0.46579 0.61170 -0.01590 0.02577  0.05008  4   DG    A N7    
108 C  C5    . DG    A 4  ? 0.27447 0.41460 0.55000 -0.02324 0.01443  0.06828  4   DG    A C5    
109 C  C6    . DG    A 4  ? 0.33879 0.47483 0.63011 -0.02564 0.00083  0.08709  4   DG    A C6    
110 O  O6    . DG    A 4  ? 0.34762 0.48843 0.68058 -0.02050 -0.00551 0.09242  4   DG    A O6    
111 N  N1    . DG    A 4  ? 0.44394 0.57024 0.69849 -0.03632 -0.00670 0.10008  4   DG    A N1    
112 C  C2    . DG    A 4  ? 0.23810 0.35775 0.44986 -0.04194 -0.00233 0.09396  4   DG    A C2    
113 N  N2    . DG    A 4  ? 0.42363 0.53620 0.60692 -0.05198 -0.01058 0.10510  4   DG    A N2    
114 N  N3    . DG    A 4  ? 0.31515 0.43591 0.51491 -0.03899 0.00817  0.07797  4   DG    A N3    
115 C  C4    . DG    A 4  ? 0.25779 0.38995 0.48963 -0.03056 0.01617  0.06692  4   DG    A C4    
127 P  P     . DG    A 5  ? 0.35830 0.46493 0.47008 -0.04688 0.03772  0.02195  5   DG    A P     
128 O  OP1   . DG    A 5  ? 0.38059 0.47590 0.46434 -0.05521 0.02780  0.02577  5   DG    A OP1   
129 O  OP2   . DG    A 5  ? 0.32336 0.44015 0.44635 -0.04510 0.04889  0.00952  5   DG    A OP2   
130 O  "O5'" . DG    A 5  ? 0.28257 0.37388 0.39507 -0.03941 0.03751  0.02444  5   DG    A "O5'" 
131 C  "C5'" . DG    A 5  ? 0.36108 0.44449 0.46214 -0.04224 0.02818  0.03491  5   DG    A "C5'" 
132 C  "C4'" . DG    A 5  ? 0.31238 0.39051 0.42187 -0.03776 0.02829  0.03936  5   DG    A "C4'" 
133 O  "O4'" . DG    A 5  ? 0.32228 0.41229 0.46446 -0.03398 0.02804  0.04592  5   DG    A "O4'" 
134 C  "C3'" . DG    A 5  ? 0.28093 0.34985 0.38857 -0.03184 0.03631  0.02952  5   DG    A "C3'" 
135 O  "O3'" . DG    A 5  ? 0.34232 0.40261 0.43624 -0.03364 0.03266  0.03345  5   DG    A "O3'" 
136 C  "C2'" . DG    A 5  ? 0.24903 0.32698 0.39018 -0.02490 0.04163  0.02858  5   DG    A "C2'" 
137 C  "C1'" . DG    A 5  ? 0.20881 0.29368 0.36548 -0.02745 0.03212  0.04354  5   DG    A "C1'" 
138 N  N9    . DG    A 5  ? 0.25176 0.34681 0.44832 -0.02126 0.03244  0.04545  5   DG    A N9    
139 C  C8    . DG    A 5  ? 0.24824 0.35369 0.47128 -0.01422 0.04147  0.03243  5   DG    A C8    
140 N  N7    . DG    A 5  ? 0.28717 0.39992 0.54978 -0.00847 0.03824  0.03543  5   DG    A N7    
141 C  C5    . DG    A 5  ? 0.25756 0.36380 0.51815 -0.01340 0.02502  0.05470  5   DG    A C5    
142 C  C6    . DG    A 5  ? 0.32316 0.43146 0.61866 -0.01194 0.01366  0.06818  5   DG    A C6    
143 O  O6    . DG    A 5  ? 0.38230 0.49796 0.72308 -0.00372 0.01261  0.06415  5   DG    A O6    
144 N  N1    . DG    A 5  ? 0.38231 0.48435 0.65834 -0.02215 0.00146  0.08760  5   DG    A N1    
145 C  C2    . DG    A 5  ? 0.30630 0.40200 0.53659 -0.03103 0.00204  0.08953  5   DG    A C2    
146 N  N2    . DG    A 5  ? 0.30235 0.39652 0.51902 -0.04172 -0.00931 0.10646  5   DG    A N2    
147 N  N3    . DG    A 5  ? 0.31714 0.40913 0.51949 -0.03023 0.01201  0.07541  5   DG    A N3    
148 C  C4    . DG    A 5  ? 0.25501 0.35192 0.47397 -0.02172 0.02252  0.05999  5   DG    A C4    
160 P  P     . DA    A 6  ? 0.32640 0.37704 0.38871 -0.03862 0.02940  0.02744  6   DA    A P     
161 O  OP1   . DA    A 6  ? 0.38946 0.44006 0.44208 -0.04293 0.02462  0.02600  6   DA    A OP1   
162 O  OP2   . DA    A 6  ? 0.37984 0.42092 0.43320 -0.03411 0.03646  0.01449  6   DA    A OP2   
163 O  "O5'" . DA    A 6  ? 0.23940 0.29224 0.29432 -0.04429 0.02354  0.03608  6   DA    A "O5'" 
164 C  "C5'" . DA    A 6  ? 0.37430 0.43439 0.42750 -0.05216 0.01438  0.04834  6   DA    A "C5'" 
165 C  "C4'" . DA    A 6  ? 0.36077 0.42672 0.41338 -0.05896 0.00963  0.05939  6   DA    A "C4'" 
166 O  "O4'" . DA    A 6  ? 0.36600 0.43671 0.44826 -0.05617 0.00757  0.07209  6   DA    A "O4'" 
167 C  "C3'" . DA    A 6  ? 0.45137 0.51483 0.48896 -0.06010 0.01392  0.05101  6   DA    A "C3'" 
168 O  "O3'" . DA    A 6  ? 0.38055 0.45266 0.40120 -0.07211 0.00788  0.05586  6   DA    A "O3'" 
169 C  "C2'" . DA    A 6  ? 0.27734 0.34010 0.33725 -0.05459 0.01705  0.05671  6   DA    A "C2'" 
170 C  "C1'" . DA    A 6  ? 0.34804 0.41634 0.43547 -0.05453 0.01020  0.07231  6   DA    A "C1'" 
171 N  N9    . DA    A 6  ? 0.36169 0.42753 0.47959 -0.04358 0.01496  0.07004  6   DA    A N9    
172 C  C8    . DA    A 6  ? 0.31565 0.37722 0.43780 -0.03415 0.02518  0.05498  6   DA    A C8    
173 N  N7    . DA    A 6  ? 0.27449 0.33873 0.42839 -0.02652 0.02779  0.05420  6   DA    A N7    
174 C  C5    . DA    A 6  ? 0.30410 0.37165 0.47771 -0.03008 0.01729  0.07054  6   DA    A C5    
175 C  C6    . DA    A 6  ? 0.34192 0.41205 0.55628 -0.02483 0.01243  0.07707  6   DA    A C6    
176 N  N6    . DA    A 6  ? 0.41986 0.49160 0.66108 -0.01401 0.02031  0.06413  6   DA    A N6    
177 N  N1    . DA    A 6  ? 0.38053 0.45277 0.60905 -0.03208 -0.00190 0.09692  6   DA    A N1    
178 C  C2    . DA    A 6  ? 0.44545 0.51994 0.64490 -0.04531 -0.00909 0.10873  6   DA    A C2    
179 N  N3    . DA    A 6  ? 0.34382 0.41813 0.50368 -0.05092 -0.00384 0.10128  6   DA    A N3    
180 C  C4    . DA    A 6  ? 0.29151 0.36064 0.44178 -0.04171 0.00908  0.08181  6   DA    A C4    
192 P  P     . DT    A 7  ? 0.39247 0.47180 0.39682 -0.07946 0.00993  0.05123  7   DT    A P     
193 O  OP1   . DT    A 7  ? 0.40720 0.49971 0.39281 -0.09420 0.00337  0.05435  7   DT    A OP1   
194 O  OP2   . DT    A 7  ? 0.45508 0.52556 0.45282 -0.07023 0.01941  0.03206  7   DT    A OP2   
195 O  "O5'" . DT    A 7  ? 0.41719 0.49889 0.44289 -0.07976 0.00766  0.06737  7   DT    A "O5'" 
196 C  "C5'" . DT    A 7  ? 0.36825 0.46078 0.40035 -0.09213 -0.00311 0.08778  7   DT    A "C5'" 
197 C  "C4'" . DT    A 7  ? 0.41643 0.50762 0.47382 -0.09114 -0.00750 0.10234  7   DT    A "C4'" 
198 O  "O4'" . DT    A 7  ? 0.40324 0.48196 0.48755 -0.07454 -0.00222 0.09722  7   DT    A "O4'" 
199 C  "C3'" . DT    A 7  ? 0.35158 0.44672 0.39724 -0.09618 -0.00439 0.09921  7   DT    A "C3'" 
200 O  "O3'" . DT    A 7  ? 0.48644 0.59732 0.52574 -0.11566 -0.01597 0.11782  7   DT    A "O3'" 
201 C  "C2'" . DT    A 7  ? 0.40271 0.48454 0.47631 -0.08225 -0.00100 0.09884  7   DT    A "C2'" 
202 C  "C1'" . DT    A 7  ? 0.41911 0.49469 0.52154 -0.07270 -0.00400 0.10366  7   DT    A "C1'" 
203 N  N1    . DT    A 7  ? 0.26527 0.32968 0.38869 -0.05601 0.00509  0.09131  7   DT    A N1    
204 C  C2    . DT    A 7  ? 0.31947 0.38056 0.48037 -0.04991 -0.00009 0.09947  7   DT    A C2    
205 O  O2    . DT    A 7  ? 0.42143 0.48624 0.60111 -0.05708 -0.01346 0.11811  7   DT    A O2    
206 N  N3    . DT    A 7  ? 0.32325 0.37749 0.50144 -0.03544 0.01029  0.08406  7   DT    A N3    
207 C  C4    . DT    A 7  ? 0.41977 0.47009 0.57993 -0.02865 0.02369  0.06499  7   DT    A C4    
208 O  O4    . DT    A 7  ? 0.45120 0.49828 0.62783 -0.01817 0.03236  0.05235  7   DT    A O4    
209 C  C5    . DT    A 7  ? 0.34499 0.39640 0.46766 -0.03540 0.02625  0.05973  7   DT    A C5    
210 C  C7    . DT    A 7  ? 0.47485 0.52065 0.57967 -0.02957 0.03716  0.04136  7   DT    A C7    
211 C  C6    . DT    A 7  ? 0.33551 0.39398 0.44248 -0.04776 0.01765  0.07131  7   DT    A C6    
224 P  P     . DT    A 8  ? 0.51285 0.63794 0.53172 -0.12946 -0.01524 0.11742  8   DT    A P     
225 O  OP1   . DT    A 8  ? 0.59664 0.74360 0.59853 -0.15292 -0.02566 0.13151  8   DT    A OP1   
226 O  OP2   . DT    A 8  ? 0.42938 0.54920 0.43196 -0.11803 -0.00003 0.09066  8   DT    A OP2   
227 O  "O5'" . DT    A 8  ? 0.51986 0.63651 0.56763 -0.12674 -0.02246 0.13374  8   DT    A "O5'" 
228 C  "C5'" . DT    A 8  ? 0.40901 0.52381 0.48468 -0.13145 -0.03780 0.15748  8   DT    A "C5'" 
229 C  "C4'" . DT    A 8  ? 0.47710 0.57761 0.58655 -0.12134 -0.04192 0.16434  8   DT    A "C4'" 
230 O  "O4'" . DT    A 8  ? 0.50895 0.59329 0.63127 -0.09867 -0.02835 0.14413  8   DT    A "O4'" 
231 C  "C3'" . DT    A 8  ? 0.58649 0.69135 0.68477 -0.12917 -0.04166 0.16578  8   DT    A "C3'" 
232 O  "O3'" . DT    A 8  ? 0.79240 0.90390 0.90578 -0.14625 -0.06127 0.19356  8   DT    A "O3'" 
233 C  "C2'" . DT    A 8  ? 0.65699 0.74230 0.77480 -0.10758 -0.03113 0.15051  8   DT    A "C2'" 
234 C  "C1'" . DT    A 8  ? 0.52808 0.60196 0.67010 -0.09088 -0.02773 0.14337  8   DT    A "C1'" 
235 N  N1    . DT    A 8  ? 0.46918 0.53124 0.61144 -0.07152 -0.01050 0.11872  8   DT    A N1    
236 C  C2    . DT    A 8  ? 0.37874 0.42905 0.55725 -0.05651 -0.00927 0.11457  8   DT    A C2    
237 O  O2    . DT    A 8  ? 0.55412 0.60149 0.76802 -0.05674 -0.02235 0.12932  8   DT    A O2    
238 N  N3    . DT    A 8  ? 0.48923 0.53254 0.66329 -0.04229 0.00677  0.09217  8   DT    A N3    
239 C  C4    . DT    A 8  ? 0.32870 0.37288 0.46913 -0.04120 0.01906  0.07608  8   DT    A C4    
240 O  O4    . DT    A 8  ? 0.57216 0.61005 0.71193 -0.03021 0.03077  0.05904  8   DT    A O4    
241 C  C5    . DT    A 8  ? 0.40217 0.45701 0.50965 -0.05526 0.01623  0.08018  8   DT    A C5    
242 C  C7    . DT    A 8  ? 0.42294 0.47927 0.49854 -0.05424 0.02707  0.06172  8   DT    A C7    
243 C  C6    . DT    A 8  ? 0.45725 0.52189 0.56629 -0.06987 0.00272  0.10021  8   DT    A C6    
256 P  P     . DA    A 9  ? 0.67089 0.79553 0.76845 -0.16516 -0.06765 0.20464  9   DA    A P     
257 O  OP1   . DA    A 9  ? 0.60905 0.75468 0.69595 -0.19159 -0.08388 0.22802  9   DA    A OP1   
258 O  OP2   . DA    A 9  ? 0.72393 0.85429 0.79029 -0.16139 -0.04932 0.18076  9   DA    A OP2   
259 O  "O5'" . DA    A 9  ? 0.76873 0.87418 0.91059 -0.15745 -0.08093 0.21974  9   DA    A "O5'" 
260 C  "C5'" . DA    A 9  ? 0.58129 0.67389 0.76557 -0.14949 -0.09391 0.23238  9   DA    A "C5'" 
261 C  "C4'" . DA    A 9  ? 0.57623 0.64764 0.80316 -0.13364 -0.09863 0.23214  9   DA    A "C4'" 
262 O  "O4'" . DA    A 9  ? 0.50742 0.56568 0.73668 -0.10837 -0.07674 0.20196  9   DA    A "O4'" 
263 C  "C3'" . DA    A 9  ? 0.60797 0.68045 0.83012 -0.14558 -0.10657 0.24307  9   DA    A "C3'" 
264 O  "O3'" . DA    A 9  ? 0.69684 0.75525 0.96802 -0.14470 -0.12853 0.26258  9   DA    A "O3'" 
265 C  "C2'" . DA    A 9  ? 0.59302 0.65776 0.79710 -0.12843 -0.08292 0.21390  9   DA    A "C2'" 
266 C  "C1'" . DA    A 9  ? 0.59339 0.64488 0.81532 -0.10349 -0.06854 0.19161  9   DA    A "C1'" 
267 N  N9    . DA    A 9  ? 0.55005 0.60255 0.73964 -0.09217 -0.04439 0.16362  9   DA    A N9    
268 C  C8    . DA    A 9  ? 0.50184 0.56910 0.64702 -0.10158 -0.03416 0.15487  9   DA    A C8    
269 N  N7    . DA    A 9  ? 0.46601 0.52843 0.59516 -0.08738 -0.01524 0.12968  9   DA    A N7    
270 C  C5    . DA    A 9  ? 0.50075 0.54630 0.66251 -0.06897 -0.01171 0.12170  9   DA    A C5    
271 C  C6    . DA    A 9  ? 0.49666 0.53245 0.66024 -0.05115 0.00458  0.09859  9   DA    A C6    
272 N  N6    . DA    A 9  ? 0.49513 0.53325 0.62810 -0.04799 0.01876  0.08073  9   DA    A N6    
273 N  N1    . DA    A 9  ? 0.42173 0.44671 0.62204 -0.03788 0.00456  0.09438  9   DA    A N1    
274 C  C2    . DA    A 9  ? 0.51517 0.53676 0.75178 -0.03996 -0.01144 0.11108  9   DA    A C2    
275 N  N3    . DA    A 9  ? 0.51066 0.53756 0.75230 -0.05556 -0.03003 0.13575  9   DA    A N3    
276 C  C4    . DA    A 9  ? 0.51166 0.55158 0.71197 -0.07070 -0.02865 0.14041  9   DA    A C4    
288 P  P     . DA    A 10 ? 0.86749 0.92883 1.13977 -0.15532 -0.14685 0.27707  10  DA    A P     
289 O  OP1   . DA    A 10 ? 0.63073 0.69398 0.93854 -0.15926 -0.17520 0.29817  10  DA    A OP1   
290 O  OP2   . DA    A 10 ? 0.73954 0.82252 0.95792 -0.17379 -0.13959 0.27587  10  DA    A OP2   
291 O  "O5'" . DA    A 10 ? 0.48724 0.52241 0.79493 -0.13468 -0.13912 0.26332  10  DA    A "O5'" 
292 C  "C5'" . DA    A 10 ? 0.58850 0.60575 0.95025 -0.11571 -0.14427 0.25878  10  DA    A "C5'" 
293 C  "C4'" . DA    A 10 ? 0.47952 0.47853 0.85932 -0.09238 -0.12722 0.23241  10  DA    A "C4'" 
294 O  "O4'" . DA    A 10 ? 0.55626 0.56207 0.89397 -0.08265 -0.09832 0.20525  10  DA    A "O4'" 
295 C  "C3'" . DA    A 10 ? 0.55207 0.54162 0.93458 -0.09623 -0.13309 0.23685  10  DA    A "C3'" 
296 O  "O3'" . DA    A 10 ? 0.67292 0.64409 1.10758 -0.07742 -0.13828 0.22638  10  DA    A "O3'" 
297 C  "C2'" . DA    A 10 ? 0.56164 0.55807 0.89300 -0.09231 -0.10587 0.21387  10  DA    A "C2'" 
298 C  "C1'" . DA    A 10 ? 0.58659 0.58521 0.91026 -0.07534 -0.08473 0.18916  10  DA    A "C1'" 
299 N  N9    . DA    A 10 ? 0.48142 0.49248 0.75160 -0.07685 -0.06275 0.17262  10  DA    A N9    
300 C  C8    . DA    A 10 ? 0.51009 0.54000 0.73762 -0.09618 -0.06290 0.18179  10  DA    A C8    
301 N  N7    . DA    A 10 ? 0.44784 0.48503 0.63847 -0.09144 -0.04217 0.16064  10  DA    A N7    
302 C  C5    . DA    A 10 ? 0.43286 0.45482 0.64059 -0.06912 -0.02821 0.13875  10  DA    A C5    
303 C  C6    . DA    A 10 ? 0.40784 0.42820 0.59475 -0.05644 -0.00705 0.11336  10  DA    A C6    
304 N  N6    . DA    A 10 ? 0.48805 0.52019 0.63519 -0.06221 0.00340  0.10432  10  DA    A N6    
305 N  N1    . DA    A 10 ? 0.43098 0.43861 0.64163 -0.03847 0.00204  0.09701  10  DA    A N1    
306 C  C2    . DA    A 10 ? 0.47867 0.47632 0.73401 -0.03212 -0.00878 0.10315  10  DA    A C2    
307 N  N3    . DA    A 10 ? 0.42217 0.41784 0.70542 -0.04084 -0.03013 0.12591  10  DA    A N3    
308 C  C4    . DA    A 10 ? 0.49506 0.50281 0.75078 -0.06018 -0.03944 0.14453  10  DA    A C4    
320 P  P     . DT    A 11 ? 0.74809 0.71392 1.20504 -0.07911 -0.15640 0.23295  11  DT    A P     
321 O  OP1   . DT    A 11 ? 0.66944 0.63401 1.18679 -0.07159 -0.17701 0.23557  11  DT    A OP1   
322 O  OP2   . DT    A 11 ? 0.69122 0.67134 1.10549 -0.10255 -0.16595 0.25334  11  DT    A OP2   
323 O  "O5'" . DT    A 11 ? 0.60807 0.55671 1.06509 -0.06077 -0.13278 0.20495  11  DT    A "O5'" 
324 C  "C5'" . DT    A 11 ? 0.51142 0.45116 0.99754 -0.03844 -0.11761 0.17904  11  DT    A "C5'" 
325 C  "C4'" . DT    A 11 ? 0.49724 0.43666 0.94916 -0.02743 -0.08825 0.15125  11  DT    A "C4'" 
326 O  "O4'" . DT    A 11 ? 0.48507 0.44061 0.87664 -0.03845 -0.07446 0.15260  11  DT    A "O4'" 
327 C  "C3'" . DT    A 11 ? 0.43805 0.36546 0.88956 -0.02689 -0.08811 0.14782  11  DT    A "C3'" 
328 O  "O3'" . DT    A 11 ? 0.48913 0.40655 0.97875 -0.00690 -0.08002 0.12160  11  DT    A "O3'" 
329 C  "C2'" . DT    A 11 ? 0.51959 0.45796 0.90784 -0.03288 -0.06691 0.13958  11  DT    A "C2'" 
330 C  "C1'" . DT    A 11 ? 0.59955 0.55324 0.96094 -0.03278 -0.05446 0.13354  11  DT    A "C1'" 
331 N  N1    . DT    A 11 ? 0.39225 0.36221 0.69580 -0.04674 -0.04510 0.13760  11  DT    A N1    
332 C  C2    . DT    A 11 ? 0.45621 0.43103 0.72707 -0.03794 -0.02088 0.11392  11  DT    A C2    
333 O  O2    . DT    A 11 ? 0.43273 0.39995 0.71610 -0.02150 -0.00680 0.09184  11  DT    A O2    
334 N  N3    . DT    A 11 ? 0.40150 0.39203 0.62585 -0.05038 -0.01455 0.11642  11  DT    A N3    
335 C  C4    . DT    A 11 ? 0.46701 0.47216 0.67260 -0.07147 -0.02798 0.13841  11  DT    A C4    
336 O  O4    . DT    A 11 ? 0.47937 0.50130 0.64544 -0.08129 -0.01987 0.13510  11  DT    A O4    
337 C  C5    . DT    A 11 ? 0.48427 0.48525 0.72203 -0.08230 -0.05320 0.16491  11  DT    A C5    
338 C  C7    . DT    A 11 ? 0.47604 0.49551 0.69505 -0.10886 -0.07022 0.19169  11  DT    A C7    
339 C  C6    . DT    A 11 ? 0.53511 0.51719 0.82163 -0.06890 -0.06158 0.16398  11  DT    A C6    
352 P  P     . DC    A 12 ? 0.67008 0.58001 1.16843 -0.00484 -0.08338 0.11424  12  DC    A P     
353 O  OP1   . DC    A 12 ? 0.55173 0.46308 1.09190 0.01000  -0.08032 0.08804  12  DC    A OP1   
354 O  OP2   . DC    A 12 ? 0.66664 0.57782 1.15713 -0.02413 -0.10780 0.14589  12  DC    A OP2   
355 O  "O5'" . DC    A 12 ? 0.62783 0.53238 1.08225 -0.00188 -0.05720 0.09963  12  DC    A "O5'" 
356 C  "C5'" . DC    A 12 ? 0.64013 0.55284 1.08268 0.01093  -0.03293 0.07275  12  DC    A "C5'" 
357 C  "C4'" . DC    A 12 ? 0.59396 0.51259 0.98255 0.00862  -0.01159 0.06179  12  DC    A "C4'" 
358 O  "O4'" . DC    A 12 ? 0.57254 0.50314 0.91841 -0.00637 -0.01388 0.07968  12  DC    A "O4'" 
359 C  "C3'" . DC    A 12 ? 0.55025 0.45777 0.93453 0.00765  -0.01086 0.05945  12  DC    A "C3'" 
360 O  "O3'" . DC    A 12 ? 0.67308 0.58088 1.04517 0.01845  0.01208  0.03205  12  DC    A "O3'" 
361 C  "C2'" . DC    A 12 ? 0.65751 0.57271 0.99670 -0.00987 -0.01520 0.08009  12  DC    A "C2'" 
362 C  "C1'" . DC    A 12 ? 0.53221 0.46389 0.84156 -0.01376 -0.00724 0.08087  12  DC    A "C1'" 
363 N  N1    . DC    A 12 ? 0.45553 0.40140 0.73350 -0.03383 -0.01832 0.10523  12  DC    A N1    
364 C  C2    . DC    A 12 ? 0.42179 0.38363 0.65505 -0.03855 -0.00402 0.09884  12  DC    A C2    
365 O  O2    . DC    A 12 ? 0.43139 0.39280 0.65169 -0.02703 0.01487  0.07695  12  DC    A O2    
366 N  N3    . DC    A 12 ? 0.46797 0.44655 0.67452 -0.05706 -0.01237 0.11660  12  DC    A N3    
367 C  C4    . DC    A 12 ? 0.35757 0.33812 0.57770 -0.07245 -0.03448 0.14247  12  DC    A C4    
368 N  N4    . DC    A 12 ? 0.44659 0.44860 0.63780 -0.09336 -0.04168 0.15895  12  DC    A N4    
369 C  C5    . DC    A 12 ? 0.40780 0.36987 0.67408 -0.06857 -0.05189 0.15280  12  DC    A C5    
370 C  C6    . DC    A 12 ? 0.50905 0.45388 0.80436 -0.04811 -0.04277 0.13222  12  DC    A C6    
382 P  P     . DC    A 13 ? 0.71602 0.61170 1.09580 0.02265  0.01626  0.02019  13  DC    A P     
383 O  OP1   . DC    A 13 ? 0.71592 0.62552 1.10173 0.03241  0.03104  -0.00833 13  DC    A OP1   
384 O  OP2   . DC    A 13 ? 0.52283 0.40973 0.92237 0.01566  -0.00609 0.03824  13  DC    A OP2   
385 O  "O5'" . DC    A 13 ? 0.62935 0.53081 0.95299 0.01597  0.03202  0.01873  13  DC    A "O5'" 
386 C  "C5'" . DC    A 13 ? 0.54872 0.46236 0.84195 0.01828  0.04970  0.00626  13  DC    A "C5'" 
387 C  "C4'" . DC    A 13 ? 0.53303 0.45217 0.77842 0.01044  0.05870  0.00900  13  DC    A "C4'" 
388 O  "O4'" . DC    A 13 ? 0.54544 0.47430 0.77031 -0.00187 0.04813  0.02975  13  DC    A "O4'" 
389 C  "C3'" . DC    A 13 ? 0.51063 0.42053 0.75141 0.00772  0.05809  0.01018  13  DC    A "C3'" 
390 O  "O3'" . DC    A 13 ? 0.67906 0.59454 0.88162 0.00581  0.07295  0.00182  13  DC    A "O3'" 
391 C  "C2'" . DC    A 13 ? 0.58421 0.49489 0.82616 -0.00509 0.03793  0.03677  13  DC    A "C2'" 
392 C  "C1'" . DC    A 13 ? 0.53493 0.46259 0.74672 -0.01197 0.04084  0.04283  13  DC    A "C1'" 
393 N  N1    . DC    A 13 ? 0.45998 0.39653 0.66976 -0.02691 0.02232  0.06823  13  DC    A N1    
394 C  C2    . DC    A 13 ? 0.40473 0.35984 0.57903 -0.03643 0.02665  0.07207  13  DC    A C2    
395 O  O2    . DC    A 13 ? 0.47010 0.43025 0.62110 -0.03041 0.04364  0.05487  13  DC    A O2    
396 N  N3    . DC    A 13 ? 0.44137 0.40900 0.60984 -0.05287 0.01107  0.09415  13  DC    A N3    
397 C  C4    . DC    A 13 ? 0.44312 0.40338 0.64049 -0.06018 -0.01007 0.11466  13  DC    A C4    
398 N  N4    . DC    A 13 ? 0.53171 0.50652 0.72181 -0.07920 -0.02645 0.13816  13  DC    A N4    
399 C  C5    . DC    A 13 ? 0.53339 0.47158 0.77083 -0.04930 -0.01669 0.11170  13  DC    A C5    
400 C  C6    . DC    A 13 ? 0.49669 0.42463 0.73854 -0.03242 0.00118  0.08662  13  DC    A C6    
412 P  P     . DA    A 14 ? 0.58834 0.49753 0.78643 0.01244  0.08868  -0.01858 14  DA    A P     
413 O  OP1   . DA    A 14 ? 0.57507 0.48923 0.78218 0.02021  0.09932  -0.03638 14  DA    A OP1   
414 O  OP2   . DA    A 14 ? 0.58541 0.48180 0.80172 0.01230  0.08235  -0.01663 14  DA    A OP2   
415 O  "O5'" . DA    A 14 ? 0.60502 0.52376 0.75996 0.00733  0.09897  -0.01985 14  DA    A "O5'" 
416 C  "C5'" . DA    A 14 ? 0.47168 0.40105 0.61020 0.00764  0.10420  -0.02332 14  DA    A "C5'" 
417 C  "C4'" . DA    A 14 ? 0.40477 0.34467 0.50991 0.00022  0.10549  -0.01784 14  DA    A "C4'" 
418 O  "O4'" . DA    A 14 ? 0.38649 0.33441 0.49000 -0.00927 0.09218  0.00058  14  DA    A "O4'" 
419 C  "C3'" . DA    A 14 ? 0.41662 0.35437 0.50506 -0.00203 0.11153  -0.02143 14  DA    A "C3'" 
420 O  "O3'" . DA    A 14 ? 0.50764 0.45535 0.57036 -0.00390 0.11815  -0.02719 14  DA    A "O3'" 
421 C  "C2'" . DA    A 14 ? 0.45273 0.39085 0.54538 -0.01040 0.09924  -0.00438 14  DA    A "C2'" 
422 C  "C1'" . DA    A 14 ? 0.35620 0.30624 0.44783 -0.01729 0.08891  0.00874  14  DA    A "C1'" 
423 N  N9    . DA    A 14 ? 0.42765 0.37581 0.53719 -0.02523 0.07190  0.02823  14  DA    A N9    
424 C  C8    . DA    A 14 ? 0.45630 0.38855 0.59614 -0.02243 0.06264  0.03348  14  DA    A C8    
425 N  N7    . DA    A 14 ? 0.37886 0.31239 0.53198 -0.03260 0.04410  0.05449  14  DA    A N7    
426 C  C5    . DA    A 14 ? 0.41318 0.36726 0.53958 -0.04369 0.04313  0.06260  14  DA    A C5    
427 C  C6    . DA    A 14 ? 0.41464 0.38243 0.53762 -0.05975 0.02734  0.08416  14  DA    A C6    
428 N  N6    . DA    A 14 ? 0.49073 0.45142 0.63822 -0.06801 0.00700  0.10475  14  DA    A N6    
429 N  N1    . DA    A 14 ? 0.36415 0.35418 0.45835 -0.06858 0.03199  0.08396  14  DA    A N1    
430 C  C2    . DA    A 14 ? 0.36293 0.35818 0.43675 -0.05962 0.05034  0.06285  14  DA    A C2    
431 N  N3    . DA    A 14 ? 0.45996 0.44200 0.53589 -0.04487 0.06416  0.04409  14  DA    A N3    
432 C  C4    . DA    A 14 ? 0.42003 0.38257 0.52156 -0.03816 0.06028  0.04521  14  DA    A C4    
444 P  P     . DG    A 15 ? 0.40941 0.35717 0.45459 -0.00528 0.12555  -0.03340 15  DG    A P     
445 O  OP1   . DG    A 15 ? 0.33402 0.28997 0.36010 -0.00545 0.11688  -0.03803 15  DG    A OP1   
446 O  OP2   . DG    A 15 ? 0.44799 0.38242 0.50515 -0.00292 0.12740  -0.03558 15  DG    A OP2   
447 O  "O5'" . DG    A 15 ? 0.47443 0.43421 0.50886 -0.01527 0.11802  -0.02036 15  DG    A "O5'" 
448 C  "C5'" . DG    A 15 ? 0.45359 0.43173 0.47307 -0.02119 0.11600  -0.01856 15  DG    A "C5'" 
449 C  "C4'" . DG    A 15 ? 0.40551 0.39842 0.41564 -0.03386 0.10877  -0.00555 15  DG    A "C4'" 
450 O  "O4'" . DG    A 15 ? 0.35803 0.34626 0.38430 -0.03940 0.09581  0.01170  15  DG    A "O4'" 
451 C  "C3'" . DG    A 15 ? 0.37767 0.36779 0.38195 -0.03581 0.11195  -0.00577 15  DG    A "C3'" 
452 O  "O3'" . DG    A 15 ? 0.44352 0.45638 0.42873 -0.04450 0.11374  -0.00708 15  DG    A "O3'" 
453 C  "C2'" . DG    A 15 ? 0.41413 0.39357 0.43458 -0.04094 0.10015  0.01115  15  DG    A "C2'" 
454 C  "C1'" . DG    A 15 ? 0.45104 0.44117 0.47563 -0.04874 0.08906  0.02387  15  DG    A "C1'" 
455 N  N9    . DG    A 15 ? 0.38795 0.36566 0.43607 -0.05193 0.07449  0.04028  15  DG    A N9    
456 C  C8    . DG    A 15 ? 0.40353 0.35811 0.47676 -0.04323 0.07207  0.03898  15  DG    A C8    
457 N  N7    . DG    A 15 ? 0.46759 0.41528 0.56326 -0.04861 0.05538  0.05566  15  DG    A N7    
458 C  C5    . DG    A 15 ? 0.44480 0.41339 0.52615 -0.06373 0.04595  0.07123  15  DG    A C5    
459 C  C6    . DG    A 15 ? 0.42424 0.39708 0.51857 -0.07782 0.02492  0.09550  15  DG    A C6    
460 O  O6    . DG    A 15 ? 0.43261 0.38857 0.55846 -0.07812 0.00854  0.10854  15  DG    A O6    
461 N  N1    . DG    A 15 ? 0.43306 0.43387 0.50204 -0.09382 0.02243  0.10431  15  DG    A N1    
462 C  C2    . DG    A 15 ? 0.43066 0.45217 0.46907 -0.09398 0.03869  0.08853  15  DG    A C2    
463 N  N2    . DG    A 15 ? 0.42204 0.47263 0.44032 -0.11100 0.03459  0.09652  15  DG    A N2    
464 N  N3    . DG    A 15 ? 0.44465 0.45967 0.47510 -0.07951 0.05636  0.06642  15  DG    A N3    
465 C  C4    . DG    A 15 ? 0.37670 0.36505 0.42818 -0.06593 0.05862  0.06051  15  DG    A C4    
477 P  P     . DC    A 16 ? 0.42400 0.43889 0.39950 -0.04539 0.12006  -0.01212 16  DC    A P     
478 O  OP1   . DC    A 16 ? 0.37434 0.41482 0.33669 -0.04621 0.11401  -0.01884 16  DC    A OP1   
479 O  OP2   . DC    A 16 ? 0.41640 0.40647 0.40188 -0.03252 0.12162  -0.01990 16  DC    A OP2   
480 O  "O5'" . DC    A 16 ? 0.43417 0.44825 0.41331 -0.05667 0.10896  0.00760  16  DC    A "O5'" 
481 C  "C5'" . DC    A 16 ? 0.54899 0.58942 0.51377 -0.07255 0.10353  0.01733  16  DC    A "C5'" 
482 C  "C4'" . DC    A 16 ? 0.52421 0.58292 0.48648 -0.08335 0.09479  0.02699  16  DC    A "C4'" 
483 O  "O4'" . DC    A 16 ? 0.40120 0.43890 0.38440 -0.08167 0.08295  0.04134  16  DC    A "O4'" 
484 C  "C3'" . DC    A 16 ? 0.57594 0.66512 0.52313 -0.10491 0.08666  0.04104  16  DC    A "C3'" 
485 O  "O3'" . DC    A 16 ? 0.59248 0.70939 0.52846 -0.11328 0.08542  0.03771  16  DC    A "O3'" 
486 C  "C2'" . DC    A 16 ? 0.51634 0.58892 0.47911 -0.11288 0.06914  0.06596  16  DC    A "C2'" 
487 C  "C1'" . DC    A 16 ? 0.40980 0.45846 0.39363 -0.09985 0.06662  0.06460  16  DC    A "C1'" 
488 N  N1    . DC    A 16 ? 0.38260 0.40179 0.39370 -0.09573 0.05425  0.07784  16  DC    A N1    
489 C  C2    . DC    A 16 ? 0.36394 0.38325 0.38903 -0.10876 0.03402  0.10148  16  DC    A C2    
490 O  O2    . DC    A 16 ? 0.43519 0.48107 0.44595 -0.12626 0.02657  0.11343  16  DC    A O2    
491 N  N3    . DC    A 16 ? 0.50217 0.49417 0.55763 -0.10343 0.02178  0.11085  16  DC    A N3    
492 C  C4    . DC    A 16 ? 0.42591 0.39349 0.49586 -0.08660 0.03053  0.09616  16  DC    A C4    
493 N  N4    . DC    A 16 ? 0.50865 0.45138 0.61271 -0.08169 0.01751  0.10330  16  DC    A N4    
494 C  C5    . DC    A 16 ? 0.51734 0.48571 0.56968 -0.07505 0.05183  0.07327  16  DC    A C5    
495 C  C6    . DC    A 16 ? 0.49401 0.48728 0.51843 -0.07964 0.06219  0.06558  16  DC    A C6    
508 C  C6    . A1AB3 B .  ? 0.55519 0.55831 0.96441 -0.05138 -0.09459 0.18590  101 A1AB3 A C6    
509 C  C5    . A1AB3 B .  ? 0.48952 0.47038 0.94889 -0.03293 -0.09526 0.16973  101 A1AB3 A C5    
510 C  C4    . A1AB3 B .  ? 0.54508 0.51095 1.04772 -0.02277 -0.10218 0.16368  101 A1AB3 A C4    
511 C  C3    . A1AB3 B .  ? 0.46198 0.42229 0.95150 -0.01162 -0.08263 0.13944  101 A1AB3 A C3    
512 C  C2    . A1AB3 B .  ? 0.56112 0.52954 0.99719 -0.01075 -0.05811 0.12297  101 A1AB3 A C2    
513 C  C1    . A1AB3 B .  ? 0.54749 0.50938 0.97239 -0.00028 -0.03951 0.09929  101 A1AB3 A C1    
514 C  C7    . A1AB3 B .  ? 0.32113 0.33715 0.71504 -0.06698 -0.10502 0.20557  101 A1AB3 A C7    
515 C  C10   . A1AB3 B .  ? 0.58347 0.62260 0.92857 -0.08875 -0.10690 0.22170  101 A1AB3 A C10   
516 C  C11   . A1AB3 B .  ? 0.69176 0.74566 0.99334 -0.09823 -0.09818 0.21975  101 A1AB3 A C11   
517 C  C12   . A1AB3 B .  ? 0.73818 0.80679 1.02166 -0.12151 -0.11286 0.24351  101 A1AB3 A C12   
518 C  C13   . A1AB3 B .  ? 0.55639 0.63601 0.80685 -0.12370 -0.10138 0.23403  101 A1AB3 A C13   
519 C  C14   . A1AB3 B .  ? 0.73127 0.80451 0.97138 -0.10392 -0.07913 0.20495  101 A1AB3 A C14   
520 C  C8    . A1AB3 B .  ? 0.58910 0.60690 1.00943 -0.08103 -0.13126 0.23468  101 A1AB3 A C8    
521 C  C9    . A1AB3 B .  ? 0.69404 0.72733 1.08191 -0.09517 -0.13165 0.24494  101 A1AB3 A C9    
522 C  C15   . A1AB3 B .  ? 0.69906 0.77955 0.90854 -0.10286 -0.06673 0.19172  101 A1AB3 A C15   
523 C  C16   . A1AB3 B .  ? 0.57939 0.56786 0.98672 -0.03110 -0.07069 0.15156  101 A1AB3 A C16   
524 C  C17   . A1AB3 B .  ? 0.61833 0.60036 1.01448 -0.02000 -0.05256 0.12873  101 A1AB3 A C17   
525 N  N1    . A1AB3 B .  ? 0.65190 0.61898 1.02628 -0.00382 -0.02268 0.09106  101 A1AB3 A N1    
526 N  N2    . A1AB3 B .  ? 0.60239 0.55392 1.06964 0.01228  -0.04029 0.08562  101 A1AB3 A N2    
527 N  N3    . A1AB3 B .  ? 0.53749 0.52771 0.99648 -0.04651 -0.11065 0.19257  101 A1AB3 A N3    
528 N  N4    . A1AB3 B .  ? 0.87517 0.94859 1.08146 -0.08465 -0.04891 0.16694  101 A1AB3 A N4    
529 N  N5    . A1AB3 B .  ? 0.73265 0.82787 0.91659 -0.12172 -0.07404 0.20452  101 A1AB3 A N5    
530 N  N6    . A1AB3 B .  ? 0.55421 0.55627 0.93177 -0.04256 -0.07133 0.16191  101 A1AB3 A N6    
531 O  O1    . A1AB3 B .  ? 0.48301 0.51176 0.82881 -0.07197 -0.08997 0.19766  101 A1AB3 A O1    
532 S  S1    . A1AB3 B .  ? 0.85793 0.91370 1.12709 -0.08312 -0.07034 0.18792  101 A1AB3 A S1    
549 CA CA    . CA    C .  ? 0.24107 0.28655 0.26430 -0.05481 0.00881  0.02859  102 CA    A CA    
550 CA CA    . CA    D .  ? 0.32082 0.34846 0.34032 -0.03586 0.03577  -0.00261 103 CA    A CA    
551 CA CA    . CA    E .  ? 0.49243 0.45970 0.49823 -0.00515 0.10246  -0.04289 104 CA    A CA    
552 CA CA    . CA    F .  ? 0.35951 0.42244 0.31206 -0.04385 0.10805  -0.02765 105 CA    A CA    
553 CA CA    . CA    G .  ? 0.24991 0.60496 0.96006 0.04003  0.01779  -0.03653 106 CA    A CA    
554 CA CA    . CA    H .  ? 0.68153 0.85507 1.09069 0.01473  0.05010  -0.00098 107 CA    A CA    
555 CA CA    . CA    I .  ? 0.68845 1.08328 1.17846 -0.01597 0.07637  -0.05483 108 CA    A CA    
556 O  O     . HOH   J .  ? 0.39317 0.51618 0.56335 -0.02745 0.06502  -0.00407 201 HOH   A O     
557 O  O     . HOH   J .  ? 0.48351 0.43251 0.50059 -0.02447 0.12375  -0.01615 202 HOH   A O     
558 O  O     . HOH   J .  ? 0.51655 0.46443 0.91993 0.01833  -0.00304 0.05222  203 HOH   A O     
559 O  O     . HOH   J .  ? 0.55867 0.49838 0.59079 -0.00585 0.10861  -0.04126 204 HOH   A O     
560 O  O     . HOH   J .  ? 0.53860 0.44043 0.70382 -0.03169 0.04334  0.05089  205 HOH   A O     
561 O  O     . HOH   J .  ? 0.41557 0.52077 0.53897 -0.05559 0.00147  0.07745  206 HOH   A O     
562 O  O     . HOH   J .  ? 0.53896 0.74822 0.74242 -0.04977 0.07444  -0.01863 207 HOH   A O     
563 O  O     . HOH   J .  ? 0.51894 0.55500 0.47763 -0.03785 0.10914  -0.02425 208 HOH   A O     
564 O  O     . HOH   J .  ? 0.51776 0.43103 1.12901 -0.01497 -0.14973 0.14081  209 HOH   A O     
565 O  O     . HOH   J .  ? 0.48940 0.44835 0.50496 -0.00262 0.09688  -0.04415 210 HOH   A O     
566 O  O     . HOH   J .  ? 0.40546 0.72946 1.04554 0.03172  0.02916  -0.02965 211 HOH   A O     
567 O  O     . HOH   J .  ? 0.48199 0.45697 0.47832 -0.01163 0.10903  -0.03892 212 HOH   A O     
568 O  O     . HOH   J .  ? 0.62624 0.58083 0.63226 -0.00810 0.10377  -0.03994 213 HOH   A O     
569 O  O     . HOH   J .  ? 0.58197 0.57679 0.57298 -0.01056 0.10538  -0.04439 214 HOH   A O     
570 O  O     . HOH   J .  ? 0.41752 0.64794 0.66472 -0.03861 0.09640  -0.04959 215 HOH   A O     
571 O  O     . HOH   J .  ? 0.41168 0.38781 0.40864 -0.00293 0.09057  -0.04714 216 HOH   A O     
572 O  O     . HOH   J .  ? 0.37410 0.39201 0.37488 -0.03389 0.03766  -0.02307 217 HOH   A O     
573 O  O     . HOH   J .  ? 0.37543 0.41020 0.37258 -0.06482 -0.00751 0.02370  218 HOH   A O     
# 
